data_3S4E
# 
_entry.id   3S4E 
# 
_audit_conform.dict_name       mmcif_pdbx.dic 
_audit_conform.dict_version    5.380 
_audit_conform.dict_location   http://mmcif.pdb.org/dictionaries/ascii/mmcif_pdbx.dic 
# 
loop_
_database_2.database_id 
_database_2.database_code 
_database_2.pdbx_database_accession 
_database_2.pdbx_DOI 
PDB   3S4E         pdb_00003s4e 10.2210/pdb3s4e/pdb 
RCSB  RCSB065746   ?            ?                   
WWPDB D_1000065746 ?            ?                   
# 
_pdbx_database_status.status_code                     REL 
_pdbx_database_status.entry_id                        3S4E 
_pdbx_database_status.recvd_initial_deposition_date   2011-05-19 
_pdbx_database_status.deposit_site                    RCSB 
_pdbx_database_status.process_site                    PDBJ 
_pdbx_database_status.status_code_sf                  REL 
_pdbx_database_status.status_code_mr                  ? 
_pdbx_database_status.SG_entry                        ? 
_pdbx_database_status.status_code_cs                  ? 
_pdbx_database_status.pdb_format_compatible           Y 
_pdbx_database_status.status_code_nmr_data            ? 
_pdbx_database_status.methods_development_category    ? 
# 
loop_
_audit_author.name 
_audit_author.pdbx_ordinal 
'Wei, C.H.'   1 
'Ryu, S.Y.'   2 
'Jeon, Y.H.'  3 
'Jeong, D.G.' 4 
'Kim, S.J.'   5 
'Ryu, S.E.'   6 
# 
_citation.id                        primary 
_citation.title                     'Crystal structure of a novel mitogen-activated protein kinase phosphatase, SKRP1.' 
_citation.journal_abbrev            Proteins 
_citation.journal_volume            79 
_citation.page_first                3242 
_citation.page_last                 3246 
_citation.year                      2011 
_citation.journal_id_ASTM           PSFGEY 
_citation.country                   US 
_citation.journal_id_ISSN           0887-3585 
_citation.journal_id_CSD            0867 
_citation.book_publisher            ? 
_citation.pdbx_database_id_PubMed   21989941 
_citation.pdbx_database_id_DOI      10.1002/prot.23156 
# 
loop_
_citation_author.citation_id 
_citation_author.name 
_citation_author.ordinal 
_citation_author.identifier_ORCID 
primary 'Wei, C.H.'   1 ? 
primary 'Ryu, S.Y.'   2 ? 
primary 'Jeon, Y.H.'  3 ? 
primary 'Yoon, M.Y.'  4 ? 
primary 'Jeong, D.G.' 5 ? 
primary 'Kim, S.J.'   6 ? 
primary 'Ryu, S.E.'   7 ? 
# 
_cell.entry_id           3S4E 
_cell.length_a           46.852 
_cell.length_b           50.313 
_cell.length_c           57.872 
_cell.angle_alpha        90.00 
_cell.angle_beta         90.00 
_cell.angle_gamma        90.00 
_cell.Z_PDB              4 
_cell.pdbx_unique_axis   ? 
_cell.length_a_esd       ? 
_cell.length_b_esd       ? 
_cell.length_c_esd       ? 
_cell.angle_alpha_esd    ? 
_cell.angle_beta_esd     ? 
_cell.angle_gamma_esd    ? 
# 
_symmetry.entry_id                         3S4E 
_symmetry.space_group_name_H-M             'P 21 21 21' 
_symmetry.pdbx_full_space_group_name_H-M   ? 
_symmetry.cell_setting                     ? 
_symmetry.Int_Tables_number                19 
_symmetry.space_group_name_Hall            ? 
# 
loop_
_entity.id 
_entity.type 
_entity.src_method 
_entity.pdbx_description 
_entity.formula_weight 
_entity.pdbx_number_of_molecules 
_entity.pdbx_ec 
_entity.pdbx_mutation 
_entity.pdbx_fragment 
_entity.details 
1 polymer     man 'Dual specificity protein phosphatase 19' 15893.014 1   '3.1.3.16, 3.1.3.48' C150S 
'PTP-loop (UNP RESIDUES 65-206)' ? 
2 non-polymer syn 'PHOSPHATE ION'                           94.971    1   ?                    ?     ? ? 
3 non-polymer syn 'SULFATE ION'                             96.063    2   ?                    ?     ? ? 
4 water       nat water                                     18.015    210 ?                    ?     ? ? 
# 
_entity_name_com.entity_id   1 
_entity_name_com.name        
;Dual specificity phosphatase TS-DSP1, Low molecular weight dual specificity phosphatase 3, LMW-DSP3, Protein phosphatase SKRP1, Stress-activated protein kinase pathway-regulating phosphatase 1, SAPK pathway-regulating phosphatase 1
;
# 
_entity_poly.entity_id                      1 
_entity_poly.type                           'polypeptide(L)' 
_entity_poly.nstd_linkage                   no 
_entity_poly.nstd_monomer                   no 
_entity_poly.pdbx_seq_one_letter_code       
;ASQVGVIKPWLLLGSQDAAHDLDTLKKNKVTHILNVAYGVENAFLSDFTYKSISILDLPETNILSYFPECFEFIEEAKRK
DGVVLVHSNAGVSRAAAIVIGFLMNSEQTSFTSAFSLVKNARPSICPNSGFMEQLRTYQEGKES
;
_entity_poly.pdbx_seq_one_letter_code_can   
;ASQVGVIKPWLLLGSQDAAHDLDTLKKNKVTHILNVAYGVENAFLSDFTYKSISILDLPETNILSYFPECFEFIEEAKRK
DGVVLVHSNAGVSRAAAIVIGFLMNSEQTSFTSAFSLVKNARPSICPNSGFMEQLRTYQEGKES
;
_entity_poly.pdbx_strand_id                 A 
_entity_poly.pdbx_target_identifier         ? 
# 
loop_
_entity_poly_seq.entity_id 
_entity_poly_seq.num 
_entity_poly_seq.mon_id 
_entity_poly_seq.hetero 
1 1   ALA n 
1 2   SER n 
1 3   GLN n 
1 4   VAL n 
1 5   GLY n 
1 6   VAL n 
1 7   ILE n 
1 8   LYS n 
1 9   PRO n 
1 10  TRP n 
1 11  LEU n 
1 12  LEU n 
1 13  LEU n 
1 14  GLY n 
1 15  SER n 
1 16  GLN n 
1 17  ASP n 
1 18  ALA n 
1 19  ALA n 
1 20  HIS n 
1 21  ASP n 
1 22  LEU n 
1 23  ASP n 
1 24  THR n 
1 25  LEU n 
1 26  LYS n 
1 27  LYS n 
1 28  ASN n 
1 29  LYS n 
1 30  VAL n 
1 31  THR n 
1 32  HIS n 
1 33  ILE n 
1 34  LEU n 
1 35  ASN n 
1 36  VAL n 
1 37  ALA n 
1 38  TYR n 
1 39  GLY n 
1 40  VAL n 
1 41  GLU n 
1 42  ASN n 
1 43  ALA n 
1 44  PHE n 
1 45  LEU n 
1 46  SER n 
1 47  ASP n 
1 48  PHE n 
1 49  THR n 
1 50  TYR n 
1 51  LYS n 
1 52  SER n 
1 53  ILE n 
1 54  SER n 
1 55  ILE n 
1 56  LEU n 
1 57  ASP n 
1 58  LEU n 
1 59  PRO n 
1 60  GLU n 
1 61  THR n 
1 62  ASN n 
1 63  ILE n 
1 64  LEU n 
1 65  SER n 
1 66  TYR n 
1 67  PHE n 
1 68  PRO n 
1 69  GLU n 
1 70  CYS n 
1 71  PHE n 
1 72  GLU n 
1 73  PHE n 
1 74  ILE n 
1 75  GLU n 
1 76  GLU n 
1 77  ALA n 
1 78  LYS n 
1 79  ARG n 
1 80  LYS n 
1 81  ASP n 
1 82  GLY n 
1 83  VAL n 
1 84  VAL n 
1 85  LEU n 
1 86  VAL n 
1 87  HIS n 
1 88  SER n 
1 89  ASN n 
1 90  ALA n 
1 91  GLY n 
1 92  VAL n 
1 93  SER n 
1 94  ARG n 
1 95  ALA n 
1 96  ALA n 
1 97  ALA n 
1 98  ILE n 
1 99  VAL n 
1 100 ILE n 
1 101 GLY n 
1 102 PHE n 
1 103 LEU n 
1 104 MET n 
1 105 ASN n 
1 106 SER n 
1 107 GLU n 
1 108 GLN n 
1 109 THR n 
1 110 SER n 
1 111 PHE n 
1 112 THR n 
1 113 SER n 
1 114 ALA n 
1 115 PHE n 
1 116 SER n 
1 117 LEU n 
1 118 VAL n 
1 119 LYS n 
1 120 ASN n 
1 121 ALA n 
1 122 ARG n 
1 123 PRO n 
1 124 SER n 
1 125 ILE n 
1 126 CYS n 
1 127 PRO n 
1 128 ASN n 
1 129 SER n 
1 130 GLY n 
1 131 PHE n 
1 132 MET n 
1 133 GLU n 
1 134 GLN n 
1 135 LEU n 
1 136 ARG n 
1 137 THR n 
1 138 TYR n 
1 139 GLN n 
1 140 GLU n 
1 141 GLY n 
1 142 LYS n 
1 143 GLU n 
1 144 SER n 
# 
_entity_src_gen.entity_id                          1 
_entity_src_gen.pdbx_src_id                        1 
_entity_src_gen.pdbx_alt_source_flag               sample 
_entity_src_gen.pdbx_seq_type                      ? 
_entity_src_gen.pdbx_beg_seq_num                   ? 
_entity_src_gen.pdbx_end_seq_num                   ? 
_entity_src_gen.gene_src_common_name               human 
_entity_src_gen.gene_src_genus                     ? 
_entity_src_gen.pdbx_gene_src_gene                 'DUSP19, DUSP17, LMWDSP3, SKRP1' 
_entity_src_gen.gene_src_species                   ? 
_entity_src_gen.gene_src_strain                    ? 
_entity_src_gen.gene_src_tissue                    ? 
_entity_src_gen.gene_src_tissue_fraction           ? 
_entity_src_gen.gene_src_details                   ? 
_entity_src_gen.pdbx_gene_src_fragment             ? 
_entity_src_gen.pdbx_gene_src_scientific_name      'Homo sapiens' 
_entity_src_gen.pdbx_gene_src_ncbi_taxonomy_id     9606 
_entity_src_gen.pdbx_gene_src_variant              ? 
_entity_src_gen.pdbx_gene_src_cell_line            ? 
_entity_src_gen.pdbx_gene_src_atcc                 ? 
_entity_src_gen.pdbx_gene_src_organ                ? 
_entity_src_gen.pdbx_gene_src_organelle            ? 
_entity_src_gen.pdbx_gene_src_cell                 ? 
_entity_src_gen.pdbx_gene_src_cellular_location    ? 
_entity_src_gen.host_org_common_name               ? 
_entity_src_gen.pdbx_host_org_scientific_name      'Escherichia coli' 
_entity_src_gen.pdbx_host_org_ncbi_taxonomy_id     562 
_entity_src_gen.host_org_genus                     ? 
_entity_src_gen.pdbx_host_org_gene                 ? 
_entity_src_gen.pdbx_host_org_organ                ? 
_entity_src_gen.host_org_species                   ? 
_entity_src_gen.pdbx_host_org_tissue               ? 
_entity_src_gen.pdbx_host_org_tissue_fraction      ? 
_entity_src_gen.pdbx_host_org_strain               DE3 
_entity_src_gen.pdbx_host_org_variant              ? 
_entity_src_gen.pdbx_host_org_cell_line            ? 
_entity_src_gen.pdbx_host_org_atcc                 ? 
_entity_src_gen.pdbx_host_org_culture_collection   ? 
_entity_src_gen.pdbx_host_org_cell                 ? 
_entity_src_gen.pdbx_host_org_organelle            ? 
_entity_src_gen.pdbx_host_org_cellular_location    ? 
_entity_src_gen.pdbx_host_org_vector_type          plasmid 
_entity_src_gen.pdbx_host_org_vector               ? 
_entity_src_gen.host_org_details                   ? 
_entity_src_gen.expression_system_id               ? 
_entity_src_gen.plasmid_name                       pET-28a 
_entity_src_gen.plasmid_details                    ? 
_entity_src_gen.pdbx_description                   ? 
# 
_struct_ref.id                         1 
_struct_ref.db_name                    UNP 
_struct_ref.db_code                    DUS19_HUMAN 
_struct_ref.pdbx_db_accession          Q8WTR2 
_struct_ref.entity_id                  1 
_struct_ref.pdbx_seq_one_letter_code   
;QVGVIKPWLLLGSQDAAHDLDTLKKNKVTHILNVAYGVENAFLSDFTYKSISILDLPETNILSYFPECFEFIEEAKRKDG
VVLVHCNAGVSRAAAIVIGFLMNSEQTSFTSAFSLVKNARPSICPNSGFMEQLRTYQEGKES
;
_struct_ref.pdbx_align_begin           65 
_struct_ref.pdbx_db_isoform            ? 
# 
_struct_ref_seq.align_id                      1 
_struct_ref_seq.ref_id                        1 
_struct_ref_seq.pdbx_PDB_id_code              3S4E 
_struct_ref_seq.pdbx_strand_id                A 
_struct_ref_seq.seq_align_beg                 3 
_struct_ref_seq.pdbx_seq_align_beg_ins_code   ? 
_struct_ref_seq.seq_align_end                 144 
_struct_ref_seq.pdbx_seq_align_end_ins_code   ? 
_struct_ref_seq.pdbx_db_accession             Q8WTR2 
_struct_ref_seq.db_align_beg                  65 
_struct_ref_seq.pdbx_db_align_beg_ins_code    ? 
_struct_ref_seq.db_align_end                  206 
_struct_ref_seq.pdbx_db_align_end_ins_code    ? 
_struct_ref_seq.pdbx_auth_seq_align_beg       65 
_struct_ref_seq.pdbx_auth_seq_align_end       206 
# 
loop_
_struct_ref_seq_dif.align_id 
_struct_ref_seq_dif.pdbx_pdb_id_code 
_struct_ref_seq_dif.mon_id 
_struct_ref_seq_dif.pdbx_pdb_strand_id 
_struct_ref_seq_dif.seq_num 
_struct_ref_seq_dif.pdbx_pdb_ins_code 
_struct_ref_seq_dif.pdbx_seq_db_name 
_struct_ref_seq_dif.pdbx_seq_db_accession_code 
_struct_ref_seq_dif.db_mon_id 
_struct_ref_seq_dif.pdbx_seq_db_seq_num 
_struct_ref_seq_dif.details 
_struct_ref_seq_dif.pdbx_auth_seq_num 
_struct_ref_seq_dif.pdbx_ordinal 
1 3S4E ALA A 1  ? UNP Q8WTR2 ?   ?   'expression tag'      -2  1 
1 3S4E SER A 2  ? UNP Q8WTR2 ?   ?   'expression tag'      -1  2 
1 3S4E SER A 88 ? UNP Q8WTR2 CYS 150 'engineered mutation' 150 3 
# 
loop_
_chem_comp.id 
_chem_comp.type 
_chem_comp.mon_nstd_flag 
_chem_comp.name 
_chem_comp.pdbx_synonyms 
_chem_comp.formula 
_chem_comp.formula_weight 
ALA 'L-peptide linking' y ALANINE         ? 'C3 H7 N O2'     89.093  
ARG 'L-peptide linking' y ARGININE        ? 'C6 H15 N4 O2 1' 175.209 
ASN 'L-peptide linking' y ASPARAGINE      ? 'C4 H8 N2 O3'    132.118 
ASP 'L-peptide linking' y 'ASPARTIC ACID' ? 'C4 H7 N O4'     133.103 
CYS 'L-peptide linking' y CYSTEINE        ? 'C3 H7 N O2 S'   121.158 
GLN 'L-peptide linking' y GLUTAMINE       ? 'C5 H10 N2 O3'   146.144 
GLU 'L-peptide linking' y 'GLUTAMIC ACID' ? 'C5 H9 N O4'     147.129 
GLY 'peptide linking'   y GLYCINE         ? 'C2 H5 N O2'     75.067  
HIS 'L-peptide linking' y HISTIDINE       ? 'C6 H10 N3 O2 1' 156.162 
HOH non-polymer         . WATER           ? 'H2 O'           18.015  
ILE 'L-peptide linking' y ISOLEUCINE      ? 'C6 H13 N O2'    131.173 
LEU 'L-peptide linking' y LEUCINE         ? 'C6 H13 N O2'    131.173 
LYS 'L-peptide linking' y LYSINE          ? 'C6 H15 N2 O2 1' 147.195 
MET 'L-peptide linking' y METHIONINE      ? 'C5 H11 N O2 S'  149.211 
PHE 'L-peptide linking' y PHENYLALANINE   ? 'C9 H11 N O2'    165.189 
PO4 non-polymer         . 'PHOSPHATE ION' ? 'O4 P -3'        94.971  
PRO 'L-peptide linking' y PROLINE         ? 'C5 H9 N O2'     115.130 
SER 'L-peptide linking' y SERINE          ? 'C3 H7 N O3'     105.093 
SO4 non-polymer         . 'SULFATE ION'   ? 'O4 S -2'        96.063  
THR 'L-peptide linking' y THREONINE       ? 'C4 H9 N O3'     119.119 
TRP 'L-peptide linking' y TRYPTOPHAN      ? 'C11 H12 N2 O2'  204.225 
TYR 'L-peptide linking' y TYROSINE        ? 'C9 H11 N O3'    181.189 
VAL 'L-peptide linking' y VALINE          ? 'C5 H11 N O2'    117.146 
# 
_exptl.entry_id          3S4E 
_exptl.method            'X-RAY DIFFRACTION' 
_exptl.crystals_number   1 
# 
_exptl_crystal.id                    1 
_exptl_crystal.density_meas          ? 
_exptl_crystal.density_Matthews      2.15 
_exptl_crystal.density_percent_sol   42.68 
_exptl_crystal.description           ? 
_exptl_crystal.F_000                 ? 
_exptl_crystal.preparation           ? 
# 
_exptl_crystal_grow.crystal_id      1 
_exptl_crystal_grow.method          'VAPOR DIFFUSION, SITTING DROP' 
_exptl_crystal_grow.temp            291 
_exptl_crystal_grow.temp_details    ? 
_exptl_crystal_grow.pH              7.4 
_exptl_crystal_grow.pdbx_details    '2.0M ammonium sulfate, pH 7.4, VAPOR DIFFUSION, SITTING DROP, temperature 291K' 
_exptl_crystal_grow.pdbx_pH_range   . 
# 
_diffrn.id                     1 
_diffrn.ambient_temp           100 
_diffrn.ambient_temp_details   ? 
_diffrn.crystal_id             1 
# 
_diffrn_detector.diffrn_id              1 
_diffrn_detector.detector               CCD 
_diffrn_detector.type                   'ADSC QUANTUM 315' 
_diffrn_detector.pdbx_collection_date   2010-10-10 
_diffrn_detector.details                ? 
# 
_diffrn_radiation.diffrn_id                        1 
_diffrn_radiation.wavelength_id                    1 
_diffrn_radiation.pdbx_monochromatic_or_laue_m_l   M 
_diffrn_radiation.monochromator                    mirror 
_diffrn_radiation.pdbx_diffrn_protocol             'SINGLE WAVELENGTH' 
_diffrn_radiation.pdbx_scattering_type             x-ray 
# 
_diffrn_radiation_wavelength.id           1 
_diffrn_radiation_wavelength.wavelength   1.0 
_diffrn_radiation_wavelength.wt           1.0 
# 
_diffrn_source.diffrn_id                   1 
_diffrn_source.source                      SYNCHROTRON 
_diffrn_source.type                        'PAL/PLS BEAMLINE 4A' 
_diffrn_source.pdbx_synchrotron_site       PAL/PLS 
_diffrn_source.pdbx_synchrotron_beamline   4A 
_diffrn_source.pdbx_wavelength             ? 
_diffrn_source.pdbx_wavelength_list        1.0 
# 
_reflns.entry_id                     3S4E 
_reflns.observed_criterion_sigma_I   0 
_reflns.observed_criterion_sigma_F   -3 
_reflns.d_resolution_low             50.00 
_reflns.d_resolution_high            1.26 
_reflns.number_obs                   487871 
_reflns.number_all                   487871 
_reflns.percent_possible_obs         95.7 
_reflns.pdbx_Rmerge_I_obs            0.046 
_reflns.pdbx_Rsym_value              0.046 
_reflns.pdbx_netI_over_sigmaI        64.081 
_reflns.B_iso_Wilson_estimate        6.4 
_reflns.pdbx_redundancy              13.5 
_reflns.R_free_details               ? 
_reflns.limit_h_max                  ? 
_reflns.limit_h_min                  ? 
_reflns.limit_k_max                  ? 
_reflns.limit_k_min                  ? 
_reflns.limit_l_max                  ? 
_reflns.limit_l_min                  ? 
_reflns.observed_criterion_F_max     ? 
_reflns.observed_criterion_F_min     ? 
_reflns.pdbx_chi_squared             ? 
_reflns.pdbx_scaling_rejects         ? 
_reflns.pdbx_ordinal                 1 
_reflns.pdbx_diffrn_id               1 
# 
_reflns_shell.d_res_high                  1.26 
_reflns_shell.d_res_low                   1.28 
_reflns_shell.percent_possible_all        100 
_reflns_shell.Rmerge_I_obs                0.091 
_reflns_shell.pdbx_Rsym_value             0.091 
_reflns_shell.meanI_over_sigI_obs         31.945 
_reflns_shell.pdbx_redundancy             13.3 
_reflns_shell.percent_possible_obs        ? 
_reflns_shell.number_unique_all           487871 
_reflns_shell.number_measured_all         ? 
_reflns_shell.number_measured_obs         ? 
_reflns_shell.number_unique_obs           ? 
_reflns_shell.pdbx_chi_squared            ? 
_reflns_shell.pdbx_rejects                ? 
_reflns_shell.pdbx_netI_over_sigmaI_obs   ? 
_reflns_shell.number_possible             ? 
_reflns_shell.Rmerge_F_all                ? 
_reflns_shell.Rmerge_F_obs                ? 
_reflns_shell.Rmerge_I_all                ? 
_reflns_shell.meanI_over_sigI_all         ? 
_reflns_shell.pdbx_Rrim_I_all             ? 
_reflns_shell.pdbx_Rpim_I_all             ? 
_reflns_shell.pdbx_ordinal                1 
_reflns_shell.pdbx_diffrn_id              1 
# 
_refine.entry_id                                 3S4E 
_refine.ls_number_reflns_obs                     34279 
_refine.ls_number_reflns_all                     37655 
_refine.pdbx_ls_sigma_I                          ? 
_refine.pdbx_ls_sigma_F                          3.0 
_refine.pdbx_data_cutoff_high_absF               ? 
_refine.pdbx_data_cutoff_low_absF                ? 
_refine.pdbx_data_cutoff_high_rms_absF           ? 
_refine.ls_d_res_low                             37.97 
_refine.ls_d_res_high                            1.26 
_refine.ls_percent_reflns_obs                    95.79 
_refine.ls_R_factor_obs                          0.1520 
_refine.ls_R_factor_all                          0.1509 
_refine.ls_R_factor_R_work                       0.1505 
_refine.ls_R_factor_R_free                       0.1814 
_refine.ls_R_factor_R_free_error                 ? 
_refine.ls_R_factor_R_free_error_details         ? 
_refine.ls_percent_reflns_R_free                 4.9 
_refine.ls_number_reflns_R_free                  1778 
_refine.ls_number_parameters                     ? 
_refine.ls_number_restraints                     ? 
_refine.occupancy_min                            ? 
_refine.occupancy_max                            ? 
_refine.correlation_coeff_Fo_to_Fc               0.955 
_refine.correlation_coeff_Fo_to_Fc_free          0.946 
_refine.B_iso_mean                               9.480 
_refine.aniso_B[1][1]                            -0.05 
_refine.aniso_B[2][2]                            0.07 
_refine.aniso_B[3][3]                            -0.01 
_refine.aniso_B[1][2]                            0.00 
_refine.aniso_B[1][3]                            0.00 
_refine.aniso_B[2][3]                            0.00 
_refine.solvent_model_details                    MASK 
_refine.solvent_model_param_ksol                 ? 
_refine.solvent_model_param_bsol                 ? 
_refine.pdbx_solvent_vdw_probe_radii             1.40 
_refine.pdbx_solvent_ion_probe_radii             0.80 
_refine.pdbx_solvent_shrinkage_radii             0.80 
_refine.pdbx_ls_cross_valid_method               THROUGHOUT 
_refine.details                                  'HYDROGENS HAVE BEEN ADDED IN THE RIDING POSITIONS' 
_refine.pdbx_starting_model                      1ZZW 
_refine.pdbx_method_to_determine_struct          'MOLECULAR REPLACEMENT' 
_refine.pdbx_isotropic_thermal_model             Isotropic 
_refine.pdbx_stereochemistry_target_values       'MAXIMUM LIKELIHOOD' 
_refine.pdbx_stereochem_target_val_spec_case     ? 
_refine.pdbx_R_Free_selection_details            RANDOM 
_refine.pdbx_overall_ESU_R_Free                  0.047 
_refine.overall_SU_ML                            0.023 
_refine.pdbx_overall_phase_error                 ? 
_refine.overall_SU_B                             1.101 
_refine.overall_SU_R_Cruickshank_DPI             ? 
_refine.ls_redundancy_reflns_obs                 ? 
_refine.B_iso_min                                ? 
_refine.B_iso_max                                ? 
_refine.overall_SU_R_free                        ? 
_refine.ls_wR_factor_R_free                      ? 
_refine.ls_wR_factor_R_work                      ? 
_refine.overall_FOM_free_R_set                   ? 
_refine.overall_FOM_work_R_set                   ? 
_refine.pdbx_diffrn_id                           1 
_refine.pdbx_refine_id                           'X-RAY DIFFRACTION' 
_refine.pdbx_overall_ESU_R                       ? 
_refine.pdbx_TLS_residual_ADP_flag               ? 
_refine.pdbx_overall_SU_R_free_Cruickshank_DPI   ? 
_refine.pdbx_overall_SU_R_Blow_DPI               ? 
_refine.pdbx_overall_SU_R_free_Blow_DPI          ? 
# 
_refine_hist.pdbx_refine_id                   'X-RAY DIFFRACTION' 
_refine_hist.cycle_id                         LAST 
_refine_hist.pdbx_number_atoms_protein        1118 
_refine_hist.pdbx_number_atoms_nucleic_acid   0 
_refine_hist.pdbx_number_atoms_ligand         15 
_refine_hist.number_atoms_solvent             210 
_refine_hist.number_atoms_total               1343 
_refine_hist.d_res_high                       1.26 
_refine_hist.d_res_low                        37.97 
# 
loop_
_refine_ls_restr.type 
_refine_ls_restr.dev_ideal 
_refine_ls_restr.dev_ideal_target 
_refine_ls_restr.weight 
_refine_ls_restr.number 
_refine_ls_restr.pdbx_restraint_function 
_refine_ls_restr.pdbx_refine_id 
r_bond_refined_d             0.014  0.022  ? 1152 ? 'X-RAY DIFFRACTION' 
r_bond_other_d               ?      ?      ? ?    ? 'X-RAY DIFFRACTION' 
r_angle_refined_deg          1.720  1.969  ? 1561 ? 'X-RAY DIFFRACTION' 
r_angle_other_deg            ?      ?      ? ?    ? 'X-RAY DIFFRACTION' 
r_dihedral_angle_1_deg       6.115  5.000  ? 143  ? 'X-RAY DIFFRACTION' 
r_dihedral_angle_2_deg       36.852 25.000 ? 50   ? 'X-RAY DIFFRACTION' 
r_dihedral_angle_3_deg       10.877 15.000 ? 196  ? 'X-RAY DIFFRACTION' 
r_dihedral_angle_4_deg       19.242 15.000 ? 4    ? 'X-RAY DIFFRACTION' 
r_chiral_restr               0.110  0.200  ? 177  ? 'X-RAY DIFFRACTION' 
r_gen_planes_refined         0.016  0.021  ? 851  ? 'X-RAY DIFFRACTION' 
r_gen_planes_other           ?      ?      ? ?    ? 'X-RAY DIFFRACTION' 
r_nbd_refined                ?      ?      ? ?    ? 'X-RAY DIFFRACTION' 
r_nbd_other                  ?      ?      ? ?    ? 'X-RAY DIFFRACTION' 
r_nbtor_refined              ?      ?      ? ?    ? 'X-RAY DIFFRACTION' 
r_nbtor_other                ?      ?      ? ?    ? 'X-RAY DIFFRACTION' 
r_xyhbond_nbd_refined        ?      ?      ? ?    ? 'X-RAY DIFFRACTION' 
r_xyhbond_nbd_other          ?      ?      ? ?    ? 'X-RAY DIFFRACTION' 
r_metal_ion_refined          ?      ?      ? ?    ? 'X-RAY DIFFRACTION' 
r_metal_ion_other            ?      ?      ? ?    ? 'X-RAY DIFFRACTION' 
r_symmetry_vdw_refined       ?      ?      ? ?    ? 'X-RAY DIFFRACTION' 
r_symmetry_vdw_other         ?      ?      ? ?    ? 'X-RAY DIFFRACTION' 
r_symmetry_hbond_refined     ?      ?      ? ?    ? 'X-RAY DIFFRACTION' 
r_symmetry_hbond_other       ?      ?      ? ?    ? 'X-RAY DIFFRACTION' 
r_symmetry_metal_ion_refined ?      ?      ? ?    ? 'X-RAY DIFFRACTION' 
r_symmetry_metal_ion_other   ?      ?      ? ?    ? 'X-RAY DIFFRACTION' 
r_mcbond_it                  1.995  1.500  ? 716  ? 'X-RAY DIFFRACTION' 
r_mcbond_other               ?      ?      ? ?    ? 'X-RAY DIFFRACTION' 
r_mcangle_it                 2.768  2.000  ? 1155 ? 'X-RAY DIFFRACTION' 
r_scbond_it                  3.980  3.000  ? 436  ? 'X-RAY DIFFRACTION' 
r_scangle_it                 5.348  4.500  ? 406  ? 'X-RAY DIFFRACTION' 
r_rigid_bond_restr           2.271  3.000  ? 1152 ? 'X-RAY DIFFRACTION' 
r_sphericity_free            ?      ?      ? ?    ? 'X-RAY DIFFRACTION' 
r_sphericity_bonded          ?      ?      ? ?    ? 'X-RAY DIFFRACTION' 
# 
_refine_ls_shell.pdbx_refine_id                   'X-RAY DIFFRACTION' 
_refine_ls_shell.pdbx_total_number_of_bins_used   20 
_refine_ls_shell.d_res_high                       1.260 
_refine_ls_shell.d_res_low                        1.293 
_refine_ls_shell.number_reflns_R_work             2582 
_refine_ls_shell.R_factor_R_work                  0.148 
_refine_ls_shell.percent_reflns_obs               99.96 
_refine_ls_shell.R_factor_R_free                  0.200 
_refine_ls_shell.R_factor_R_free_error            ? 
_refine_ls_shell.percent_reflns_R_free            ? 
_refine_ls_shell.number_reflns_R_free             141 
_refine_ls_shell.number_reflns_all                ? 
_refine_ls_shell.R_factor_all                     ? 
_refine_ls_shell.number_reflns_obs                ? 
_refine_ls_shell.redundancy_reflns_obs            ? 
# 
_struct.entry_id                  3S4E 
_struct.title                     'Crystal Structrue of a Novel Mitogen-activated Protein Kinase Phosphatase, SKRP1' 
_struct.pdbx_model_details        ? 
_struct.pdbx_CASP_flag            ? 
_struct.pdbx_model_type_details   ? 
# 
_struct_keywords.entry_id        3S4E 
_struct_keywords.pdbx_keywords   HYDROLASE 
_struct_keywords.text            'PTP, protein tyrosine phosphatase, phosphatase, HYDROLASE' 
# 
loop_
_struct_asym.id 
_struct_asym.pdbx_blank_PDB_chainid_flag 
_struct_asym.pdbx_modified 
_struct_asym.entity_id 
_struct_asym.details 
A N N 1 ? 
B N N 2 ? 
C N N 3 ? 
D N N 3 ? 
E N N 4 ? 
# 
_struct_biol.id        1 
_struct_biol.details   ? 
# 
loop_
_struct_conf.conf_type_id 
_struct_conf.id 
_struct_conf.pdbx_PDB_helix_id 
_struct_conf.beg_label_comp_id 
_struct_conf.beg_label_asym_id 
_struct_conf.beg_label_seq_id 
_struct_conf.pdbx_beg_PDB_ins_code 
_struct_conf.end_label_comp_id 
_struct_conf.end_label_asym_id 
_struct_conf.end_label_seq_id 
_struct_conf.pdbx_end_PDB_ins_code 
_struct_conf.beg_auth_comp_id 
_struct_conf.beg_auth_asym_id 
_struct_conf.beg_auth_seq_id 
_struct_conf.end_auth_comp_id 
_struct_conf.end_auth_asym_id 
_struct_conf.end_auth_seq_id 
_struct_conf.pdbx_PDB_helix_class 
_struct_conf.details 
_struct_conf.pdbx_PDB_helix_length 
HELX_P HELX_P1 1 SER A 15  ? HIS A 20  ? SER A 77  HIS A 82  1 ? 6  
HELX_P HELX_P2 2 ASP A 21  ? ASN A 28  ? ASP A 83  ASN A 90  1 ? 8  
HELX_P HELX_P3 3 ASN A 62  ? SER A 65  ? ASN A 124 SER A 127 5 ? 4  
HELX_P HELX_P4 4 TYR A 66  ? LYS A 80  ? TYR A 128 LYS A 142 1 ? 15 
HELX_P HELX_P5 5 SER A 93  ? GLN A 108 ? SER A 155 GLN A 170 1 ? 16 
HELX_P HELX_P6 6 SER A 110 ? ARG A 122 ? SER A 172 ARG A 184 1 ? 13 
HELX_P HELX_P7 7 ASN A 128 ? TYR A 138 ? ASN A 190 TYR A 200 1 ? 11 
HELX_P HELX_P8 8 GLN A 139 ? SER A 144 ? GLN A 201 SER A 206 1 ? 6  
# 
_struct_conf_type.id          HELX_P 
_struct_conf_type.criteria    ? 
_struct_conf_type.reference   ? 
# 
_struct_sheet.id               A 
_struct_sheet.type             ? 
_struct_sheet.number_strands   5 
_struct_sheet.details          ? 
# 
loop_
_struct_sheet_order.sheet_id 
_struct_sheet_order.range_id_1 
_struct_sheet_order.range_id_2 
_struct_sheet_order.offset 
_struct_sheet_order.sense 
A 1 2 ? anti-parallel 
A 2 3 ? parallel      
A 3 4 ? parallel      
A 4 5 ? parallel      
# 
loop_
_struct_sheet_range.sheet_id 
_struct_sheet_range.id 
_struct_sheet_range.beg_label_comp_id 
_struct_sheet_range.beg_label_asym_id 
_struct_sheet_range.beg_label_seq_id 
_struct_sheet_range.pdbx_beg_PDB_ins_code 
_struct_sheet_range.end_label_comp_id 
_struct_sheet_range.end_label_asym_id 
_struct_sheet_range.end_label_seq_id 
_struct_sheet_range.pdbx_end_PDB_ins_code 
_struct_sheet_range.beg_auth_comp_id 
_struct_sheet_range.beg_auth_asym_id 
_struct_sheet_range.beg_auth_seq_id 
_struct_sheet_range.end_auth_comp_id 
_struct_sheet_range.end_auth_asym_id 
_struct_sheet_range.end_auth_seq_id 
A 1 GLY A 5  ? LYS A 8  ? GLY A 67  LYS A 70  
A 2 LEU A 11 ? GLY A 14 ? LEU A 73  GLY A 76  
A 3 VAL A 84 ? HIS A 87 ? VAL A 146 HIS A 149 
A 4 HIS A 32 ? ASN A 35 ? HIS A 94  ASN A 97  
A 5 THR A 49 ? SER A 52 ? THR A 111 SER A 114 
# 
loop_
_pdbx_struct_sheet_hbond.sheet_id 
_pdbx_struct_sheet_hbond.range_id_1 
_pdbx_struct_sheet_hbond.range_id_2 
_pdbx_struct_sheet_hbond.range_1_label_atom_id 
_pdbx_struct_sheet_hbond.range_1_label_comp_id 
_pdbx_struct_sheet_hbond.range_1_label_asym_id 
_pdbx_struct_sheet_hbond.range_1_label_seq_id 
_pdbx_struct_sheet_hbond.range_1_PDB_ins_code 
_pdbx_struct_sheet_hbond.range_1_auth_atom_id 
_pdbx_struct_sheet_hbond.range_1_auth_comp_id 
_pdbx_struct_sheet_hbond.range_1_auth_asym_id 
_pdbx_struct_sheet_hbond.range_1_auth_seq_id 
_pdbx_struct_sheet_hbond.range_2_label_atom_id 
_pdbx_struct_sheet_hbond.range_2_label_comp_id 
_pdbx_struct_sheet_hbond.range_2_label_asym_id 
_pdbx_struct_sheet_hbond.range_2_label_seq_id 
_pdbx_struct_sheet_hbond.range_2_PDB_ins_code 
_pdbx_struct_sheet_hbond.range_2_auth_atom_id 
_pdbx_struct_sheet_hbond.range_2_auth_comp_id 
_pdbx_struct_sheet_hbond.range_2_auth_asym_id 
_pdbx_struct_sheet_hbond.range_2_auth_seq_id 
A 1 2 N ILE A 7  ? N ILE A 69  O LEU A 11 ? O LEU A 73  
A 2 3 N LEU A 12 ? N LEU A 74  O VAL A 84 ? O VAL A 146 
A 3 4 O LEU A 85 ? O LEU A 147 N LEU A 34 ? N LEU A 96  
A 4 5 N ILE A 33 ? N ILE A 95  O THR A 49 ? O THR A 111 
# 
loop_
_struct_site.id 
_struct_site.pdbx_evidence_code 
_struct_site.pdbx_auth_asym_id 
_struct_site.pdbx_auth_comp_id 
_struct_site.pdbx_auth_seq_id 
_struct_site.pdbx_auth_ins_code 
_struct_site.pdbx_num_residues 
_struct_site.details 
AC1 Software A PO4 1 ? 9  'BINDING SITE FOR RESIDUE PO4 A 1' 
AC2 Software A SO4 2 ? 11 'BINDING SITE FOR RESIDUE SO4 A 2' 
AC3 Software A SO4 3 ? 10 'BINDING SITE FOR RESIDUE SO4 A 3' 
# 
loop_
_struct_site_gen.id 
_struct_site_gen.site_id 
_struct_site_gen.pdbx_num_res 
_struct_site_gen.label_comp_id 
_struct_site_gen.label_asym_id 
_struct_site_gen.label_seq_id 
_struct_site_gen.pdbx_auth_ins_code 
_struct_site_gen.auth_comp_id 
_struct_site_gen.auth_asym_id 
_struct_site_gen.auth_seq_id 
_struct_site_gen.label_atom_id 
_struct_site_gen.label_alt_id 
_struct_site_gen.symmetry 
_struct_site_gen.details 
1  AC1 9  SO4 C .   ? SO4 A 2   . ? 1_555 ? 
2  AC1 9  HOH E .   ? HOH A 8   . ? 4_445 ? 
3  AC1 9  HOH E .   ? HOH A 43  . ? 1_555 ? 
4  AC1 9  GLU A 72  ? GLU A 134 . ? 4_445 ? 
5  AC1 9  ASN A 89  ? ASN A 151 . ? 1_555 ? 
6  AC1 9  ALA A 90  ? ALA A 152 . ? 1_555 ? 
7  AC1 9  ARG A 94  ? ARG A 156 . ? 1_555 ? 
8  AC1 9  HOH E .   ? HOH A 248 . ? 1_555 ? 
9  AC1 9  HOH E .   ? HOH A 311 . ? 4_445 ? 
10 AC2 11 PO4 B .   ? PO4 A 1   . ? 1_555 ? 
11 AC2 11 HOH E .   ? HOH A 43  . ? 1_555 ? 
12 AC2 11 ASP A 57  ? ASP A 119 . ? 1_555 ? 
13 AC2 11 SER A 88  ? SER A 150 . ? 1_555 ? 
14 AC2 11 ASN A 89  ? ASN A 151 . ? 1_555 ? 
15 AC2 11 ALA A 90  ? ALA A 152 . ? 1_555 ? 
16 AC2 11 GLY A 91  ? GLY A 153 . ? 1_555 ? 
17 AC2 11 VAL A 92  ? VAL A 154 . ? 1_555 ? 
18 AC2 11 SER A 93  ? SER A 155 . ? 1_555 ? 
19 AC2 11 ARG A 94  ? ARG A 156 . ? 1_555 ? 
20 AC2 11 ALA A 95  ? ALA A 157 . ? 1_555 ? 
21 AC3 10 SER A 2   ? SER A -1  . ? 1_555 ? 
22 AC3 10 HOH E .   ? HOH A 13  . ? 1_555 ? 
23 AC3 10 HOH E .   ? HOH A 62  . ? 1_555 ? 
24 AC3 10 GLN A 3   ? GLN A 65  . ? 1_555 ? 
25 AC3 10 SER A 15  ? SER A 77  . ? 1_555 ? 
26 AC3 10 ARG A 122 ? ARG A 184 . ? 1_555 ? 
27 AC3 10 HOH E .   ? HOH A 252 . ? 1_555 ? 
28 AC3 10 HOH E .   ? HOH A 254 . ? 1_555 ? 
29 AC3 10 HOH E .   ? HOH A 276 . ? 3_554 ? 
30 AC3 10 HOH E .   ? HOH A 279 . ? 1_555 ? 
# 
_atom_sites.entry_id                    3S4E 
_atom_sites.fract_transf_matrix[1][1]   -0.01805055 
_atom_sites.fract_transf_matrix[1][2]   0.00262884 
_atom_sites.fract_transf_matrix[1][3]   -0.01108302 
_atom_sites.fract_transf_matrix[2][1]   -0.01021993 
_atom_sites.fract_transf_matrix[2][2]   -0.00891523 
_atom_sites.fract_transf_matrix[2][3]   0.01453021 
_atom_sites.fract_transf_matrix[3][1]   -0.00246879 
_atom_sites.fract_transf_matrix[3][2]   0.01529685 
_atom_sites.fract_transf_matrix[3][3]   0.00764917 
_atom_sites.fract_transf_vector[1]      0.228202 
_atom_sites.fract_transf_vector[2]      -0.131341 
_atom_sites.fract_transf_vector[3]      -0.114896 
# 
loop_
_atom_type.symbol 
C 
N 
O 
P 
S 
# 
loop_
_atom_site.group_PDB 
_atom_site.id 
_atom_site.type_symbol 
_atom_site.label_atom_id 
_atom_site.label_alt_id 
_atom_site.label_comp_id 
_atom_site.label_asym_id 
_atom_site.label_entity_id 
_atom_site.label_seq_id 
_atom_site.pdbx_PDB_ins_code 
_atom_site.Cartn_x 
_atom_site.Cartn_y 
_atom_site.Cartn_z 
_atom_site.occupancy 
_atom_site.B_iso_or_equiv 
_atom_site.pdbx_formal_charge 
_atom_site.auth_seq_id 
_atom_site.auth_comp_id 
_atom_site.auth_asym_id 
_atom_site.auth_atom_id 
_atom_site.pdbx_PDB_model_num 
ATOM   1    N N   . ALA A 1 1   ? 15.580  -11.520 1.541   1.00 12.18 ? -2  ALA A N   1 
ATOM   2    C CA  . ALA A 1 1   ? 14.667  -12.449 2.232   1.00 12.40 ? -2  ALA A CA  1 
ATOM   3    C C   . ALA A 1 1   ? 13.355  -11.733 2.583   1.00 11.60 ? -2  ALA A C   1 
ATOM   4    O O   . ALA A 1 1   ? 12.733  -12.071 3.610   1.00 12.49 ? -2  ALA A O   1 
ATOM   5    C CB  . ALA A 1 1   ? 15.331  -13.031 3.487   1.00 13.19 ? -2  ALA A CB  1 
ATOM   6    N N   . SER A 1 2   ? 12.913  -10.765 1.758   1.00 10.53 ? -1  SER A N   1 
ATOM   7    C CA  . SER A 1 2   ? 11.594  -10.120 2.022   1.00 8.25  ? -1  SER A CA  1 
ATOM   8    C C   . SER A 1 2   ? 10.447  -11.053 1.680   1.00 7.84  ? -1  SER A C   1 
ATOM   9    O O   . SER A 1 2   ? 10.648  -11.997 0.909   1.00 9.16  ? -1  SER A O   1 
ATOM   10   C CB  . SER A 1 2   ? 11.483  -8.762  1.320   1.00 9.92  ? -1  SER A CB  1 
ATOM   11   O OG  . SER A 1 2   ? 11.578  -8.866  -0.092  1.00 8.94  ? -1  SER A OG  1 
ATOM   12   N N   . GLN A 1 3   ? 9.254   -10.802 2.204   1.00 6.82  ? 65  GLN A N   1 
ATOM   13   C CA  . GLN A 1 3   ? 8.077   -11.572 1.810   1.00 8.33  ? 65  GLN A CA  1 
ATOM   14   C C   . GLN A 1 3   ? 6.917   -10.603 1.610   1.00 7.45  ? 65  GLN A C   1 
ATOM   15   O O   . GLN A 1 3   ? 6.470   -9.932  2.535   1.00 8.50  ? 65  GLN A O   1 
ATOM   16   C CB  . GLN A 1 3   ? 7.745   -12.579 2.909   1.00 8.78  ? 65  GLN A CB  1 
ATOM   17   C CG  . GLN A 1 3   ? 6.575   -13.445 2.599   1.00 7.61  ? 65  GLN A CG  1 
ATOM   18   C CD  . GLN A 1 3   ? 6.790   -14.240 1.323   1.00 7.41  ? 65  GLN A CD  1 
ATOM   19   O OE1 . GLN A 1 3   ? 7.647   -15.149 1.306   1.00 9.11  ? 65  GLN A OE1 1 
ATOM   20   N NE2 . GLN A 1 3   ? 6.036   -13.936 0.254   1.00 7.74  ? 65  GLN A NE2 1 
ATOM   21   N N   . VAL A 1 4   ? 6.485   -10.434 0.374   1.00 7.46  ? 66  VAL A N   1 
ATOM   22   C CA  . VAL A 1 4   ? 5.317   -9.606  0.099   1.00 6.74  ? 66  VAL A CA  1 
ATOM   23   C C   . VAL A 1 4   ? 4.022   -10.309 0.472   1.00 5.58  ? 66  VAL A C   1 
ATOM   24   O O   . VAL A 1 4   ? 3.950   -11.524 0.474   1.00 8.30  ? 66  VAL A O   1 
ATOM   25   C CB  . VAL A 1 4   ? 5.252   -9.114  -1.365  1.00 7.49  ? 66  VAL A CB  1 
ATOM   26   C CG1 . VAL A 1 4   ? 6.493   -8.321  -1.723  1.00 8.76  ? 66  VAL A CG1 1 
ATOM   27   C CG2 . VAL A 1 4   ? 5.016   -10.288 -2.279  1.00 10.12 ? 66  VAL A CG2 1 
ATOM   28   N N   . GLY A 1 5   ? 3.005   -9.507  0.781   1.00 4.73  ? 67  GLY A N   1 
ATOM   29   C CA  . GLY A 1 5   ? 1.640   -9.977  0.992   1.00 5.07  ? 67  GLY A CA  1 
ATOM   30   C C   . GLY A 1 5   ? 0.810   -9.762  -0.265  1.00 4.94  ? 67  GLY A C   1 
ATOM   31   O O   . GLY A 1 5   ? 0.950   -8.725  -0.945  1.00 5.22  ? 67  GLY A O   1 
ATOM   32   N N   . VAL A 1 6   ? -0.069  -10.719 -0.580  1.00 4.91  ? 68  VAL A N   1 
ATOM   33   C CA  . VAL A 1 6   ? -0.966  -10.611 -1.749  1.00 4.85  ? 68  VAL A CA  1 
ATOM   34   C C   . VAL A 1 6   ? -2.311  -10.153 -1.225  1.00 3.99  ? 68  VAL A C   1 
ATOM   35   O O   . VAL A 1 6   ? -2.979  -10.858 -0.464  1.00 5.03  ? 68  VAL A O   1 
ATOM   36   C CB  . VAL A 1 6   ? -1.088  -11.935 -2.493  1.00 5.12  ? 68  VAL A CB  1 
ATOM   37   C CG1 . VAL A 1 6   ? -2.050  -11.810 -3.658  1.00 6.59  ? 68  VAL A CG1 1 
ATOM   38   C CG2 . VAL A 1 6   ? 0.296   -12.456 -2.973  1.00 6.27  ? 68  VAL A CG2 1 
ATOM   39   N N   . ILE A 1 7   ? -2.681  -8.924  -1.579  1.00 4.50  ? 69  ILE A N   1 
ATOM   40   C CA  . ILE A 1 7   ? -3.920  -8.310  -1.124  1.00 4.41  ? 69  ILE A CA  1 
ATOM   41   C C   . ILE A 1 7   ? -5.049  -8.565  -2.133  1.00 5.28  ? 69  ILE A C   1 
ATOM   42   O O   . ILE A 1 7   ? -6.177  -8.855  -1.754  1.00 6.68  ? 69  ILE A O   1 
ATOM   43   C CB  . ILE A 1 7   ? -3.732  -6.822  -0.892  1.00 5.08  ? 69  ILE A CB  1 
ATOM   44   C CG1 . ILE A 1 7   ? -2.465  -6.515  -0.090  1.00 6.62  ? 69  ILE A CG1 1 
ATOM   45   C CG2 . ILE A 1 7   ? -4.964  -6.225  -0.245  1.00 7.36  ? 69  ILE A CG2 1 
ATOM   46   C CD1 . ILE A 1 7   ? -2.395  -7.179  1.227   1.00 7.98  ? 69  ILE A CD1 1 
ATOM   47   N N   . LYS A 1 8   ? -4.741  -8.391  -3.421  1.00 5.06  ? 70  LYS A N   1 
ATOM   48   C CA  . LYS A 1 8   ? -5.595  -8.709  -4.561  1.00 4.78  ? 70  LYS A CA  1 
ATOM   49   C C   . LYS A 1 8   ? -4.680  -9.389  -5.549  1.00 5.40  ? 70  LYS A C   1 
ATOM   50   O O   . LYS A 1 8   ? -3.448  -9.284  -5.430  1.00 5.72  ? 70  LYS A O   1 
ATOM   51   C CB  . LYS A 1 8   ? -6.174  -7.443  -5.205  1.00 6.75  ? 70  LYS A CB  1 
ATOM   52   C CG  . LYS A 1 8   ? -7.009  -6.607  -4.289  1.00 9.11  ? 70  LYS A CG  1 
ATOM   53   C CD  . LYS A 1 8   ? -8.317  -7.280  -3.966  1.00 14.61 ? 70  LYS A CD  1 
ATOM   54   C CE  . LYS A 1 8   ? -9.476  -6.342  -3.991  1.00 21.28 ? 70  LYS A CE  1 
ATOM   55   N NZ  . LYS A 1 8   ? -10.750 -7.127  -3.832  1.00 17.36 ? 70  LYS A NZ  1 
ATOM   56   N N   . PRO A 1 9   ? -5.209  -10.002 -6.621  1.00 5.08  ? 71  PRO A N   1 
ATOM   57   C CA  . PRO A 1 9   ? -4.280  -10.619 -7.590  1.00 5.98  ? 71  PRO A CA  1 
ATOM   58   C C   . PRO A 1 9   ? -3.303  -9.603  -8.177  1.00 4.96  ? 71  PRO A C   1 
ATOM   59   O O   . PRO A 1 9   ? -2.190  -9.955  -8.586  1.00 6.07  ? 71  PRO A O   1 
ATOM   60   C CB  . PRO A 1 9   ? -5.252  -11.168 -8.660  1.00 6.17  ? 71  PRO A CB  1 
ATOM   61   C CG  . PRO A 1 9   ? -6.523  -11.451 -7.875  1.00 7.77  ? 71  PRO A CG  1 
ATOM   62   C CD  . PRO A 1 9   ? -6.629  -10.326 -6.904  1.00 5.54  ? 71  PRO A CD  1 
ATOM   63   N N   . TRP A 1 10  ? -3.742  -8.341  -8.214  1.00 4.92  ? 72  TRP A N   1 
ATOM   64   C CA  . TRP A 1 10  ? -3.058  -7.242  -8.836  1.00 5.01  ? 72  TRP A CA  1 
ATOM   65   C C   . TRP A 1 10  ? -2.501  -6.256  -7.785  1.00 4.20  ? 72  TRP A C   1 
ATOM   66   O O   . TRP A 1 10  ? -2.059  -5.167  -8.166  1.00 4.92  ? 72  TRP A O   1 
ATOM   67   C CB  . TRP A 1 10  ? -4.017  -6.493  -9.798  1.00 5.64  ? 72  TRP A CB  1 
ATOM   68   C CG  . TRP A 1 10  ? -5.436  -6.387  -9.333  1.00 5.11  ? 72  TRP A CG  1 
ATOM   69   C CD1 . TRP A 1 10  ? -6.454  -7.260  -9.656  1.00 6.49  ? 72  TRP A CD1 1 
ATOM   70   C CD2 . TRP A 1 10  ? -6.013  -5.390  -8.472  1.00 5.22  ? 72  TRP A CD2 1 
ATOM   71   N NE1 . TRP A 1 10  ? -7.588  -6.894  -9.000  1.00 6.99  ? 72  TRP A NE1 1 
ATOM   72   C CE2 . TRP A 1 10  ? -7.365  -5.740  -8.306  1.00 6.67  ? 72  TRP A CE2 1 
ATOM   73   C CE3 . TRP A 1 10  ? -5.534  -4.220  -7.840  1.00 6.61  ? 72  TRP A CE3 1 
ATOM   74   C CZ2 . TRP A 1 10  ? -8.233  -4.990  -7.519  1.00 7.31  ? 72  TRP A CZ2 1 
ATOM   75   C CZ3 . TRP A 1 10  ? -6.416  -3.464  -7.079  1.00 7.58  ? 72  TRP A CZ3 1 
ATOM   76   C CH2 . TRP A 1 10  ? -7.717  -3.875  -6.889  1.00 8.75  ? 72  TRP A CH2 1 
ATOM   77   N N   . LEU A 1 11  ? -2.505  -6.581  -6.483  1.00 4.24  ? 73  LEU A N   1 
ATOM   78   C CA  . LEU A 1 11  ? -2.081  -5.636  -5.472  1.00 4.24  ? 73  LEU A CA  1 
ATOM   79   C C   . LEU A 1 11  ? -1.252  -6.375  -4.423  1.00 3.79  ? 73  LEU A C   1 
ATOM   80   O O   . LEU A 1 11  ? -1.770  -7.240  -3.696  1.00 4.75  ? 73  LEU A O   1 
ATOM   81   C CB  . LEU A 1 11  ? -3.329  -5.001  -4.828  1.00 4.95  ? 73  LEU A CB  1 
ATOM   82   C CG  . LEU A 1 11  ? -3.078  -3.993  -3.696  1.00 7.51  ? 73  LEU A CG  1 
ATOM   83   C CD1 . LEU A 1 11  ? -2.144  -2.888  -3.978  1.00 11.24 ? 73  LEU A CD1 1 
ATOM   84   C CD2 . LEU A 1 11  ? -4.376  -3.438  -3.209  1.00 8.66  ? 73  LEU A CD2 1 
ATOM   85   N N   . LEU A 1 12  ? 0.028   -6.021  -4.321  1.00 4.46  ? 74  LEU A N   1 
ATOM   86   C CA  . LEU A 1 12  ? 0.969   -6.586  -3.363  1.00 3.61  ? 74  LEU A CA  1 
ATOM   87   C C   . LEU A 1 12  ? 1.346   -5.517  -2.342  1.00 3.55  ? 74  LEU A C   1 
ATOM   88   O O   . LEU A 1 12  ? 1.367   -4.314  -2.651  1.00 4.35  ? 74  LEU A O   1 
ATOM   89   C CB  . LEU A 1 12  ? 2.233   -7.074  -4.052  1.00 3.79  ? 74  LEU A CB  1 
ATOM   90   C CG  . LEU A 1 12  ? 2.020   -7.985  -5.241  1.00 4.58  ? 74  LEU A CG  1 
ATOM   91   C CD1 . LEU A 1 12  ? 3.343   -8.329  -5.886  1.00 5.36  ? 74  LEU A CD1 1 
ATOM   92   C CD2 . LEU A 1 12  ? 1.291   -9.253  -4.808  1.00 6.68  ? 74  LEU A CD2 1 
ATOM   93   N N   . LEU A 1 13  ? 1.708   -5.946  -1.134  1.00 3.52  ? 75  LEU A N   1 
ATOM   94   C CA  . LEU A 1 13  ? 2.128   -5.060  -0.070  1.00 3.18  ? 75  LEU A CA  1 
ATOM   95   C C   . LEU A 1 13  ? 3.497   -5.522  0.419   1.00 3.82  ? 75  LEU A C   1 
ATOM   96   O O   . LEU A 1 13  ? 3.665   -6.684  0.778   1.00 4.64  ? 75  LEU A O   1 
ATOM   97   C CB  . LEU A 1 13  ? 1.119   -5.112  1.059   1.00 4.52  ? 75  LEU A CB  1 
ATOM   98   C CG  . LEU A 1 13  ? 1.484   -4.348  2.321   1.00 4.11  ? 75  LEU A CG  1 
ATOM   99   C CD1 . LEU A 1 13  ? 1.736   -2.856  2.075   1.00 6.12  ? 75  LEU A CD1 1 
ATOM   100  C CD2 . LEU A 1 13  ? 0.425   -4.566  3.410   1.00 6.07  ? 75  LEU A CD2 1 
ATOM   101  N N   . GLY A 1 14  ? 4.472   -4.625  0.531   1.00 4.12  ? 76  GLY A N   1 
ATOM   102  C CA  . GLY A 1 14  ? 5.774   -5.020  1.023   1.00 5.36  ? 76  GLY A CA  1 
ATOM   103  C C   . GLY A 1 14  ? 6.662   -3.881  1.455   1.00 3.87  ? 76  GLY A C   1 
ATOM   104  O O   . GLY A 1 14  ? 6.234   -2.748  1.632   1.00 4.45  ? 76  GLY A O   1 
ATOM   105  N N   . SER A 1 15  ? 7.929   -4.238  1.654   1.00 4.65  ? 77  SER A N   1 
ATOM   106  C CA  . SER A 1 15  ? 8.969   -3.377  2.228   1.00 4.67  ? 77  SER A CA  1 
ATOM   107  C C   . SER A 1 15  ? 9.893   -2.817  1.137   1.00 3.81  ? 77  SER A C   1 
ATOM   108  O O   . SER A 1 15  ? 9.818   -3.191  -0.039  1.00 4.86  ? 77  SER A O   1 
ATOM   109  C CB  . SER A 1 15  ? 9.825   -4.199  3.166   1.00 5.50  ? 77  SER A CB  1 
ATOM   110  O OG  . SER A 1 15  ? 10.522  -5.190  2.389   1.00 6.36  ? 77  SER A OG  1 
ATOM   111  N N   . GLN A 1 16  ? 10.807  -1.939  1.546   1.00 4.55  ? 78  GLN A N   1 
ATOM   112  C CA  . GLN A 1 16  ? 11.834  -1.454  0.611   1.00 4.75  ? 78  GLN A CA  1 
ATOM   113  C C   . GLN A 1 16  ? 12.646  -2.626  0.076   1.00 5.30  ? 78  GLN A C   1 
ATOM   114  O O   . GLN A 1 16  ? 13.084  -2.590  -1.063  1.00 5.39  ? 78  GLN A O   1 
ATOM   115  C CB  . GLN A 1 16  ? 12.756  -0.474  1.326   1.00 7.33  ? 78  GLN A CB  1 
ATOM   116  C CG  . GLN A 1 16  ? 14.098  -0.273  0.614   1.00 11.98 ? 78  GLN A CG  1 
ATOM   117  C CD  . GLN A 1 16  ? 15.092  0.657   1.329   1.00 9.99  ? 78  GLN A CD  1 
ATOM   118  O OE1 . GLN A 1 16  ? 14.934  0.961   2.535   1.00 14.33 ? 78  GLN A OE1 1 
ATOM   119  N NE2 . GLN A 1 16  ? 16.045  1.206   0.566   1.00 11.78 ? 78  GLN A NE2 1 
ATOM   120  N N   . ASP A 1 17  ? 12.932  -3.641  0.871   1.00 5.34  ? 79  ASP A N   1 
ATOM   121  C CA  . ASP A 1 17  ? 13.676  -4.779  0.334   1.00 5.45  ? 79  ASP A CA  1 
ATOM   122  C C   . ASP A 1 17  ? 12.931  -5.417  -0.805  1.00 5.11  ? 79  ASP A C   1 
ATOM   123  O O   . ASP A 1 17  ? 13.537  -5.799  -1.804  1.00 5.63  ? 79  ASP A O   1 
ATOM   124  C CB  . ASP A 1 17  ? 13.947  -5.838  1.415   1.00 7.02  ? 79  ASP A CB  1 
ATOM   125  C CG  . ASP A 1 17  ? 15.040  -5.432  2.399   1.00 12.03 ? 79  ASP A CG  1 
ATOM   126  O OD1 . ASP A 1 17  ? 15.826  -4.519  2.097   1.00 14.55 ? 79  ASP A OD1 1 
ATOM   127  O OD2 . ASP A 1 17  ? 15.118  -6.073  3.471   1.00 16.63 ? 79  ASP A OD2 1 
ATOM   128  N N   . ALA A 1 18  ? 11.627  -5.598  -0.690  1.00 4.01  ? 80  ALA A N   1 
ATOM   129  C CA  . ALA A 1 18  ? 10.854  -6.129  -1.811  1.00 4.41  ? 80  ALA A CA  1 
ATOM   130  C C   . ALA A 1 18  ? 10.971  -5.219  -3.026  1.00 4.06  ? 80  ALA A C   1 
ATOM   131  O O   . ALA A 1 18  ? 11.094  -5.697  -4.164  1.00 5.02  ? 80  ALA A O   1 
ATOM   132  C CB  . ALA A 1 18  ? 9.405   -6.351  -1.437  1.00 6.48  ? 80  ALA A CB  1 
ATOM   133  N N   . ALA A 1 19  ? 10.903  -3.902  -2.817  1.00 4.99  ? 81  ALA A N   1 
ATOM   134  C CA  . ALA A 1 19  ? 10.984  -2.952  -3.908  1.00 4.33  ? 81  ALA A CA  1 
ATOM   135  C C   . ALA A 1 19  ? 12.336  -2.991  -4.608  1.00 4.22  ? 81  ALA A C   1 
ATOM   136  O O   . ALA A 1 19  ? 12.478  -2.544  -5.737  1.00 4.69  ? 81  ALA A O   1 
ATOM   137  C CB  . ALA A 1 19  ? 10.717  -1.557  -3.409  1.00 6.03  ? 81  ALA A CB  1 
ATOM   138  N N   . HIS A 1 20  ? 13.360  -3.470  -3.911  1.00 4.27  ? 82  HIS A N   1 
ATOM   139  C CA  . HIS A 1 20  ? 14.724  -3.532  -4.426  1.00 4.21  ? 82  HIS A CA  1 
ATOM   140  C C   . HIS A 1 20  ? 15.136  -4.916  -4.852  1.00 5.15  ? 82  HIS A C   1 
ATOM   141  O O   . HIS A 1 20  ? 16.336  -5.147  -5.094  1.00 5.90  ? 82  HIS A O   1 
ATOM   142  C CB  . HIS A 1 20  ? 15.706  -2.936  -3.419  1.00 5.38  ? 82  HIS A CB  1 
ATOM   143  C CG  . HIS A 1 20  ? 15.501  -1.470  -3.240  1.00 5.33  ? 82  HIS A CG  1 
ATOM   144  N ND1 . HIS A 1 20  ? 16.130  -0.770  -2.238  1.00 10.71 ? 82  HIS A ND1 1 
ATOM   145  C CD2 . HIS A 1 20  ? 14.771  -0.565  -3.936  1.00 6.18  ? 82  HIS A CD2 1 
ATOM   146  C CE1 . HIS A 1 20  ? 15.796  0.508   -2.329  1.00 10.36 ? 82  HIS A CE1 1 
ATOM   147  N NE2 . HIS A 1 20  ? 14.994  0.660   -3.364  1.00 6.54  ? 82  HIS A NE2 1 
ATOM   148  N N   . ASP A 1 21  ? 14.167  -5.834  -4.919  1.00 4.43  ? 83  ASP A N   1 
ATOM   149  C CA  . ASP A 1 21  ? 14.453  -7.244  -5.221  1.00 4.76  ? 83  ASP A CA  1 
ATOM   150  C C   . ASP A 1 21  ? 13.967  -7.547  -6.627  1.00 4.51  ? 83  ASP A C   1 
ATOM   151  O O   . ASP A 1 21  ? 12.802  -7.906  -6.817  1.00 5.08  ? 83  ASP A O   1 
ATOM   152  C CB  . ASP A 1 21  ? 13.783  -8.174  -4.195  1.00 5.58  ? 83  ASP A CB  1 
ATOM   153  C CG  . ASP A 1 21  ? 14.231  -9.596  -4.297  1.00 5.45  ? 83  ASP A CG  1 
ATOM   154  O OD1 . ASP A 1 21  ? 14.592  -10.067 -5.400  1.00 6.48  ? 83  ASP A OD1 1 
ATOM   155  O OD2 . ASP A 1 21  ? 14.057  -10.303 -3.286  1.00 8.52  ? 83  ASP A OD2 1 
ATOM   156  N N   . LEU A 1 22  ? 14.809  -7.294  -7.622  1.00 4.89  ? 84  LEU A N   1 
ATOM   157  C CA  . LEU A 1 22  ? 14.374  -7.443  -9.005  1.00 5.28  ? 84  LEU A CA  1 
ATOM   158  C C   . LEU A 1 22  ? 13.945  -8.891  -9.328  1.00 5.30  ? 84  LEU A C   1 
ATOM   159  O O   . LEU A 1 22  ? 12.967  -9.080  -10.029 1.00 5.85  ? 84  LEU A O   1 
ATOM   160  C CB  . LEU A 1 22  ? 15.474  -6.983  -9.952  1.00 5.02  ? 84  LEU A CB  1 
ATOM   161  C CG  . LEU A 1 22  ? 15.095  -6.913  -11.423 1.00 5.60  ? 84  LEU A CG  1 
ATOM   162  C CD1 . LEU A 1 22  ? 13.881  -5.973  -11.648 1.00 7.62  ? 84  LEU A CD1 1 
ATOM   163  C CD2 . LEU A 1 22  ? 16.315  -6.449  -12.234 1.00 7.38  ? 84  LEU A CD2 1 
ATOM   164  N N   . ASP A 1 23  ? 14.647  -9.883  -8.768  1.00 5.75  ? 85  ASP A N   1 
ATOM   165  C CA  . ASP A 1 23  ? 14.295  -11.274 -9.000  1.00 6.48  ? 85  ASP A CA  1 
ATOM   166  C C   . ASP A 1 23  ? 12.831  -11.491 -8.617  1.00 6.41  ? 85  ASP A C   1 
ATOM   167  O O   . ASP A 1 23  ? 12.073  -12.111 -9.391  1.00 7.06  ? 85  ASP A O   1 
ATOM   168  C CB  . ASP A 1 23  ? 15.144  -12.199 -8.104  1.00 8.46  ? 85  ASP A CB  1 
ATOM   169  C CG  . ASP A 1 23  ? 16.626  -12.330 -8.506  1.00 10.24 ? 85  ASP A CG  1 
ATOM   170  O OD1 . ASP A 1 23  ? 17.016  -11.953 -9.637  1.00 11.52 ? 85  ASP A OD1 1 
ATOM   171  O OD2 . ASP A 1 23  ? 17.452  -12.739 -7.625  1.00 10.56 ? 85  ASP A OD2 1 
ATOM   172  N N   . THR A 1 24  ? 12.429  -11.092 -7.399  1.00 5.75  ? 86  THR A N   1 
ATOM   173  C CA  . THR A 1 24  ? 11.061  -11.374 -6.988  1.00 5.79  ? 86  THR A CA  1 
ATOM   174  C C   . THR A 1 24  ? 10.040  -10.434 -7.588  1.00 5.55  ? 86  THR A C   1 
ATOM   175  O O   . THR A 1 24  ? 8.913   -10.859 -7.846  1.00 6.15  ? 86  THR A O   1 
ATOM   176  C CB  . THR A 1 24  ? 10.931  -11.456 -5.467  1.00 6.05  ? 86  THR A CB  1 
ATOM   177  O OG1 . THR A 1 24  ? 11.221  -10.208 -4.855  1.00 7.47  ? 86  THR A OG1 1 
ATOM   178  C CG2 . THR A 1 24  ? 11.863  -12.477 -4.917  1.00 8.22  ? 86  THR A CG2 1 
ATOM   179  N N   . LEU A 1 25  ? 10.425  -9.203  -7.929  1.00 5.02  ? 87  LEU A N   1 
ATOM   180  C CA  . LEU A 1 25  ? 9.481   -8.330  -8.651  1.00 5.20  ? 87  LEU A CA  1 
ATOM   181  C C   . LEU A 1 25  ? 9.090   -9.013  -9.962  1.00 5.40  ? 87  LEU A C   1 
ATOM   182  O O   . LEU A 1 25  ? 7.903   -9.017  -10.348 1.00 5.92  ? 87  LEU A O   1 
ATOM   183  C CB  . LEU A 1 25  ? 10.123  -6.978  -8.922  1.00 5.39  ? 87  LEU A CB  1 
ATOM   184  C CG  . LEU A 1 25  ? 10.318  -6.052  -7.720  1.00 4.82  ? 87  LEU A CG  1 
ATOM   185  C CD1 . LEU A 1 25  ? 11.264  -4.911  -8.093  1.00 5.83  ? 87  LEU A CD1 1 
ATOM   186  C CD2 . LEU A 1 25  ? 8.991   -5.500  -7.186  1.00 6.41  ? 87  LEU A CD2 1 
ATOM   187  N N   . LYS A 1 26  ? 10.068  -9.564  -10.661 1.00 5.39  ? 88  LYS A N   1 
ATOM   188  C CA  . LYS A 1 26  ? 9.784   -10.272 -11.913 1.00 7.52  ? 88  LYS A CA  1 
ATOM   189  C C   . LYS A 1 26  ? 9.001   -11.551 -11.720 1.00 6.10  ? 88  LYS A C   1 
ATOM   190  O O   . LYS A 1 26  ? 8.024   -11.789 -12.435 1.00 6.85  ? 88  LYS A O   1 
ATOM   191  C CB  . LYS A 1 26  ? 11.086  -10.532 -12.643 1.00 10.29 ? 88  LYS A CB  1 
ATOM   192  C CG  . LYS A 1 26  ? 11.665  -9.242  -13.215 1.00 11.70 ? 88  LYS A CG  1 
ATOM   193  C CD  . LYS A 1 26  ? 12.861  -9.504  -14.118 1.00 16.63 ? 88  LYS A CD  1 
ATOM   194  C CE  . LYS A 1 26  ? 13.403  -8.190  -14.736 1.00 15.74 ? 88  LYS A CE  1 
ATOM   195  N NZ  . LYS A 1 26  ? 14.605  -8.392  -15.606 1.00 17.01 ? 88  LYS A NZ  1 
ATOM   196  N N   . LYS A 1 27  ? 9.351   -12.350 -10.725 1.00 6.16  ? 89  LYS A N   1 
ATOM   197  C CA  . LYS A 1 27  ? 8.580   -13.562 -10.445 1.00 7.05  ? 89  LYS A CA  1 
ATOM   198  C C   . LYS A 1 27  ? 7.132   -13.223 -10.148 1.00 5.19  ? 89  LYS A C   1 
ATOM   199  O O   . LYS A 1 27  ? 6.238   -13.996 -10.461 1.00 6.27  ? 89  LYS A O   1 
ATOM   200  C CB  . LYS A 1 27  ? 9.145   -14.319 -9.231  1.00 7.59  ? 89  LYS A CB  1 
ATOM   201  C CG  . LYS A 1 27  ? 10.465  -15.039 -9.450  1.00 10.68 ? 89  LYS A CG  1 
ATOM   202  C CD  . LYS A 1 27  ? 11.063  -15.617 -8.152  1.00 14.17 ? 89  LYS A CD  1 
ATOM   203  C CE  . LYS A 1 27  ? 11.692  -16.936 -8.503  1.00 22.39 ? 89  LYS A CE  1 
ATOM   204  N NZ  . LYS A 1 27  ? 11.725  -17.811 -7.306  1.00 31.02 ? 89  LYS A NZ  1 
ATOM   205  N N   . ASN A 1 28  ? 6.901   -12.088 -9.494  1.00 5.05  ? 90  ASN A N   1 
ATOM   206  C CA  . ASN A 1 28  ? 5.588   -11.721 -9.018  1.00 4.53  ? 90  ASN A CA  1 
ATOM   207  C C   . ASN A 1 28  ? 4.780   -10.938 -10.042 1.00 4.28  ? 90  ASN A C   1 
ATOM   208  O O   . ASN A 1 28  ? 3.662   -10.499 -9.786  1.00 5.19  ? 90  ASN A O   1 
ATOM   209  C CB  . ASN A 1 28  ? 5.704   -10.946 -7.717  1.00 5.08  ? 90  ASN A CB  1 
ATOM   210  C CG  . ASN A 1 28  ? 6.225   -11.781 -6.550  1.00 4.77  ? 90  ASN A CG  1 
ATOM   211  O OD1 . ASN A 1 28  ? 6.337   -13.022 -6.698  1.00 6.43  ? 90  ASN A OD1 1 
ATOM   212  N ND2 . ASN A 1 28  ? 6.611   -11.143 -5.501  1.00 7.73  ? 90  ASN A ND2 1 
ATOM   213  N N   . LYS A 1 29  ? 5.370   -10.756 -11.224 1.00 5.27  ? 91  LYS A N   1 
ATOM   214  C CA  . LYS A 1 29  ? 4.696   -10.113 -12.357 1.00 5.34  ? 91  LYS A CA  1 
ATOM   215  C C   . LYS A 1 29  ? 4.390   -8.639  -12.105 1.00 5.12  ? 91  LYS A C   1 
ATOM   216  O O   . LYS A 1 29  ? 3.420   -8.106  -12.639 1.00 5.37  ? 91  LYS A O   1 
ATOM   217  C CB  . LYS A 1 29  ? 3.459   -10.890 -12.837 1.00 6.56  ? 91  LYS A CB  1 
ATOM   218  C CG  . LYS A 1 29  ? 3.798   -12.353 -13.129 1.00 9.89  ? 91  LYS A CG  1 
ATOM   219  C CD  . LYS A 1 29  ? 4.608   -12.562 -14.326 1.00 21.06 ? 91  LYS A CD  1 
ATOM   220  C CE  . LYS A 1 29  ? 4.904   -14.043 -14.485 1.00 26.96 ? 91  LYS A CE  1 
ATOM   221  N NZ  . LYS A 1 29  ? 5.762   -14.359 -15.666 1.00 28.50 ? 91  LYS A NZ  1 
ATOM   222  N N   . VAL A 1 30  ? 5.210   -7.981  -11.290 1.00 4.97  ? 92  VAL A N   1 
ATOM   223  C CA  . VAL A 1 30  ? 4.975   -6.558  -11.003 1.00 4.72  ? 92  VAL A CA  1 
ATOM   224  C C   . VAL A 1 30  ? 5.161   -5.714  -12.240 1.00 4.85  ? 92  VAL A C   1 
ATOM   225  O O   . VAL A 1 30  ? 6.143   -5.872  -12.984 1.00 5.60  ? 92  VAL A O   1 
ATOM   226  C CB  . VAL A 1 30  ? 5.882   -6.109  -9.856  1.00 4.11  ? 92  VAL A CB  1 
ATOM   227  C CG1 . VAL A 1 30  ? 5.770   -4.600  -9.629  1.00 4.97  ? 92  VAL A CG1 1 
ATOM   228  C CG2 . VAL A 1 30  ? 5.518   -6.905  -8.598  1.00 5.79  ? 92  VAL A CG2 1 
ATOM   229  N N   . THR A 1 31  ? 4.219   -4.786  -12.442 1.00 4.81  ? 93  THR A N   1 
ATOM   230  C CA  . THR A 1 31  ? 4.314   -3.794  -13.505 1.00 5.48  ? 93  THR A CA  1 
ATOM   231  C C   . THR A 1 31  ? 4.427   -2.372  -12.962 1.00 4.47  ? 93  THR A C   1 
ATOM   232  O O   . THR A 1 31  ? 4.959   -1.489  -13.645 1.00 5.52  ? 93  THR A O   1 
ATOM   233  C CB  . THR A 1 31  ? 3.101   -3.896  -14.455 1.00 5.45  ? 93  THR A CB  1 
ATOM   234  O OG1 . THR A 1 31  ? 1.899   -3.743  -13.697 1.00 5.72  ? 93  THR A OG1 1 
ATOM   235  C CG2 . THR A 1 31  ? 3.073   -5.236  -15.165 1.00 7.02  ? 93  THR A CG2 1 
ATOM   236  N N   . HIS A 1 32  ? 3.879   -2.121  -11.776 1.00 3.96  ? 94  HIS A N   1 
ATOM   237  C CA  . HIS A 1 32  ? 3.725   -0.784  -11.183 1.00 4.88  ? 94  HIS A CA  1 
ATOM   238  C C   . HIS A 1 32  ? 4.250   -0.841  -9.769  1.00 3.76  ? 94  HIS A C   1 
ATOM   239  O O   . HIS A 1 32  ? 4.004   -1.829  -9.081  1.00 4.27  ? 94  HIS A O   1 
ATOM   240  C CB  . HIS A 1 32  ? 2.250   -0.347  -11.169 1.00 5.21  ? 94  HIS A CB  1 
ATOM   241  C CG  . HIS A 1 32  ? 1.715   -0.100  -12.537 1.00 5.10  ? 94  HIS A CG  1 
ATOM   242  N ND1 . HIS A 1 32  ? 1.315   1.132   -13.035 1.00 8.98  ? 94  HIS A ND1 1 
ATOM   243  C CD2 . HIS A 1 32  ? 1.536   -0.994  -13.528 1.00 3.68  ? 94  HIS A CD2 1 
ATOM   244  C CE1 . HIS A 1 32  ? 0.969   0.988   -14.309 1.00 4.32  ? 94  HIS A CE1 1 
ATOM   245  N NE2 . HIS A 1 32  ? 1.095   -0.291  -14.622 1.00 9.00  ? 94  HIS A NE2 1 
ATOM   246  N N   . ILE A 1 33  ? 4.929   0.220   -9.348  1.00 4.41  ? 95  ILE A N   1 
ATOM   247  C CA  . ILE A 1 33  ? 5.444   0.281   -7.972  1.00 4.26  ? 95  ILE A CA  1 
ATOM   248  C C   . ILE A 1 33  ? 5.051   1.645   -7.383  1.00 3.87  ? 95  ILE A C   1 
ATOM   249  O O   . ILE A 1 33  ? 5.378   2.696   -7.958  1.00 4.72  ? 95  ILE A O   1 
ATOM   250  C CB  . ILE A 1 33  ? 6.978   0.078   -7.946  1.00 4.21  ? 95  ILE A CB  1 
ATOM   251  C CG1 . ILE A 1 33  ? 7.308   -1.324  -8.495  1.00 4.54  ? 95  ILE A CG1 1 
ATOM   252  C CG2 . ILE A 1 33  ? 7.471   0.240   -6.515  1.00 4.93  ? 95  ILE A CG2 1 
ATOM   253  C CD1 . ILE A 1 33  ? 8.827   -1.619  -8.590  1.00 6.27  ? 95  ILE A CD1 1 
ATOM   254  N N   . LEU A 1 34  ? 4.316   1.585   -6.263  1.00 3.68  ? 96  LEU A N   1 
ATOM   255  C CA  . LEU A 1 34  ? 3.888   2.766   -5.546  1.00 3.44  ? 96  LEU A CA  1 
ATOM   256  C C   . LEU A 1 34  ? 4.723   2.855   -4.260  1.00 4.00  ? 96  LEU A C   1 
ATOM   257  O O   . LEU A 1 34  ? 4.587   2.005   -3.371  1.00 4.24  ? 96  LEU A O   1 
ATOM   258  C CB  . LEU A 1 34  ? 2.396   2.644   -5.194  1.00 4.92  ? 96  LEU A CB  1 
ATOM   259  C CG  . LEU A 1 34  ? 1.810   3.783   -4.372  1.00 5.33  ? 96  LEU A CG  1 
ATOM   260  C CD1 . LEU A 1 34  ? 2.017   5.167   -5.022  1.00 6.78  ? 96  LEU A CD1 1 
ATOM   261  C CD2 . LEU A 1 34  ? 0.343   3.581   -4.050  1.00 5.54  ? 96  LEU A CD2 1 
ATOM   262  N N   . ASN A 1 35  ? 5.608   3.857   -4.193  1.00 4.32  ? 97  ASN A N   1 
ATOM   263  C CA  . ASN A 1 35  ? 6.566   4.027   -3.116  1.00 3.82  ? 97  ASN A CA  1 
ATOM   264  C C   . ASN A 1 35  ? 6.060   5.126   -2.196  1.00 4.10  ? 97  ASN A C   1 
ATOM   265  O O   . ASN A 1 35  ? 6.076   6.327   -2.566  1.00 4.55  ? 97  ASN A O   1 
ATOM   266  C CB  . ASN A 1 35  ? 7.904   4.411   -3.781  1.00 4.77  ? 97  ASN A CB  1 
ATOM   267  C CG  . ASN A 1 35  ? 8.992   4.738   -2.800  1.00 4.30  ? 97  ASN A CG  1 
ATOM   268  O OD1 . ASN A 1 35  ? 8.762   4.833   -1.578  1.00 4.89  ? 97  ASN A OD1 1 
ATOM   269  N ND2 . ASN A 1 35  ? 10.191  4.916   -3.333  1.00 5.21  ? 97  ASN A ND2 1 
ATOM   270  N N   . VAL A 1 36  ? 5.611   4.722   -1.004  1.00 3.79  ? 98  VAL A N   1 
ATOM   271  C CA  . VAL A 1 36  ? 4.993   5.635   -0.048  1.00 4.60  ? 98  VAL A CA  1 
ATOM   272  C C   . VAL A 1 36  ? 5.791   5.711   1.233   1.00 4.56  ? 98  VAL A C   1 
ATOM   273  O O   . VAL A 1 36  ? 5.246   5.918   2.299   1.00 6.47  ? 98  VAL A O   1 
ATOM   274  C CB  . VAL A 1 36  ? 3.499   5.314   0.209   1.00 4.47  ? 98  VAL A CB  1 
ATOM   275  C CG1 . VAL A 1 36  ? 2.701   5.586   -1.035  1.00 7.79  ? 98  VAL A CG1 1 
ATOM   276  C CG2 . VAL A 1 36  ? 3.287   3.894   0.713   1.00 6.85  ? 98  VAL A CG2 1 
ATOM   277  N N   . ALA A 1 37  ? 7.124   5.586   1.123   1.00 6.07  ? 99  ALA A N   1 
ATOM   278  C CA  . ALA A 1 37  ? 8.016   5.924   2.241   1.00 8.02  ? 99  ALA A CA  1 
ATOM   279  C C   . ALA A 1 37  ? 8.560   7.331   2.100   1.00 5.91  ? 99  ALA A C   1 
ATOM   280  O O   . ALA A 1 37  ? 7.931   8.182   1.454   1.00 6.61  ? 99  ALA A O   1 
ATOM   281  C CB  . ALA A 1 37  ? 9.141   4.924   2.400   1.00 11.15 ? 99  ALA A CB  1 
ATOM   282  N N   . TYR A 1 38  ? 9.673   7.628   2.775   1.00 6.57  ? 100 TYR A N   1 
ATOM   283  C CA  . TYR A 1 38  ? 10.409  8.858   2.555   1.00 6.53  ? 100 TYR A CA  1 
ATOM   284  C C   . TYR A 1 38  ? 11.853  8.508   2.209   1.00 6.28  ? 100 TYR A C   1 
ATOM   285  O O   . TYR A 1 38  ? 12.568  7.822   2.951   1.00 7.42  ? 100 TYR A O   1 
ATOM   286  C CB  . TYR A 1 38  ? 10.363  9.784   3.810   1.00 8.44  ? 100 TYR A CB  1 
ATOM   287  C CG  . TYR A 1 38  ? 10.967  11.136  3.518   1.00 9.42  ? 100 TYR A CG  1 
ATOM   288  C CD1 . TYR A 1 38  ? 10.164  12.218  3.152   1.00 9.97  ? 100 TYR A CD1 1 
ATOM   289  C CD2 . TYR A 1 38  ? 12.356  11.302  3.467   1.00 10.27 ? 100 TYR A CD2 1 
ATOM   290  C CE1 . TYR A 1 38  ? 10.748  13.414  2.655   1.00 12.71 ? 100 TYR A CE1 1 
ATOM   291  C CE2 . TYR A 1 38  ? 12.936  12.471  2.981   1.00 14.96 ? 100 TYR A CE2 1 
ATOM   292  C CZ  . TYR A 1 38  ? 12.136  13.509  2.559   1.00 14.51 ? 100 TYR A CZ  1 
ATOM   293  O OH  . TYR A 1 38  ? 12.751  14.669  2.130   1.00 17.89 ? 100 TYR A OH  1 
ATOM   294  N N   . GLY A 1 39  ? 12.297  8.953   1.038   1.00 6.35  ? 101 GLY A N   1 
ATOM   295  C CA  . GLY A 1 39  ? 13.703  8.821   0.676   1.00 6.82  ? 101 GLY A CA  1 
ATOM   296  C C   . GLY A 1 39  ? 14.127  7.430   0.243   1.00 5.35  ? 101 GLY A C   1 
ATOM   297  O O   . GLY A 1 39  ? 15.329  7.175   0.177   1.00 7.59  ? 101 GLY A O   1 
ATOM   298  N N   . VAL A 1 40  ? 13.215  6.518   -0.061  1.00 5.19  ? 102 VAL A N   1 
ATOM   299  C CA  . VAL A 1 40  ? 13.594  5.217   -0.603  1.00 5.72  ? 102 VAL A CA  1 
ATOM   300  C C   . VAL A 1 40  ? 13.795  5.320   -2.111  1.00 5.40  ? 102 VAL A C   1 
ATOM   301  O O   . VAL A 1 40  ? 12.917  5.811   -2.809  1.00 6.37  ? 102 VAL A O   1 
ATOM   302  C CB  . VAL A 1 40  ? 12.540  4.142   -0.282  1.00 5.64  ? 102 VAL A CB  1 
ATOM   303  C CG1 . VAL A 1 40  ? 12.900  2.843   -0.970  1.00 6.57  ? 102 VAL A CG1 1 
ATOM   304  C CG2 . VAL A 1 40  ? 12.497  3.880   1.207   1.00 6.41  ? 102 VAL A CG2 1 
ATOM   305  N N   . GLU A 1 41  ? 14.937  4.888   -2.628  1.00 5.99  ? 103 GLU A N   1 
ATOM   306  C CA  . GLU A 1 41  ? 15.182  5.009   -4.059  1.00 6.26  ? 103 GLU A CA  1 
ATOM   307  C C   . GLU A 1 41  ? 14.301  4.073   -4.868  1.00 6.08  ? 103 GLU A C   1 
ATOM   308  O O   . GLU A 1 41  ? 14.028  2.928   -4.475  1.00 6.86  ? 103 GLU A O   1 
ATOM   309  C CB  . GLU A 1 41  ? 16.619  4.709   -4.385  1.00 7.55  ? 103 GLU A CB  1 
ATOM   310  C CG  . GLU A 1 41  ? 17.594  5.743   -3.885  1.00 8.30  ? 103 GLU A CG  1 
ATOM   311  C CD  . GLU A 1 41  ? 19.003  5.353   -4.304  1.00 8.88  ? 103 GLU A CD  1 
ATOM   312  O OE1 . GLU A 1 41  ? 19.846  4.901   -3.465  1.00 11.74 ? 103 GLU A OE1 1 
ATOM   313  O OE2 . GLU A 1 41  ? 19.267  5.461   -5.518  1.00 8.97  ? 103 GLU A OE2 1 
ATOM   314  N N   . ASN A 1 42  ? 13.927  4.513   -6.054  1.00 5.10  ? 104 ASN A N   1 
ATOM   315  C CA  . ASN A 1 42  ? 13.304  3.678   -7.063  1.00 6.00  ? 104 ASN A CA  1 
ATOM   316  C C   . ASN A 1 42  ? 14.420  3.079   -7.911  1.00 5.92  ? 104 ASN A C   1 
ATOM   317  O O   . ASN A 1 42  ? 15.123  3.819   -8.623  1.00 6.69  ? 104 ASN A O   1 
ATOM   318  C CB  . ASN A 1 42  ? 12.339  4.531   -7.879  1.00 6.62  ? 104 ASN A CB  1 
ATOM   319  C CG  . ASN A 1 42  ? 11.167  4.982   -7.046  1.00 5.66  ? 104 ASN A CG  1 
ATOM   320  O OD1 . ASN A 1 42  ? 10.754  4.322   -6.099  1.00 5.75  ? 104 ASN A OD1 1 
ATOM   321  N ND2 . ASN A 1 42  ? 10.625  6.123   -7.390  1.00 10.76 ? 104 ASN A ND2 1 
ATOM   322  N N   . ALA A 1 43  ? 14.673  1.781   -7.743  1.00 5.80  ? 105 ALA A N   1 
ATOM   323  C CA  . ALA A 1 43  ? 15.897  1.168   -8.184  1.00 5.67  ? 105 ALA A CA  1 
ATOM   324  C C   . ALA A 1 43  ? 15.928  0.759   -9.651  1.00 5.70  ? 105 ALA A C   1 
ATOM   325  O O   . ALA A 1 43  ? 17.014  0.568   -10.214 1.00 6.65  ? 105 ALA A O   1 
ATOM   326  C CB  . ALA A 1 43  ? 16.220  -0.054  -7.319  1.00 8.66  ? 105 ALA A CB  1 
ATOM   327  N N   . PHE A 1 44  ? 14.771  0.586   -10.272 1.00 5.16  ? 106 PHE A N   1 
ATOM   328  C CA  . PHE A 1 44  ? 14.697  -0.049  -11.589 1.00 6.20  ? 106 PHE A CA  1 
ATOM   329  C C   . PHE A 1 44  ? 13.848  0.789   -12.536 1.00 5.60  ? 106 PHE A C   1 
ATOM   330  O O   . PHE A 1 44  ? 12.800  0.350   -13.028 1.00 6.04  ? 106 PHE A O   1 
ATOM   331  C CB  . PHE A 1 44  ? 14.137  -1.486  -11.465 1.00 5.36  ? 106 PHE A CB  1 
ATOM   332  C CG  . PHE A 1 44  ? 14.816  -2.308  -10.388 1.00 5.35  ? 106 PHE A CG  1 
ATOM   333  C CD1 . PHE A 1 44  ? 16.174  -2.625  -10.484 1.00 5.26  ? 106 PHE A CD1 1 
ATOM   334  C CD2 . PHE A 1 44  ? 14.095  -2.725  -9.251  1.00 4.50  ? 106 PHE A CD2 1 
ATOM   335  C CE1 . PHE A 1 44  ? 16.800  -3.302  -9.448  1.00 5.10  ? 106 PHE A CE1 1 
ATOM   336  C CE2 . PHE A 1 44  ? 14.706  -3.424  -8.235  1.00 5.16  ? 106 PHE A CE2 1 
ATOM   337  C CZ  . PHE A 1 44  ? 16.056  -3.751  -8.325  1.00 5.02  ? 106 PHE A CZ  1 
ATOM   338  N N   . LEU A 1 45  ? 14.304  2.015   -12.777 1.00 6.96  ? 107 LEU A N   1 
ATOM   339  C CA  . LEU A 1 45  ? 13.488  3.047   -13.385 1.00 9.45  ? 107 LEU A CA  1 
ATOM   340  C C   . LEU A 1 45  ? 12.985  2.640   -14.749 1.00 8.59  ? 107 LEU A C   1 
ATOM   341  O O   . LEU A 1 45  ? 11.884  3.064   -15.101 1.00 11.98 ? 107 LEU A O   1 
ATOM   342  C CB  . LEU A 1 45  ? 14.275  4.349   -13.502 1.00 10.23 ? 107 LEU A CB  1 
ATOM   343  C CG  . LEU A 1 45  ? 14.662  4.982   -12.175 1.00 10.41 ? 107 LEU A CG  1 
ATOM   344  C CD1 . LEU A 1 45  ? 15.727  6.075   -12.364 1.00 14.33 ? 107 LEU A CD1 1 
ATOM   345  C CD2 . LEU A 1 45  ? 13.422  5.550   -11.506 1.00 12.37 ? 107 LEU A CD2 1 
ATOM   346  N N   . SER A 1 46  ? 13.733  1.848   -15.522 1.00 8.59  ? 108 SER A N   1 
ATOM   347  C CA  . SER A 1 46  ? 13.276  1.497   -16.869 1.00 11.41 ? 108 SER A CA  1 
ATOM   348  C C   . SER A 1 46  ? 12.367  0.281   -16.910 1.00 9.94  ? 108 SER A C   1 
ATOM   349  O O   . SER A 1 46  ? 11.853  -0.081  -17.980 1.00 13.07 ? 108 SER A O   1 
ATOM   350  C CB  . SER A 1 46  ? 14.456  1.277   -17.819 1.00 13.33 ? 108 SER A CB  1 
ATOM   351  O OG  . SER A 1 46  ? 15.183  0.118   -17.515 1.00 21.39 ? 108 SER A OG  1 
ATOM   352  N N   . ASP A 1 47  ? 12.215  -0.388  -15.769 1.00 7.77  ? 109 ASP A N   1 
ATOM   353  C CA  . ASP A 1 47  ? 11.599  -1.695  -15.741 1.00 8.30  ? 109 ASP A CA  1 
ATOM   354  C C   . ASP A 1 47  ? 10.135  -1.723  -15.276 1.00 6.95  ? 109 ASP A C   1 
ATOM   355  O O   . ASP A 1 47  ? 9.445   -2.722  -15.435 1.00 8.29  ? 109 ASP A O   1 
ATOM   356  C CB  . ASP A 1 47  ? 12.429  -2.660  -14.872 1.00 8.11  ? 109 ASP A CB  1 
ATOM   357  C CG  . ASP A 1 47  ? 13.838  -2.867  -15.409 1.00 14.19 ? 109 ASP A CG  1 
ATOM   358  O OD1 . ASP A 1 47  ? 14.044  -2.839  -16.642 1.00 20.17 ? 109 ASP A OD1 1 
ATOM   359  O OD2 . ASP A 1 47  ? 14.755  -3.008  -14.580 1.00 22.96 ? 109 ASP A OD2 1 
ATOM   360  N N   . PHE A 1 48  ? 9.722   -0.654  -14.602 1.00 5.87  ? 110 PHE A N   1 
ATOM   361  C CA  . PHE A 1 48  ? 8.409   -0.585  -13.947 1.00 5.87  ? 110 PHE A CA  1 
ATOM   362  C C   . PHE A 1 48  ? 7.883   0.820   -14.120 1.00 5.64  ? 110 PHE A C   1 
ATOM   363  O O   . PHE A 1 48  ? 8.649   1.760   -14.326 1.00 6.15  ? 110 PHE A O   1 
ATOM   364  C CB  . PHE A 1 48  ? 8.469   -0.931  -12.445 1.00 6.78  ? 110 PHE A CB  1 
ATOM   365  C CG  . PHE A 1 48  ? 9.097   -2.258  -12.155 1.00 5.30  ? 110 PHE A CG  1 
ATOM   366  C CD1 . PHE A 1 48  ? 10.449  -2.343  -11.852 1.00 5.97  ? 110 PHE A CD1 1 
ATOM   367  C CD2 . PHE A 1 48  ? 8.375   -3.430  -12.309 1.00 6.69  ? 110 PHE A CD2 1 
ATOM   368  C CE1 . PHE A 1 48  ? 11.073  -3.568  -11.684 1.00 5.93  ? 110 PHE A CE1 1 
ATOM   369  C CE2 . PHE A 1 48  ? 8.983   -4.662  -12.109 1.00 6.86  ? 110 PHE A CE2 1 
ATOM   370  C CZ  . PHE A 1 48  ? 10.366  -4.739  -11.835 1.00 6.89  ? 110 PHE A CZ  1 
ATOM   371  N N   . THR A 1 49  ? 6.566   0.957   -13.984 1.00 5.15  ? 111 THR A N   1 
ATOM   372  C CA  . THR A 1 49  ? 5.954   2.295   -13.864 1.00 5.05  ? 111 THR A CA  1 
ATOM   373  C C   . THR A 1 49  ? 5.946   2.624   -12.368 1.00 4.19  ? 111 THR A C   1 
ATOM   374  O O   . THR A 1 49  ? 5.320   1.888   -11.576 1.00 5.52  ? 111 THR A O   1 
ATOM   375  C CB  . THR A 1 49  ? 4.532   2.261   -14.449 1.00 6.09  ? 111 THR A CB  1 
ATOM   376  O OG1 . THR A 1 49  ? 4.579   1.920   -15.838 1.00 8.04  ? 111 THR A OG1 1 
ATOM   377  C CG2 . THR A 1 49  ? 3.840   3.601   -14.294 1.00 6.84  ? 111 THR A CG2 1 
ATOM   378  N N   . TYR A 1 50  ? 6.561   3.736   -12.000 1.00 4.33  ? 112 TYR A N   1 
ATOM   379  C CA  . TYR A 1 50  ? 6.677   4.165   -10.614 1.00 4.41  ? 112 TYR A CA  1 
ATOM   380  C C   . TYR A 1 50  ? 5.787   5.349   -10.302 1.00 4.76  ? 112 TYR A C   1 
ATOM   381  O O   . TYR A 1 50  ? 5.606   6.251   -11.140 1.00 5.86  ? 112 TYR A O   1 
ATOM   382  C CB  . TYR A 1 50  ? 8.127   4.576   -10.293 1.00 5.77  ? 112 TYR A CB  1 
ATOM   383  C CG  . TYR A 1 50  ? 9.087   3.438   -10.071 1.00 4.77  ? 112 TYR A CG  1 
ATOM   384  C CD1 . TYR A 1 50  ? 9.244   2.909   -8.818  1.00 5.00  ? 112 TYR A CD1 1 
ATOM   385  C CD2 . TYR A 1 50  ? 9.815   2.899   -11.117 1.00 5.11  ? 112 TYR A CD2 1 
ATOM   386  C CE1 . TYR A 1 50  ? 10.127  1.874   -8.564  1.00 4.67  ? 112 TYR A CE1 1 
ATOM   387  C CE2 . TYR A 1 50  ? 10.713  1.872   -10.896 1.00 4.96  ? 112 TYR A CE2 1 
ATOM   388  C CZ  . TYR A 1 50  ? 10.901  1.386   -9.613  1.00 5.32  ? 112 TYR A CZ  1 
ATOM   389  O OH  . TYR A 1 50  ? 11.861  0.422   -9.379  1.00 5.05  ? 112 TYR A OH  1 
ATOM   390  N N   . LYS A 1 51  ? 5.318   5.427   -9.073  1.00 4.30  ? 113 LYS A N   1 
ATOM   391  C CA  . LYS A 1 51  ? 4.798   6.661   -8.514  1.00 4.86  ? 113 LYS A CA  1 
ATOM   392  C C   . LYS A 1 51  ? 5.305   6.748   -7.096  1.00 4.75  ? 113 LYS A C   1 
ATOM   393  O O   . LYS A 1 51  ? 5.238   5.758   -6.350  1.00 5.72  ? 113 LYS A O   1 
ATOM   394  C CB  . LYS A 1 51  ? 3.265   6.677   -8.503  1.00 6.31  ? 113 LYS A CB  1 
ATOM   395  C CG  . LYS A 1 51  ? 2.680   8.038   -8.095  1.00 7.74  ? 113 LYS A CG  1 
ATOM   396  C CD  . LYS A 1 51  ? 1.175   8.147   -8.377  1.00 8.04  ? 113 LYS A CD  1 
ATOM   397  C CE  . LYS A 1 51  ? 0.655   9.589   -8.175  1.00 7.17  ? 113 LYS A CE  1 
ATOM   398  N NZ  . LYS A 1 51  ? -0.827  9.638   -8.408  1.00 7.39  ? 113 LYS A NZ  1 
ATOM   399  N N   . SER A 1 52  ? 5.784   7.923   -6.692  1.00 5.04  ? 114 SER A N   1 
ATOM   400  C CA  . SER A 1 52  ? 6.320   8.115   -5.337  1.00 5.58  ? 114 SER A CA  1 
ATOM   401  C C   . SER A 1 52  ? 5.590   9.209   -4.621  1.00 5.43  ? 114 SER A C   1 
ATOM   402  O O   . SER A 1 52  ? 5.416   10.306  -5.187  1.00 7.14  ? 114 SER A O   1 
ATOM   403  C CB  . SER A 1 52  ? 7.798   8.486   -5.413  1.00 7.41  ? 114 SER A CB  1 
ATOM   404  O OG  . SER A 1 52  ? 8.483   7.445   -6.094  1.00 10.57 ? 114 SER A OG  1 
ATOM   405  N N   . ILE A 1 53  ? 5.156   8.941   -3.391  1.00 5.41  ? 115 ILE A N   1 
ATOM   406  C CA  . ILE A 1 53  ? 4.472   9.943   -2.585  1.00 6.62  ? 115 ILE A CA  1 
ATOM   407  C C   . ILE A 1 53  ? 5.109   9.926   -1.208  1.00 6.07  ? 115 ILE A C   1 
ATOM   408  O O   . ILE A 1 53  ? 5.107   8.888   -0.539  1.00 7.09  ? 115 ILE A O   1 
ATOM   409  C CB  . ILE A 1 53  ? 2.977   9.600   -2.468  1.00 8.28  ? 115 ILE A CB  1 
ATOM   410  C CG1 . ILE A 1 53  ? 2.308   9.636   -3.849  1.00 10.28 ? 115 ILE A CG1 1 
ATOM   411  C CG2 . ILE A 1 53  ? 2.264   10.511  -1.478  1.00 11.94 ? 115 ILE A CG2 1 
ATOM   412  C CD1 . ILE A 1 53  ? 0.980   9.047   -3.821  1.00 13.52 ? 115 ILE A CD1 1 
ATOM   413  N N   . SER A 1 54  ? 5.778   11.008  -0.841  1.00 6.53  ? 116 SER A N   1 
ATOM   414  C CA  . SER A 1 54  ? 6.523   11.069  0.398   1.00 6.53  ? 116 SER A CA  1 
ATOM   415  C C   . SER A 1 54  ? 5.566   11.038  1.568   1.00 6.26  ? 116 SER A C   1 
ATOM   416  O O   . SER A 1 54  ? 4.714   11.932  1.670   1.00 7.92  ? 116 SER A O   1 
ATOM   417  C CB  . SER A 1 54  ? 7.326   12.366  0.511   1.00 10.84 ? 116 SER A CB  1 
ATOM   418  O OG  . SER A 1 54  ? 8.348   12.432  -0.456  1.00 12.91 ? 116 SER A OG  1 
ATOM   419  N N   . ILE A 1 55  ? 5.790   10.141  2.522   1.00 5.35  ? 117 ILE A N   1 
ATOM   420  C CA  . ILE A 1 55  ? 4.956   10.063  3.738   1.00 5.53  ? 117 ILE A CA  1 
ATOM   421  C C   . ILE A 1 55  ? 5.881   9.756   4.895   1.00 4.24  ? 117 ILE A C   1 
ATOM   422  O O   . ILE A 1 55  ? 6.777   8.919   4.787   1.00 4.39  ? 117 ILE A O   1 
ATOM   423  C CB  . ILE A 1 55  ? 3.890   8.957   3.632   1.00 5.23  ? 117 ILE A CB  1 
ATOM   424  C CG1 . ILE A 1 55  ? 3.041   9.087   2.353   1.00 6.14  ? 117 ILE A CG1 1 
ATOM   425  C CG2 . ILE A 1 55  ? 3.025   8.965   4.890   1.00 5.10  ? 117 ILE A CG2 1 
ATOM   426  C CD1 . ILE A 1 55  ? 1.851   8.124   2.255   1.00 6.30  ? 117 ILE A CD1 1 
ATOM   427  N N   . LEU A 1 56  ? 5.665   10.439  6.015   1.00 4.40  ? 118 LEU A N   1 
ATOM   428  C CA  . LEU A 1 56  ? 6.360   10.149  7.272   1.00 4.61  ? 118 LEU A CA  1 
ATOM   429  C C   . LEU A 1 56  ? 5.512   9.281   8.194   1.00 4.60  ? 118 LEU A C   1 
ATOM   430  O O   . LEU A 1 56  ? 4.293   9.505   8.318   1.00 5.69  ? 118 LEU A O   1 
ATOM   431  C CB  . LEU A 1 56  ? 6.699   11.451  8.021   1.00 5.68  ? 118 LEU A CB  1 
ATOM   432  C CG  . LEU A 1 56  ? 7.512   12.481  7.255   1.00 5.99  ? 118 LEU A CG  1 
ATOM   433  C CD1 . LEU A 1 56  ? 7.786   13.701  8.132   1.00 7.36  ? 118 LEU A CD1 1 
ATOM   434  C CD2 . LEU A 1 56  ? 8.794   11.898  6.696   1.00 7.40  ? 118 LEU A CD2 1 
ATOM   435  N N   . ASP A 1 57  ? 6.119   8.266   8.771   1.00 4.53  ? 119 ASP A N   1 
ATOM   436  C CA  . ASP A 1 57  ? 5.396   7.340   9.633   1.00 4.85  ? 119 ASP A CA  1 
ATOM   437  C C   . ASP A 1 57  ? 5.284   7.921   11.028  1.00 4.34  ? 119 ASP A C   1 
ATOM   438  O O   . ASP A 1 57  ? 5.946   7.470   11.969  1.00 5.64  ? 119 ASP A O   1 
ATOM   439  C CB  . ASP A 1 57  ? 6.075   5.981   9.673   1.00 4.17  ? 119 ASP A CB  1 
ATOM   440  C CG  . ASP A 1 57  ? 5.293   4.999   10.515  1.00 4.75  ? 119 ASP A CG  1 
ATOM   441  O OD1 . ASP A 1 57  ? 4.049   5.127   10.540  1.00 5.28  ? 119 ASP A OD1 1 
ATOM   442  O OD2 . ASP A 1 57  ? 5.882   4.046   11.106  1.00 5.37  ? 119 ASP A OD2 1 
ATOM   443  N N   . LEU A 1 58  ? 4.402   8.895   11.197  1.00 4.95  ? 120 LEU A N   1 
ATOM   444  C CA  . LEU A 1 58  ? 4.230   9.601   12.479  1.00 5.34  ? 120 LEU A CA  1 
ATOM   445  C C   . LEU A 1 58  ? 2.727   9.648   12.732  1.00 5.19  ? 120 LEU A C   1 
ATOM   446  O O   . LEU A 1 58  ? 1.931   9.759   11.790  1.00 5.15  ? 120 LEU A O   1 
ATOM   447  C CB  . LEU A 1 58  ? 4.719   11.043  12.378  1.00 5.81  ? 120 LEU A CB  1 
ATOM   448  C CG  . LEU A 1 58  ? 6.221   11.183  12.104  1.00 7.11  ? 120 LEU A CG  1 
ATOM   449  C CD1 . LEU A 1 58  ? 6.521   12.626  11.652  1.00 8.73  ? 120 LEU A CD1 1 
ATOM   450  C CD2 . LEU A 1 58  ? 7.094   10.722  13.257  1.00 8.84  ? 120 LEU A CD2 1 
ATOM   451  N N   . PRO A 1 59  ? 2.323   9.605   14.013  1.00 5.43  ? 121 PRO A N   1 
ATOM   452  C CA  . PRO A 1 59  ? 0.879   9.591   14.281  1.00 6.47  ? 121 PRO A CA  1 
ATOM   453  C C   . PRO A 1 59  ? 0.226   10.906  13.860  1.00 6.09  ? 121 PRO A C   1 
ATOM   454  O O   . PRO A 1 59  ? -0.994  10.921  13.625  1.00 8.52  ? 121 PRO A O   1 
ATOM   455  C CB  . PRO A 1 59  ? 0.810   9.386   15.807  1.00 6.40  ? 121 PRO A CB  1 
ATOM   456  C CG  . PRO A 1 59  ? 2.201   9.841   16.342  1.00 8.34  ? 121 PRO A CG  1 
ATOM   457  C CD  . PRO A 1 59  ? 3.130   9.386   15.234  1.00 7.22  ? 121 PRO A CD  1 
ATOM   458  N N   . GLU A 1 60  ? 0.989   11.997  13.779  1.00 5.92  ? 122 GLU A N   1 
ATOM   459  C CA  . GLU A 1 60  ? 0.406   13.273  13.342  1.00 8.08  ? 122 GLU A CA  1 
ATOM   460  C C   . GLU A 1 60  ? 0.299   13.379  11.833  1.00 7.11  ? 122 GLU A C   1 
ATOM   461  O O   . GLU A 1 60  ? -0.343  14.289  11.359  1.00 6.86  ? 122 GLU A O   1 
ATOM   462  C CB  . GLU A 1 60  ? 1.220   14.502  13.804  1.00 12.52 ? 122 GLU A CB  1 
ATOM   463  C CG  . GLU A 1 60  ? 1.767   14.712  15.226  1.00 15.60 ? 122 GLU A CG  1 
ATOM   464  C CD  . GLU A 1 60  ? 2.791   13.713  15.794  1.00 17.70 ? 122 GLU A CD  1 
ATOM   465  O OE1 . GLU A 1 60  ? 3.428   12.931  15.060  1.00 10.40 ? 122 GLU A OE1 1 
ATOM   466  O OE2 . GLU A 1 60  ? 3.057   13.802  17.023  1.00 21.04 ? 122 GLU A OE2 1 
ATOM   467  N N   . THR A 1 61  ? 0.889   12.455  11.056  1.00 5.39  ? 123 THR A N   1 
ATOM   468  C CA  . THR A 1 61  ? 0.636   12.428  9.636   1.00 5.55  ? 123 THR A CA  1 
ATOM   469  C C   . THR A 1 61  ? -0.792  12.025  9.364   1.00 5.62  ? 123 THR A C   1 
ATOM   470  O O   . THR A 1 61  ? -1.274  11.045  9.941   1.00 6.03  ? 123 THR A O   1 
ATOM   471  C CB  . THR A 1 61  ? 1.575   11.416  8.956   1.00 5.02  ? 123 THR A CB  1 
ATOM   472  O OG1 . THR A 1 61  ? 2.918   11.891  9.140   1.00 6.12  ? 123 THR A OG1 1 
ATOM   473  C CG2 . THR A 1 61  ? 1.262   11.240  7.499   1.00 6.40  ? 123 THR A CG2 1 
ATOM   474  N N   . ASN A 1 62  ? -1.468  12.769  8.500   1.00 5.44  ? 124 ASN A N   1 
ATOM   475  C CA  . ASN A 1 62  ? -2.828  12.453  8.093   1.00 5.54  ? 124 ASN A CA  1 
ATOM   476  C C   . ASN A 1 62  ? -2.800  11.513  6.906   1.00 4.45  ? 124 ASN A C   1 
ATOM   477  O O   . ASN A 1 62  ? -2.669  11.937  5.782   1.00 5.07  ? 124 ASN A O   1 
ATOM   478  C CB  . ASN A 1 62  ? -3.589  13.738  7.762   1.00 6.42  ? 124 ASN A CB  1 
ATOM   479  C CG  . ASN A 1 62  ? -5.039  13.456  7.448   1.00 6.43  ? 124 ASN A CG  1 
ATOM   480  O OD1 . ASN A 1 62  ? -5.493  12.319  7.610   1.00 6.98  ? 124 ASN A OD1 1 
ATOM   481  N ND2 . ASN A 1 62  ? -5.767  14.462  6.983   1.00 10.10 ? 124 ASN A ND2 1 
ATOM   482  N N   . ILE A 1 63  ? -2.866  10.202  7.173   1.00 4.85  ? 125 ILE A N   1 
ATOM   483  C CA  . ILE A 1 63  ? -2.746  9.235   6.075   1.00 4.63  ? 125 ILE A CA  1 
ATOM   484  C C   . ILE A 1 63  ? -3.867  9.452   5.047   1.00 4.97  ? 125 ILE A C   1 
ATOM   485  O O   . ILE A 1 63  ? -3.669  9.208   3.856   1.00 5.23  ? 125 ILE A O   1 
ATOM   486  C CB  . ILE A 1 63  ? -2.669  7.777   6.580   1.00 5.11  ? 125 ILE A CB  1 
ATOM   487  C CG1 . ILE A 1 63  ? -2.075  6.881   5.488   1.00 5.56  ? 125 ILE A CG1 1 
ATOM   488  C CG2 . ILE A 1 63  ? -4.060  7.213   6.946   1.00 7.40  ? 125 ILE A CG2 1 
ATOM   489  C CD1 . ILE A 1 63  ? -0.566  7.025   5.359   1.00 7.56  ? 125 ILE A CD1 1 
ATOM   490  N N   . LEU A 1 64  ? -5.022  9.932   5.512   1.00 5.58  ? 126 LEU A N   1 
ATOM   491  C CA  . LEU A 1 64  ? -6.188  10.101  4.629   1.00 6.13  ? 126 LEU A CA  1 
ATOM   492  C C   . LEU A 1 64  ? -5.874  11.080  3.513   1.00 5.45  ? 126 LEU A C   1 
ATOM   493  O O   . LEU A 1 64  ? -6.468  10.992  2.445   1.00 7.01  ? 126 LEU A O   1 
ATOM   494  C CB  . LEU A 1 64  ? -7.377  10.618  5.424   1.00 7.07  ? 126 LEU A CB  1 
ATOM   495  C CG  . LEU A 1 64  ? -7.713  9.847   6.712   1.00 6.64  ? 126 LEU A CG  1 
ATOM   496  C CD1 . LEU A 1 64  ? -8.952  10.461  7.394   1.00 9.07  ? 126 LEU A CD1 1 
ATOM   497  C CD2 . LEU A 1 64  ? -7.912  8.350   6.509   1.00 6.85  ? 126 LEU A CD2 1 
ATOM   498  N N   . SER A 1 65  ? -4.965  12.012  3.763   1.00 5.36  ? 127 SER A N   1 
ATOM   499  C CA  . SER A 1 65  ? -4.675  13.051  2.800   1.00 7.16  ? 127 SER A CA  1 
ATOM   500  C C   . SER A 1 65  ? -3.949  12.521  1.559   1.00 7.14  ? 127 SER A C   1 
ATOM   501  O O   . SER A 1 65  ? -3.883  13.200  0.538   1.00 9.59  ? 127 SER A O   1 
ATOM   502  C CB  . SER A 1 65  ? -3.910  14.182  3.477   1.00 9.26  ? 127 SER A CB  1 
ATOM   503  O OG  . SER A 1 65  ? -2.596  13.829  3.723   1.00 10.65 ? 127 SER A OG  1 
ATOM   504  N N   . TYR A 1 66  ? -3.365  11.327  1.631   1.00 5.82  ? 128 TYR A N   1 
ATOM   505  C CA  . TYR A 1 66  ? -2.609  10.761  0.503   1.00 5.36  ? 128 TYR A CA  1 
ATOM   506  C C   . TYR A 1 66  ? -3.431  9.805   -0.331  1.00 5.86  ? 128 TYR A C   1 
ATOM   507  O O   . TYR A 1 66  ? -2.954  9.277   -1.338  1.00 5.78  ? 128 TYR A O   1 
ATOM   508  C CB  . TYR A 1 66  ? -1.320  10.055  1.002   1.00 5.77  ? 128 TYR A CB  1 
ATOM   509  C CG  . TYR A 1 66  ? -0.453  10.970  1.842   1.00 6.02  ? 128 TYR A CG  1 
ATOM   510  C CD1 . TYR A 1 66  ? 0.370   11.934  1.286   1.00 7.68  ? 128 TYR A CD1 1 
ATOM   511  C CD2 . TYR A 1 66  ? -0.539  10.911  3.217   1.00 6.83  ? 128 TYR A CD2 1 
ATOM   512  C CE1 . TYR A 1 66  ? 1.092   12.812  2.104   1.00 7.45  ? 128 TYR A CE1 1 
ATOM   513  C CE2 . TYR A 1 66  ? 0.201   11.732  4.022   1.00 7.62  ? 128 TYR A CE2 1 
ATOM   514  C CZ  . TYR A 1 66  ? 0.988   12.689  3.468   1.00 7.63  ? 128 TYR A CZ  1 
ATOM   515  O OH  . TYR A 1 66  ? 1.660   13.503  4.338   1.00 10.60 ? 128 TYR A OH  1 
ATOM   516  N N   . PHE A 1 67  ? -4.691  9.603   0.061   1.00 5.21  ? 129 PHE A N   1 
ATOM   517  C CA  . PHE A 1 67  ? -5.453  8.541   -0.528  1.00 5.53  ? 129 PHE A CA  1 
ATOM   518  C C   . PHE A 1 67  ? -5.725  8.735   -2.035  1.00 5.86  ? 129 PHE A C   1 
ATOM   519  O O   . PHE A 1 67  ? -5.483  7.802   -2.803  1.00 6.23  ? 129 PHE A O   1 
ATOM   520  C CB  . PHE A 1 67  ? -6.759  8.345   0.246   1.00 6.81  ? 129 PHE A CB  1 
ATOM   521  C CG  . PHE A 1 67  ? -6.622  7.594   1.541   1.00 5.12  ? 129 PHE A CG  1 
ATOM   522  C CD1 . PHE A 1 67  ? -5.402  7.100   2.006   1.00 6.11  ? 129 PHE A CD1 1 
ATOM   523  C CD2 . PHE A 1 67  ? -7.772  7.345   2.251   1.00 6.98  ? 129 PHE A CD2 1 
ATOM   524  C CE1 . PHE A 1 67  ? -5.381  6.325   3.156   1.00 6.59  ? 129 PHE A CE1 1 
ATOM   525  C CE2 . PHE A 1 67  ? -7.765  6.563   3.408   1.00 6.39  ? 129 PHE A CE2 1 
ATOM   526  C CZ  . PHE A 1 67  ? -6.573  6.048   3.856   1.00 6.16  ? 129 PHE A CZ  1 
ATOM   527  N N   . PRO A 1 68  ? -6.207  9.906   -2.492  1.00 5.58  ? 130 PRO A N   1 
ATOM   528  C CA  . PRO A 1 68  ? -6.586  9.931   -3.926  1.00 6.73  ? 130 PRO A CA  1 
ATOM   529  C C   . PRO A 1 68  ? -5.384  9.690   -4.856  1.00 5.61  ? 130 PRO A C   1 
ATOM   530  O O   . PRO A 1 68  ? -5.495  8.988   -5.843  1.00 6.03  ? 130 PRO A O   1 
ATOM   531  C CB  . PRO A 1 68  ? -7.180  11.334  -4.114  1.00 8.73  ? 130 PRO A CB  1 
ATOM   532  C CG  . PRO A 1 68  ? -7.317  11.918  -2.786  1.00 8.82  ? 130 PRO A CG  1 
ATOM   533  C CD  . PRO A 1 68  ? -6.646  11.106  -1.744  1.00 6.62  ? 130 PRO A CD  1 
ATOM   534  N N   . GLU A 1 69  ? -4.223  10.209  -4.490  1.00 5.70  ? 131 GLU A N   1 
ATOM   535  C CA  . GLU A 1 69  ? -3.015  10.030  -5.323  1.00 5.56  ? 131 GLU A CA  1 
ATOM   536  C C   . GLU A 1 69  ? -2.559  8.581   -5.353  1.00 4.97  ? 131 GLU A C   1 
ATOM   537  O O   . GLU A 1 69  ? -2.116  8.093   -6.395  1.00 6.17  ? 131 GLU A O   1 
ATOM   538  C CB  . GLU A 1 69  ? -1.885  10.917  -4.842  1.00 9.09  ? 131 GLU A CB  1 
ATOM   539  C CG  . GLU A 1 69  ? -2.174  12.373  -4.986  1.00 13.16 ? 131 GLU A CG  1 
ATOM   540  C CD  . GLU A 1 69  ? -3.030  12.969  -3.855  1.00 15.40 ? 131 GLU A CD  1 
ATOM   541  O OE1 . GLU A 1 69  ? -3.331  12.354  -2.783  1.00 13.14 ? 131 GLU A OE1 1 
ATOM   542  O OE2 . GLU A 1 69  ? -3.394  14.153  -4.073  1.00 21.60 ? 131 GLU A OE2 1 
ATOM   543  N N   . CYS A 1 70  ? -2.697  7.898   -4.217  1.00 4.91  ? 132 CYS A N   1 
ATOM   544  C CA  . CYS A 1 70  ? -2.340  6.489   -4.162  1.00 4.73  ? 132 CYS A CA  1 
ATOM   545  C C   . CYS A 1 70  ? -3.353  5.615   -4.846  1.00 4.71  ? 132 CYS A C   1 
ATOM   546  O O   . CYS A 1 70  ? -2.997  4.739   -5.635  1.00 4.62  ? 132 CYS A O   1 
ATOM   547  C CB  . CYS A 1 70  ? -2.217  6.038   -2.717  1.00 5.05  ? 132 CYS A CB  1 
ATOM   548  S SG  . CYS A 1 70  ? -0.779  6.752   -1.851  1.00 6.30  ? 132 CYS A SG  1 
ATOM   549  N N   . PHE A 1 71  ? -4.650  5.834   -4.567  1.00 4.72  ? 133 PHE A N   1 
ATOM   550  C CA  . PHE A 1 71  ? -5.655  4.904   -5.030  1.00 4.96  ? 133 PHE A CA  1 
ATOM   551  C C   . PHE A 1 71  ? -5.802  4.964   -6.545  1.00 5.38  ? 133 PHE A C   1 
ATOM   552  O O   . PHE A 1 71  ? -6.039  3.936   -7.171  1.00 5.44  ? 133 PHE A O   1 
ATOM   553  C CB  . PHE A 1 71  ? -7.008  5.183   -4.379  1.00 5.95  ? 133 PHE A CB  1 
ATOM   554  C CG  . PHE A 1 71  ? -7.034  5.052   -2.880  1.00 5.14  ? 133 PHE A CG  1 
ATOM   555  C CD1 . PHE A 1 71  ? -8.172  5.480   -2.186  1.00 6.46  ? 133 PHE A CD1 1 
ATOM   556  C CD2 . PHE A 1 71  ? -5.972  4.531   -2.164  1.00 6.10  ? 133 PHE A CD2 1 
ATOM   557  C CE1 . PHE A 1 71  ? -8.225  5.403   -0.780  1.00 7.31  ? 133 PHE A CE1 1 
ATOM   558  C CE2 . PHE A 1 71  ? -6.048  4.468   -0.750  1.00 7.03  ? 133 PHE A CE2 1 
ATOM   559  C CZ  . PHE A 1 71  ? -7.192  4.911   -0.087  1.00 7.69  ? 133 PHE A CZ  1 
ATOM   560  N N   . GLU A 1 72  ? -5.657  6.164   -7.139  1.00 4.75  ? 134 GLU A N   1 
ATOM   561  C CA  . GLU A 1 72  ? -5.812  6.232   -8.578  1.00 5.70  ? 134 GLU A CA  1 
ATOM   562  C C   . GLU A 1 72  ? -4.715  5.422   -9.282  1.00 4.42  ? 134 GLU A C   1 
ATOM   563  O O   . GLU A 1 72  ? -4.920  4.884   -10.384 1.00 5.01  ? 134 GLU A O   1 
ATOM   564  C CB  . GLU A 1 72  ? -5.870  7.678   -9.089  1.00 5.68  ? 134 GLU A CB  1 
ATOM   565  C CG  . GLU A 1 72  ? -4.586  8.406   -8.928  1.00 5.59  ? 134 GLU A CG  1 
ATOM   566  C CD  . GLU A 1 72  ? -4.744  9.915   -9.085  1.00 5.67  ? 134 GLU A CD  1 
ATOM   567  O OE1 . GLU A 1 72  ? -5.851  10.405  -9.398  1.00 5.98  ? 134 GLU A OE1 1 
ATOM   568  O OE2 . GLU A 1 72  ? -3.692  10.603  -8.882  1.00 5.82  ? 134 GLU A OE2 1 
ATOM   569  N N   . PHE A 1 73  ? -3.520  5.427   -8.687  1.00 4.17  ? 135 PHE A N   1 
ATOM   570  C CA  . PHE A 1 73  ? -2.395  4.698   -9.280  1.00 4.21  ? 135 PHE A CA  1 
ATOM   571  C C   . PHE A 1 73  ? -2.541  3.177   -9.122  1.00 4.76  ? 135 PHE A C   1 
ATOM   572  O O   . PHE A 1 73  ? -2.258  2.407   -10.061 1.00 5.22  ? 135 PHE A O   1 
ATOM   573  C CB  . PHE A 1 73  ? -1.100  5.196   -8.657  1.00 5.35  ? 135 PHE A CB  1 
ATOM   574  C CG  . PHE A 1 73  ? 0.130   4.578   -9.242  1.00 4.66  ? 135 PHE A CG  1 
ATOM   575  C CD1 . PHE A 1 73  ? 0.589   4.983   -10.509 1.00 5.55  ? 135 PHE A CD1 1 
ATOM   576  C CD2 . PHE A 1 73  ? 0.826   3.585   -8.574  1.00 4.56  ? 135 PHE A CD2 1 
ATOM   577  C CE1 . PHE A 1 73  ? 1.776   4.431   -11.035 1.00 6.37  ? 135 PHE A CE1 1 
ATOM   578  C CE2 . PHE A 1 73  ? 1.990   3.026   -9.104  1.00 5.57  ? 135 PHE A CE2 1 
ATOM   579  C CZ  . PHE A 1 73  ? 2.458   3.429   -10.320 1.00 5.69  ? 135 PHE A CZ  1 
ATOM   580  N N   . ILE A 1 74  ? -3.012  2.744   -7.957  1.00 4.86  ? 136 ILE A N   1 
ATOM   581  C CA  . ILE A 1 74  ? -3.367  1.332   -7.787  1.00 5.93  ? 136 ILE A CA  1 
ATOM   582  C C   . ILE A 1 74  ? -4.376  0.920   -8.865  1.00 6.20  ? 136 ILE A C   1 
ATOM   583  O O   . ILE A 1 74  ? -4.249  -0.128  -9.523  1.00 5.98  ? 136 ILE A O   1 
ATOM   584  C CB  . ILE A 1 74  ? -3.885  1.074   -6.366  1.00 5.90  ? 136 ILE A CB  1 
ATOM   585  C CG1 . ILE A 1 74  ? -2.779  1.306   -5.341  1.00 5.57  ? 136 ILE A CG1 1 
ATOM   586  C CG2 . ILE A 1 74  ? -4.477  -0.299  -6.224  1.00 6.51  ? 136 ILE A CG2 1 
ATOM   587  C CD1 . ILE A 1 74  ? -3.250  1.391   -3.876  1.00 6.71  ? 136 ILE A CD1 1 
ATOM   588  N N   . GLU A 1 75  ? -5.388  1.759   -9.094  1.00 6.56  ? 137 GLU A N   1 
ATOM   589  C CA  . GLU A 1 75  ? -6.400  1.459   -10.122 1.00 7.23  ? 137 GLU A CA  1 
ATOM   590  C C   . GLU A 1 75  ? -5.803  1.427   -11.527 1.00 6.27  ? 137 GLU A C   1 
ATOM   591  O O   . GLU A 1 75  ? -6.247  0.650   -12.374 1.00 7.21  ? 137 GLU A O   1 
ATOM   592  C CB  . GLU A 1 75  ? -7.535  2.465   -10.070 1.00 8.73  ? 137 GLU A CB  1 
ATOM   593  C CG  . GLU A 1 75  ? -8.389  2.275   -8.868  1.00 11.68 ? 137 GLU A CG  1 
ATOM   594  C CD  . GLU A 1 75  ? -9.260  1.011   -8.944  1.00 15.24 ? 137 GLU A CD  1 
ATOM   595  O OE1 . GLU A 1 75  ? -9.464  0.351   -7.917  1.00 17.52 ? 137 GLU A OE1 1 
ATOM   596  O OE2 . GLU A 1 75  ? -9.712  0.638   -10.030 1.00 18.13 ? 137 GLU A OE2 1 
ATOM   597  N N   . GLU A 1 76  ? -4.817  2.281   -11.809 1.00 6.00  ? 138 GLU A N   1 
ATOM   598  C CA  . GLU A 1 76  ? -4.131  2.234   -13.088 1.00 6.49  ? 138 GLU A CA  1 
ATOM   599  C C   . GLU A 1 76  ? -3.569  0.831   -13.330 1.00 5.60  ? 138 GLU A C   1 
ATOM   600  O O   . GLU A 1 76  ? -3.722  0.257   -14.430 1.00 6.35  ? 138 GLU A O   1 
ATOM   601  C CB  . GLU A 1 76  ? -3.015  3.286   -13.207 1.00 7.39  ? 138 GLU A CB  1 
ATOM   602  C CG  . GLU A 1 76  ? -2.130  3.068   -14.452 1.00 9.10  ? 138 GLU A CG  1 
ATOM   603  C CD  . GLU A 1 76  ? -0.878  3.934   -14.544 1.00 9.10  ? 138 GLU A CD  1 
ATOM   604  O OE1 . GLU A 1 76  ? -0.780  4.907   -13.820 1.00 11.10 ? 138 GLU A OE1 1 
ATOM   605  O OE2 . GLU A 1 76  ? 0.031   3.591   -15.331 1.00 10.81 ? 138 GLU A OE2 1 
ATOM   606  N N   . ALA A 1 77  ? -2.879  0.279   -12.332 1.00 6.10  ? 139 ALA A N   1 
ATOM   607  C CA  . ALA A 1 77  ? -2.302  -1.055  -12.507 1.00 5.97  ? 139 ALA A CA  1 
ATOM   608  C C   . ALA A 1 77  ? -3.379  -2.089  -12.769 1.00 5.39  ? 139 ALA A C   1 
ATOM   609  O O   . ALA A 1 77  ? -3.204  -2.954  -13.639 1.00 7.04  ? 139 ALA A O   1 
ATOM   610  C CB  . ALA A 1 77  ? -1.510  -1.436  -11.245 1.00 7.11  ? 139 ALA A CB  1 
ATOM   611  N N   . LYS A 1 78  ? -4.473  -2.024  -12.028 1.00 6.56  ? 140 LYS A N   1 
ATOM   612  C CA  . LYS A 1 78  ? -5.587  -2.959  -12.246 1.00 6.99  ? 140 LYS A CA  1 
ATOM   613  C C   . LYS A 1 78  ? -6.153  -2.844  -13.669 1.00 7.53  ? 140 LYS A C   1 
ATOM   614  O O   . LYS A 1 78  ? -6.312  -3.827  -14.414 1.00 8.62  ? 140 LYS A O   1 
ATOM   615  C CB  . LYS A 1 78  ? -6.690  -2.709  -11.238 1.00 6.68  ? 140 LYS A CB  1 
ATOM   616  C CG  . LYS A 1 78  ? -7.866  -3.686  -11.352 1.00 8.37  ? 140 LYS A CG  1 
ATOM   617  C CD  . LYS A 1 78  ? -9.011  -3.239  -10.450 1.00 9.22  ? 140 LYS A CD  1 
ATOM   618  C CE  . LYS A 1 78  ? -10.071 -4.337  -10.399 1.00 11.09 ? 140 LYS A CE  1 
ATOM   619  N NZ  . LYS A 1 78  ? -10.723 -4.642  -11.688 1.00 19.38 ? 140 LYS A NZ  1 
ATOM   620  N N   . ARG A 1 79  ? -6.377  -1.608  -14.091 1.00 7.57  ? 141 ARG A N   1 
ATOM   621  C CA  . ARG A 1 79  ? -6.966  -1.330  -15.393 1.00 9.90  ? 141 ARG A CA  1 
ATOM   622  C C   . ARG A 1 79  ? -6.069  -1.830  -16.519 1.00 9.27  ? 141 ARG A C   1 
ATOM   623  O O   . ARG A 1 79  ? -6.565  -2.240  -17.571 1.00 11.04 ? 141 ARG A O   1 
ATOM   624  C CB  . ARG A 1 79  ? -7.220  0.197   -15.519 1.00 12.23 ? 141 ARG A CB  1 
ATOM   625  C CG  . ARG A 1 79  ? -7.354  0.835   -16.918 1.00 20.82 ? 141 ARG A CG  1 
ATOM   626  C CD  . ARG A 1 79  ? -8.710  0.573   -17.566 1.00 28.10 ? 141 ARG A CD  1 
ATOM   627  N NE  . ARG A 1 79  ? -9.851  0.682   -16.655 1.00 33.33 ? 141 ARG A NE  1 
ATOM   628  C CZ  . ARG A 1 79  ? -10.675 -0.328  -16.375 1.00 38.45 ? 141 ARG A CZ  1 
ATOM   629  N NH1 . ARG A 1 79  ? -11.721 -0.142  -15.578 1.00 40.61 ? 141 ARG A NH1 1 
ATOM   630  N NH2 . ARG A 1 79  ? -10.446 -1.534  -16.880 1.00 40.12 ? 141 ARG A NH2 1 
ATOM   631  N N   . LYS A 1 80  ? -4.758  -1.763  -16.322 1.00 8.12  ? 142 LYS A N   1 
ATOM   632  C CA  . LYS A 1 80  ? -3.794  -2.217  -17.301 1.00 9.15  ? 142 LYS A CA  1 
ATOM   633  C C   . LYS A 1 80  ? -3.489  -3.688  -17.227 1.00 7.57  ? 142 LYS A C   1 
ATOM   634  O O   . LYS A 1 80  ? -2.608  -4.165  -17.932 1.00 10.15 ? 142 LYS A O   1 
ATOM   635  C CB  . LYS A 1 80  ? -2.507  -1.380  -17.192 1.00 9.91  ? 142 LYS A CB  1 
ATOM   636  C CG  . LYS A 1 80  ? -2.741  0.082   -17.640 1.00 10.58 ? 142 LYS A CG  1 
ATOM   637  C CD  . LYS A 1 80  ? -1.448  0.867   -17.571 1.00 12.01 ? 142 LYS A CD  1 
ATOM   638  C CE  . LYS A 1 80  ? -1.665  2.269   -18.121 1.00 11.07 ? 142 LYS A CE  1 
ATOM   639  N NZ  . LYS A 1 80  ? -0.393  3.003   -18.153 1.00 12.56 ? 142 LYS A NZ  1 
ATOM   640  N N   . ASP A 1 81  ? -4.234  -4.428  -16.418 1.00 7.02  ? 143 ASP A N   1 
ATOM   641  C CA  . ASP A 1 81  ? -4.009  -5.858  -16.318 1.00 8.00  ? 143 ASP A CA  1 
ATOM   642  C C   . ASP A 1 81  ? -2.611  -6.179  -15.846 1.00 6.57  ? 143 ASP A C   1 
ATOM   643  O O   . ASP A 1 81  ? -2.048  -7.222  -16.192 1.00 8.38  ? 143 ASP A O   1 
ATOM   644  C CB  . ASP A 1 81  ? -4.346  -6.566  -17.638 1.00 10.45 ? 143 ASP A CB  1 
ATOM   645  C CG  . ASP A 1 81  ? -4.422  -8.076  -17.482 1.00 15.69 ? 143 ASP A CG  1 
ATOM   646  O OD1 . ASP A 1 81  ? -5.004  -8.514  -16.471 1.00 17.90 ? 143 ASP A OD1 1 
ATOM   647  O OD2 . ASP A 1 81  ? -3.990  -8.811  -18.406 1.00 22.65 ? 143 ASP A OD2 1 
ATOM   648  N N   . GLY A 1 82  ? -2.136  -5.359  -14.914 1.00 6.08  ? 144 GLY A N   1 
ATOM   649  C CA  . GLY A 1 82  ? -0.819  -5.539  -14.302 1.00 6.42  ? 144 GLY A CA  1 
ATOM   650  C C   . GLY A 1 82  ? -0.934  -5.846  -12.833 1.00 4.73  ? 144 GLY A C   1 
ATOM   651  O O   . GLY A 1 82  ? -1.932  -6.352  -12.324 1.00 5.58  ? 144 GLY A O   1 
ATOM   652  N N   . VAL A 1 83  ? 0.157   -5.555  -12.117 1.00 5.04  ? 145 VAL A N   1 
ATOM   653  C CA  . VAL A 1 83  ? 0.257   -5.824  -10.674 1.00 4.58  ? 145 VAL A CA  1 
ATOM   654  C C   . VAL A 1 83  ? 1.040   -4.677  -10.062 1.00 3.80  ? 145 VAL A C   1 
ATOM   655  O O   . VAL A 1 83  ? 2.122   -4.339  -10.544 1.00 5.06  ? 145 VAL A O   1 
ATOM   656  C CB  . VAL A 1 83  ? 1.013   -7.145  -10.362 1.00 4.81  ? 145 VAL A CB  1 
ATOM   657  C CG1 . VAL A 1 83  ? 1.271   -7.326  -8.841  1.00 6.31  ? 145 VAL A CG1 1 
ATOM   658  C CG2 . VAL A 1 83  ? 0.281   -8.373  -10.972 1.00 6.08  ? 145 VAL A CG2 1 
ATOM   659  N N   . VAL A 1 84  ? 0.471   -4.045  -9.038  1.00 4.22  ? 146 VAL A N   1 
ATOM   660  C CA  . VAL A 1 84  ? 1.195   -2.995  -8.308  1.00 4.54  ? 146 VAL A CA  1 
ATOM   661  C C   . VAL A 1 84  ? 1.724   -3.538  -6.987  1.00 4.55  ? 146 VAL A C   1 
ATOM   662  O O   . VAL A 1 84  ? 1.015   -4.182  -6.210  1.00 4.20  ? 146 VAL A O   1 
ATOM   663  C CB  . VAL A 1 84  ? 0.293   -1.738  -8.100  1.00 4.56  ? 146 VAL A CB  1 
ATOM   664  C CG1 . VAL A 1 84  ? -1.003  -2.036  -7.326  1.00 6.07  ? 146 VAL A CG1 1 
ATOM   665  C CG2 . VAL A 1 84  ? 1.082   -0.589  -7.443  1.00 5.56  ? 146 VAL A CG2 1 
ATOM   666  N N   . LEU A 1 85  ? 2.986   -3.216  -6.732  1.00 4.31  ? 147 LEU A N   1 
ATOM   667  C CA  . LEU A 1 85  ? 3.545   -3.346  -5.382  1.00 3.80  ? 147 LEU A CA  1 
ATOM   668  C C   . LEU A 1 85  ? 3.428   -2.011  -4.676  1.00 4.03  ? 147 LEU A C   1 
ATOM   669  O O   . LEU A 1 85  ? 4.026   -1.017  -5.135  1.00 4.03  ? 147 LEU A O   1 
ATOM   670  C CB  . LEU A 1 85  ? 5.016   -3.760  -5.446  1.00 5.22  ? 147 LEU A CB  1 
ATOM   671  C CG  . LEU A 1 85  ? 5.724   -3.711  -4.103  1.00 4.67  ? 147 LEU A CG  1 
ATOM   672  C CD1 . LEU A 1 85  ? 5.159   -4.695  -3.078  1.00 5.23  ? 147 LEU A CD1 1 
ATOM   673  C CD2 . LEU A 1 85  ? 7.251   -3.926  -4.288  1.00 6.97  ? 147 LEU A CD2 1 
ATOM   674  N N   . VAL A 1 86  ? 2.679   -1.954  -3.582  1.00 4.03  ? 148 VAL A N   1 
ATOM   675  C CA  . VAL A 1 86  ? 2.680   -0.807  -2.707  1.00 3.31  ? 148 VAL A CA  1 
ATOM   676  C C   . VAL A 1 86  ? 3.679   -1.086  -1.591  1.00 3.30  ? 148 VAL A C   1 
ATOM   677  O O   . VAL A 1 86  ? 3.556   -2.095  -0.877  1.00 4.52  ? 148 VAL A O   1 
ATOM   678  C CB  . VAL A 1 86  ? 1.273   -0.568  -2.118  1.00 4.30  ? 148 VAL A CB  1 
ATOM   679  C CG1 . VAL A 1 86  ? 1.286   0.686   -1.246  1.00 5.22  ? 148 VAL A CG1 1 
ATOM   680  C CG2 . VAL A 1 86  ? 0.227   -0.464  -3.236  1.00 5.33  ? 148 VAL A CG2 1 
ATOM   681  N N   . HIS A 1 87  ? 4.671   -0.217  -1.443  1.00 3.27  ? 149 HIS A N   1 
ATOM   682  C CA  . HIS A 1 87  ? 5.696   -0.457  -0.447  1.00 4.35  ? 149 HIS A CA  1 
ATOM   683  C C   . HIS A 1 87  ? 6.069   0.827   0.244   1.00 3.93  ? 149 HIS A C   1 
ATOM   684  O O   . HIS A 1 87  ? 5.840   1.930   -0.267  1.00 4.00  ? 149 HIS A O   1 
ATOM   685  C CB  . HIS A 1 87  ? 6.963   -1.087  -1.050  1.00 4.37  ? 149 HIS A CB  1 
ATOM   686  C CG  . HIS A 1 87  ? 7.835   -0.106  -1.767  1.00 3.93  ? 149 HIS A CG  1 
ATOM   687  N ND1 . HIS A 1 87  ? 8.826   0.625   -1.137  1.00 4.65  ? 149 HIS A ND1 1 
ATOM   688  C CD2 . HIS A 1 87  ? 7.855   0.284   -3.061  1.00 4.35  ? 149 HIS A CD2 1 
ATOM   689  C CE1 . HIS A 1 87  ? 9.407   1.424   -2.030  1.00 4.31  ? 149 HIS A CE1 1 
ATOM   690  N NE2 . HIS A 1 87  ? 8.834   1.246   -3.201  1.00 4.98  ? 149 HIS A NE2 1 
ATOM   691  N N   . SER A 1 88  ? 6.722   0.680   1.395   1.00 4.98  ? 150 SER A N   1 
ATOM   692  C CA  . SER A 1 88  ? 7.283   1.831   2.077   1.00 5.26  ? 150 SER A CA  1 
ATOM   693  C C   . SER A 1 88  ? 8.698   1.426   2.513   1.00 5.42  ? 150 SER A C   1 
ATOM   694  O O   . SER A 1 88  ? 9.486   1.010   1.652   1.00 5.32  ? 150 SER A O   1 
ATOM   695  C CB  . SER A 1 88  ? 6.333   2.265   3.180   1.00 5.40  ? 150 SER A CB  1 
ATOM   696  O OG  . SER A 1 88  ? 5.875   1.091   3.829   1.00 10.87 ? 150 SER A OG  1 
ATOM   697  N N   . ASN A 1 89  ? 9.043   1.603   3.789   1.00 5.13  ? 151 ASN A N   1 
ATOM   698  C CA  . ASN A 1 89  ? 10.361  1.194   4.238   1.00 5.86  ? 151 ASN A CA  1 
ATOM   699  C C   . ASN A 1 89  ? 10.247  -0.154  4.922   1.00 4.68  ? 151 ASN A C   1 
ATOM   700  O O   . ASN A 1 89  ? 10.353  -1.170  4.244   1.00 5.72  ? 151 ASN A O   1 
ATOM   701  C CB  . ASN A 1 89  ? 11.103  2.242   5.099   1.00 7.18  ? 151 ASN A CB  1 
ATOM   702  C CG  . ASN A 1 89  ? 12.569  1.762   5.401   1.00 11.11 ? 151 ASN A CG  1 
ATOM   703  O OD1 . ASN A 1 89  ? 13.069  0.854   4.736   1.00 14.18 ? 151 ASN A OD1 1 
ATOM   704  N ND2 . ASN A 1 89  ? 13.265  2.410   6.327   1.00 14.13 ? 151 ASN A ND2 1 
ATOM   705  N N   . ALA A 1 90  ? 9.856   -0.216  6.195   1.00 4.83  ? 152 ALA A N   1 
ATOM   706  C CA  . ALA A 1 90  ? 9.545   -1.516  6.788   1.00 5.55  ? 152 ALA A CA  1 
ATOM   707  C C   . ALA A 1 90  ? 8.306   -2.129  6.153   1.00 4.93  ? 152 ALA A C   1 
ATOM   708  O O   . ALA A 1 90  ? 8.122   -3.344  6.216   1.00 5.72  ? 152 ALA A O   1 
ATOM   709  C CB  . ALA A 1 90  ? 9.405   -1.400  8.280   1.00 6.29  ? 152 ALA A CB  1 
ATOM   710  N N   . GLY A 1 91  ? 7.394   -1.320  5.598   1.00 4.52  ? 153 GLY A N   1 
ATOM   711  C CA  . GLY A 1 91  ? 6.196   -1.890  5.005   1.00 5.29  ? 153 GLY A CA  1 
ATOM   712  C C   . GLY A 1 91  ? 5.164   -2.375  5.996   1.00 4.82  ? 153 GLY A C   1 
ATOM   713  O O   . GLY A 1 91  ? 4.371   -3.290  5.646   1.00 6.17  ? 153 GLY A O   1 
ATOM   714  N N   . VAL A 1 92  ? 5.134   -1.791  7.195   1.00 4.83  ? 154 VAL A N   1 
ATOM   715  C CA  . VAL A 1 92  ? 4.227   -2.270  8.251   1.00 5.16  ? 154 VAL A CA  1 
ATOM   716  C C   . VAL A 1 92  ? 3.259   -1.185  8.712   1.00 4.48  ? 154 VAL A C   1 
ATOM   717  O O   . VAL A 1 92  ? 2.341   -1.474  9.471   1.00 5.60  ? 154 VAL A O   1 
ATOM   718  C CB  . VAL A 1 92  ? 4.986   -2.885  9.440   1.00 5.76  ? 154 VAL A CB  1 
ATOM   719  C CG1 . VAL A 1 92  ? 5.839   -4.068  8.973   1.00 7.94  ? 154 VAL A CG1 1 
ATOM   720  C CG2 . VAL A 1 92  ? 5.774   -1.842  10.207  1.00 7.40  ? 154 VAL A CG2 1 
ATOM   721  N N   . SER A 1 93  ? 3.400   0.039   8.225   1.00 4.33  ? 155 SER A N   1 
ATOM   722  C CA  . SER A 1 93  ? 2.615   1.150   8.749   1.00 4.96  ? 155 SER A CA  1 
ATOM   723  C C   . SER A 1 93  ? 2.111   2.051   7.632   1.00 3.37  ? 155 SER A C   1 
ATOM   724  O O   . SER A 1 93  ? 0.919   1.977   7.295   1.00 4.49  ? 155 SER A O   1 
ATOM   725  C CB  . SER A 1 93  ? 3.372   1.885   9.855   1.00 4.37  ? 155 SER A CB  1 
ATOM   726  O OG  . SER A 1 93  ? 2.538   2.939   10.351  1.00 4.67  ? 155 SER A OG  1 
ATOM   727  N N   . ARG A 1 94  ? 2.953   2.876   7.030   1.00 4.01  ? 156 ARG A N   1 
ATOM   728  C CA  . ARG A 1 94  ? 2.515   3.714   5.915   1.00 4.49  ? 156 ARG A CA  1 
ATOM   729  C C   . ARG A 1 94  ? 1.877   2.890   4.809   1.00 3.78  ? 156 ARG A C   1 
ATOM   730  O O   . ARG A 1 94  ? 0.748   3.157   4.407   1.00 4.51  ? 156 ARG A O   1 
ATOM   731  C CB  . ARG A 1 94  ? 3.729   4.470   5.343   1.00 4.17  ? 156 ARG A CB  1 
ATOM   732  C CG  . ARG A 1 94  ? 4.208   5.591   6.258   1.00 4.61  ? 156 ARG A CG  1 
ATOM   733  C CD  . ARG A 1 94  ? 5.552   6.139   5.824   1.00 4.57  ? 156 ARG A CD  1 
ATOM   734  N NE  . ARG A 1 94  ? 6.648   5.232   6.198   1.00 3.80  ? 156 ARG A NE  1 
ATOM   735  C CZ  . ARG A 1 94  ? 7.906   5.606   6.351   1.00 3.76  ? 156 ARG A CZ  1 
ATOM   736  N NH1 . ARG A 1 94  ? 8.303   6.835   6.022   1.00 4.98  ? 156 ARG A NH1 1 
ATOM   737  N NH2 . ARG A 1 94  ? 8.757   4.715   6.858   1.00 5.70  ? 156 ARG A NH2 1 
ATOM   738  N N   . ALA A 1 95  ? 2.599   1.915   4.257   1.00 3.89  ? 157 ALA A N   1 
ATOM   739  C CA  . ALA A 1 95  ? 2.059   1.173   3.112   1.00 4.18  ? 157 ALA A CA  1 
ATOM   740  C C   . ALA A 1 95  ? 0.850   0.339   3.527   1.00 3.82  ? 157 ALA A C   1 
ATOM   741  O O   . ALA A 1 95  ? -0.100  0.204   2.773   1.00 4.24  ? 157 ALA A O   1 
ATOM   742  C CB  . ALA A 1 95  ? 3.102   0.313   2.417   1.00 5.29  ? 157 ALA A CB  1 
ATOM   743  N N   . ALA A 1 96  ? 0.859   -0.203  4.739   1.00 4.05  ? 158 ALA A N   1 
ATOM   744  C CA  . ALA A 1 96  ? -0.267  -0.978  5.230   1.00 4.36  ? 158 ALA A CA  1 
ATOM   745  C C   . ALA A 1 96  ? -1.526  -0.102  5.308   1.00 3.16  ? 158 ALA A C   1 
ATOM   746  O O   . ALA A 1 96  ? -2.623  -0.538  4.903   1.00 3.90  ? 158 ALA A O   1 
ATOM   747  C CB  . ALA A 1 96  ? 0.081   -1.608  6.576   1.00 5.07  ? 158 ALA A CB  1 
ATOM   748  N N   . ALA A 1 97  ? -1.370  1.119   5.826   1.00 3.66  ? 159 ALA A N   1 
ATOM   749  C CA  . ALA A 1 97  ? -2.512  2.025   5.987   1.00 3.98  ? 159 ALA A CA  1 
ATOM   750  C C   . ALA A 1 97  ? -3.068  2.425   4.627   1.00 4.08  ? 159 ALA A C   1 
ATOM   751  O O   . ALA A 1 97  ? -4.293  2.486   4.444   1.00 4.70  ? 159 ALA A O   1 
ATOM   752  C CB  . ALA A 1 97  ? -2.149  3.211   6.791   1.00 4.81  ? 159 ALA A CB  1 
ATOM   753  N N   . ILE A 1 98  ? -2.199  2.678   3.657   1.00 4.28  ? 160 ILE A N   1 
ATOM   754  C CA  . ILE A 1 98  ? -2.645  2.971   2.295   1.00 5.13  ? 160 ILE A CA  1 
ATOM   755  C C   . ILE A 1 98  ? -3.486  1.830   1.702   1.00 3.78  ? 160 ILE A C   1 
ATOM   756  O O   . ILE A 1 98  ? -4.555  2.066   1.156   1.00 4.54  ? 160 ILE A O   1 
ATOM   757  C CB  . ILE A 1 98  ? -1.479  3.362   1.381   1.00 4.57  ? 160 ILE A CB  1 
ATOM   758  C CG1 . ILE A 1 98  ? -0.800  4.687   1.784   1.00 4.91  ? 160 ILE A CG1 1 
ATOM   759  C CG2 . ILE A 1 98  ? -1.900  3.372   -0.060  1.00 5.91  ? 160 ILE A CG2 1 
ATOM   760  C CD1 . ILE A 1 98  ? -1.661  5.886   1.770   1.00 6.21  ? 160 ILE A CD1 1 
ATOM   761  N N   . VAL A 1 99  ? -3.015  0.598   1.847   1.00 4.23  ? 161 VAL A N   1 
ATOM   762  C CA  . VAL A 1 99  ? -3.764  -0.534  1.310   1.00 4.54  ? 161 VAL A CA  1 
ATOM   763  C C   . VAL A 1 99  ? -5.065  -0.759  2.044   1.00 4.31  ? 161 VAL A C   1 
ATOM   764  O O   . VAL A 1 99  ? -6.080  -1.071  1.405   1.00 5.54  ? 161 VAL A O   1 
ATOM   765  C CB  . VAL A 1 99  ? -2.875  -1.771  1.245   1.00 6.22  ? 161 VAL A CB  1 
ATOM   766  C CG1 . VAL A 1 99  ? -3.634  -3.008  1.006   1.00 7.81  ? 161 VAL A CG1 1 
ATOM   767  C CG2 . VAL A 1 99  ? -1.712  -1.542  0.257   1.00 6.56  ? 161 VAL A CG2 1 
ATOM   768  N N   . ILE A 1 100 ? -5.078  -0.672  3.366   1.00 4.76  ? 162 ILE A N   1 
ATOM   769  C CA  . ILE A 1 100 ? -6.336  -0.808  4.091   1.00 4.49  ? 162 ILE A CA  1 
ATOM   770  C C   . ILE A 1 100 ? -7.330  0.256   3.623   1.00 4.83  ? 162 ILE A C   1 
ATOM   771  O O   . ILE A 1 100 ? -8.490  -0.054  3.332   1.00 5.12  ? 162 ILE A O   1 
ATOM   772  C CB  . ILE A 1 100 ? -6.094  -0.701  5.598   1.00 4.62  ? 162 ILE A CB  1 
ATOM   773  C CG1 . ILE A 1 100 ? -5.277  -1.922  6.088   1.00 5.70  ? 162 ILE A CG1 1 
ATOM   774  C CG2 . ILE A 1 100 ? -7.412  -0.571  6.393   1.00 5.26  ? 162 ILE A CG2 1 
ATOM   775  C CD1 . ILE A 1 100 ? -4.646  -1.719  7.463   1.00 7.25  ? 162 ILE A CD1 1 
ATOM   776  N N   . GLY A 1 101 ? -6.895  1.494   3.525   1.00 4.71  ? 163 GLY A N   1 
ATOM   777  C CA  . GLY A 1 101 ? -7.774  2.532   3.072   1.00 5.06  ? 163 GLY A CA  1 
ATOM   778  C C   . GLY A 1 101 ? -8.252  2.327   1.640   1.00 5.12  ? 163 GLY A C   1 
ATOM   779  O O   . GLY A 1 101 ? -9.420  2.588   1.305   1.00 5.81  ? 163 GLY A O   1 
ATOM   780  N N   . PHE A 1 102 ? -7.396  1.756   0.793   1.00 5.06  ? 164 PHE A N   1 
ATOM   781  C CA  . PHE A 1 102 ? -7.756  1.478   -0.586  1.00 5.06  ? 164 PHE A CA  1 
ATOM   782  C C   . PHE A 1 102 ? -8.923  0.510   -0.619  1.00 6.03  ? 164 PHE A C   1 
ATOM   783  O O   . PHE A 1 102 ? -9.868  0.666   -1.429  1.00 6.25  ? 164 PHE A O   1 
ATOM   784  C CB  . PHE A 1 102 ? -6.580  0.920   -1.384  1.00 6.38  ? 164 PHE A CB  1 
ATOM   785  C CG  . PHE A 1 102 ? -6.984  0.436   -2.722  1.00 5.03  ? 164 PHE A CG  1 
ATOM   786  C CD1 . PHE A 1 102 ? -7.258  1.322   -3.751  1.00 5.68  ? 164 PHE A CD1 1 
ATOM   787  C CD2 . PHE A 1 102 ? -7.211  -0.911  -2.938  1.00 6.29  ? 164 PHE A CD2 1 
ATOM   788  C CE1 . PHE A 1 102 ? -7.755  0.847   -4.984  1.00 6.73  ? 164 PHE A CE1 1 
ATOM   789  C CE2 . PHE A 1 102 ? -7.691  -1.363  -4.173  1.00 7.40  ? 164 PHE A CE2 1 
ATOM   790  C CZ  . PHE A 1 102 ? -7.953  -0.471  -5.186  1.00 6.00  ? 164 PHE A CZ  1 
ATOM   791  N N   . LEU A 1 103 ? -8.868  -0.552  0.187   1.00 5.20  ? 165 LEU A N   1 
ATOM   792  C CA  . LEU A 1 103 ? -9.931  -1.523  0.224   1.00 6.86  ? 165 LEU A CA  1 
ATOM   793  C C   . LEU A 1 103 ? -11.216 -0.878  0.740   1.00 6.43  ? 165 LEU A C   1 
ATOM   794  O O   . LEU A 1 103 ? -12.316 -1.128  0.183   1.00 8.01  ? 165 LEU A O   1 
ATOM   795  C CB  . LEU A 1 103 ? -9.569  -2.735  1.089   1.00 7.01  ? 165 LEU A CB  1 
ATOM   796  C CG  . LEU A 1 103 ? -8.342  -3.511  0.607   1.00 7.34  ? 165 LEU A CG  1 
ATOM   797  C CD1 . LEU A 1 103 ? -7.928  -4.527  1.690   1.00 10.28 ? 165 LEU A CD1 1 
ATOM   798  C CD2 . LEU A 1 103 ? -8.629  -4.182  -0.742  1.00 8.79  ? 165 LEU A CD2 1 
ATOM   799  N N   . MET A 1 104 ? -11.104 -0.092  1.798   1.00 6.54  ? 166 MET A N   1 
ATOM   800  C CA  . MET A 1 104 ? -12.284 0.611   2.295   1.00 6.86  ? 166 MET A CA  1 
ATOM   801  C C   . MET A 1 104 ? -12.881 1.537   1.214   1.00 6.45  ? 166 MET A C   1 
ATOM   802  O O   . MET A 1 104 ? -14.126 1.687   1.090   1.00 8.73  ? 166 MET A O   1 
ATOM   803  C CB  . MET A 1 104 ? -11.934 1.426   3.538   1.00 6.24  ? 166 MET A CB  1 
ATOM   804  C CG  . MET A 1 104 ? -11.497 0.548   4.734   1.00 6.97  ? 166 MET A CG  1 
ATOM   805  S SD  . MET A 1 104 ? -10.892 1.517   6.131   1.00 7.08  ? 166 MET A SD  1 
ATOM   806  C CE  . MET A 1 104 ? -12.473 2.207   6.681   1.00 7.51  ? 166 MET A CE  1 
ATOM   807  N N   . ASN A 1 105 ? -12.047 2.227   0.462   1.00 7.75  ? 167 ASN A N   1 
ATOM   808  C CA  . ASN A 1 105 ? -12.550 3.194   -0.501  1.00 7.77  ? 167 ASN A CA  1 
ATOM   809  C C   . ASN A 1 105 ? -13.174 2.469   -1.718  1.00 8.85  ? 167 ASN A C   1 
ATOM   810  O O   . ASN A 1 105 ? -14.206 2.896   -2.255  1.00 10.16 ? 167 ASN A O   1 
ATOM   811  C CB  . ASN A 1 105 ? -11.444 4.118   -0.958  1.00 7.68  ? 167 ASN A CB  1 
ATOM   812  C CG  . ASN A 1 105 ? -11.929 5.146   -1.949  1.00 7.41  ? 167 ASN A CG  1 
ATOM   813  O OD1 . ASN A 1 105 ? -12.472 6.197   -1.568  1.00 11.56 ? 167 ASN A OD1 1 
ATOM   814  N ND2 . ASN A 1 105 ? -11.742 4.869   -3.206  1.00 7.77  ? 167 ASN A ND2 1 
ATOM   815  N N   . SER A 1 106 ? -12.495 1.450   -2.241  1.00 8.72  ? 168 SER A N   1 
ATOM   816  C CA  . SER A 1 106 ? -12.840 0.834   -3.515  1.00 10.68 ? 168 SER A CA  1 
ATOM   817  C C   . SER A 1 106 ? -13.953 -0.194  -3.349  1.00 11.91 ? 168 SER A C   1 
ATOM   818  O O   . SER A 1 106 ? -14.683 -0.463  -4.307  1.00 16.63 ? 168 SER A O   1 
ATOM   819  C CB  . SER A 1 106 ? -11.604 0.189   -4.154  1.00 10.80 ? 168 SER A CB  1 
ATOM   820  O OG  . SER A 1 106 ? -11.165 -0.910  -3.339  1.00 10.39 ? 168 SER A OG  1 
ATOM   821  N N   . GLU A 1 107 ? -14.125 -0.754  -2.161  1.00 12.60 ? 169 GLU A N   1 
ATOM   822  C CA  . GLU A 1 107 ? -15.140 -1.770  -1.942  1.00 14.12 ? 169 GLU A CA  1 
ATOM   823  C C   . GLU A 1 107 ? -16.122 -1.462  -0.831  1.00 14.62 ? 169 GLU A C   1 
ATOM   824  O O   . GLU A 1 107 ? -17.058 -2.255  -0.596  1.00 16.81 ? 169 GLU A O   1 
ATOM   825  C CB  . GLU A 1 107 ? -14.507 -3.106  -1.579  1.00 15.22 ? 169 GLU A CB  1 
ATOM   826  C CG  . GLU A 1 107 ? -13.280 -3.437  -2.332  1.00 19.86 ? 169 GLU A CG  1 
ATOM   827  C CD  . GLU A 1 107 ? -12.562 -4.620  -1.739  1.00 26.76 ? 169 GLU A CD  1 
ATOM   828  O OE1 . GLU A 1 107 ? -12.587 -4.851  -0.495  1.00 31.59 ? 169 GLU A OE1 1 
ATOM   829  O OE2 . GLU A 1 107 ? -11.947 -5.303  -2.555  1.00 23.47 ? 169 GLU A OE2 1 
ATOM   830  N N   . GLN A 1 108 ? -15.885 -0.341  -0.149  1.00 13.65 ? 170 GLN A N   1 
ATOM   831  C CA  . GLN A 1 108 ? -16.714 0.084   0.988   1.00 15.93 ? 170 GLN A CA  1 
ATOM   832  C C   . GLN A 1 108 ? -16.799 -1.037  2.022   1.00 16.39 ? 170 GLN A C   1 
ATOM   833  O O   . GLN A 1 108 ? -17.767 -1.143  2.795   1.00 19.24 ? 170 GLN A O   1 
ATOM   834  C CB  . GLN A 1 108 ? -18.085 0.656   0.552   1.00 19.30 ? 170 GLN A CB  1 
ATOM   835  C CG  . GLN A 1 108 ? -19.209 -0.355  0.361   1.00 29.91 ? 170 GLN A CG  1 
ATOM   836  C CD  . GLN A 1 108 ? -20.311 0.192   -0.531  1.00 40.06 ? 170 GLN A CD  1 
ATOM   837  O OE1 . GLN A 1 108 ? -21.422 0.469   -0.070  1.00 45.34 ? 170 GLN A OE1 1 
ATOM   838  N NE2 . GLN A 1 108 ? -19.994 0.389   -1.811  1.00 44.58 ? 170 GLN A NE2 1 
ATOM   839  N N   . THR A 1 109 ? -15.705 -1.786  2.149   1.00 15.09 ? 171 THR A N   1 
ATOM   840  C CA  . THR A 1 109 ? -15.654 -2.721  3.258   1.00 16.65 ? 171 THR A CA  1 
ATOM   841  C C   . THR A 1 109 ? -15.184 -2.068  4.529   1.00 13.07 ? 171 THR A C   1 
ATOM   842  O O   . THR A 1 109 ? -14.570 -0.994  4.501   1.00 13.99 ? 171 THR A O   1 
ATOM   843  C CB  . THR A 1 109 ? -14.739 -3.858  3.011   1.00 18.47 ? 171 THR A CB  1 
ATOM   844  O OG1 . THR A 1 109 ? -13.460 -3.336  2.651   1.00 19.73 ? 171 THR A OG1 1 
ATOM   845  C CG2 . THR A 1 109 ? -15.292 -4.759  1.928   1.00 24.78 ? 171 THR A CG2 1 
ATOM   846  N N   . SER A 1 110 ? -15.492 -2.706  5.649   1.00 11.09 ? 172 SER A N   1 
ATOM   847  C CA  . SER A 1 110 ? -15.277 -2.042  6.919   1.00 10.53 ? 172 SER A CA  1 
ATOM   848  C C   . SER A 1 110 ? -13.787 -1.984  7.249   1.00 8.57  ? 172 SER A C   1 
ATOM   849  O O   . SER A 1 110 ? -12.989 -2.782  6.752   1.00 8.12  ? 172 SER A O   1 
ATOM   850  C CB  . SER A 1 110 ? -16.020 -2.780  8.029   1.00 11.72 ? 172 SER A CB  1 
ATOM   851  O OG  . SER A 1 110 ? -15.400 -4.043  8.218   1.00 11.03 ? 172 SER A OG  1 
ATOM   852  N N   . PHE A 1 111 ? -13.433 -1.111  8.188   1.00 7.92  ? 173 PHE A N   1 
ATOM   853  C CA  . PHE A 1 111 ? -12.075 -1.083  8.697   1.00 7.09  ? 173 PHE A CA  1 
ATOM   854  C C   . PHE A 1 111 ? -11.658 -2.437  9.221   1.00 6.60  ? 173 PHE A C   1 
ATOM   855  O O   . PHE A 1 111 ? -10.558 -2.924  8.932   1.00 7.21  ? 173 PHE A O   1 
ATOM   856  C CB  . PHE A 1 111 ? -11.916 -0.029  9.798   1.00 7.84  ? 173 PHE A CB  1 
ATOM   857  C CG  . PHE A 1 111 ? -10.569 -0.109  10.492  1.00 7.62  ? 173 PHE A CG  1 
ATOM   858  C CD1 . PHE A 1 111 ? -9.408  0.141   9.798   1.00 7.56  ? 173 PHE A CD1 1 
ATOM   859  C CD2 . PHE A 1 111 ? -10.474 -0.558  11.793  1.00 9.09  ? 173 PHE A CD2 1 
ATOM   860  C CE1 . PHE A 1 111 ? -8.155  0.023   10.404  1.00 7.49  ? 173 PHE A CE1 1 
ATOM   861  C CE2 . PHE A 1 111 ? -9.250  -0.679  12.429  1.00 10.17 ? 173 PHE A CE2 1 
ATOM   862  C CZ  . PHE A 1 111 ? -8.058  -0.423  11.719  1.00 9.11  ? 173 PHE A CZ  1 
ATOM   863  N N   . THR A 1 112 ? -12.484 -3.036  10.077  1.00 8.00  ? 174 THR A N   1 
ATOM   864  C CA  . THR A 1 112 ? -12.015 -4.257  10.723  1.00 9.65  ? 174 THR A CA  1 
ATOM   865  C C   . THR A 1 112 ? -11.820 -5.377  9.687   1.00 7.90  ? 174 THR A C   1 
ATOM   866  O O   . THR A 1 112 ? -10.913 -6.200  9.769   1.00 8.55  ? 174 THR A O   1 
ATOM   867  C CB  . THR A 1 112 ? -12.962 -4.711  11.861  1.00 11.09 ? 174 THR A CB  1 
ATOM   868  O OG1 . THR A 1 112 ? -14.276 -4.879  11.353  1.00 15.42 ? 174 THR A OG1 1 
ATOM   869  C CG2 . THR A 1 112 ? -12.991 -3.687  12.924  1.00 11.91 ? 174 THR A CG2 1 
ATOM   870  N N   . SER A 1 113 ? -12.721 -5.447  8.715   1.00 8.58  ? 175 SER A N   1 
ATOM   871  C CA  . SER A 1 113 ? -12.592 -6.484  7.705   1.00 8.58  ? 175 SER A CA  1 
ATOM   872  C C   . SER A 1 113 ? -11.372 -6.239  6.789   1.00 7.07  ? 175 SER A C   1 
ATOM   873  O O   . SER A 1 113 ? -10.641 -7.187  6.449   1.00 7.91  ? 175 SER A O   1 
ATOM   874  C CB  . SER A 1 113 ? -13.837 -6.518  6.835   1.00 10.68 ? 175 SER A CB  1 
ATOM   875  O OG  . SER A 1 113 ? -14.934 -7.052  7.554   1.00 17.94 ? 175 SER A OG  1 
ATOM   876  N N   . ALA A 1 114 ? -11.137 -4.972  6.413   1.00 7.24  ? 176 ALA A N   1 
ATOM   877  C CA  . ALA A 1 114 ? -9.980  -4.645  5.572   1.00 6.33  ? 176 ALA A CA  1 
ATOM   878  C C   . ALA A 1 114 ? -8.677  -4.903  6.352   1.00 6.68  ? 176 ALA A C   1 
ATOM   879  O O   . ALA A 1 114 ? -7.720  -5.489  5.829   1.00 6.63  ? 176 ALA A O   1 
ATOM   880  C CB  . ALA A 1 114 ? -10.052 -3.191  5.114   1.00 8.07  ? 176 ALA A CB  1 
ATOM   881  N N   . PHE A 1 115 ? -8.647  -4.473  7.617   1.00 6.55  ? 177 PHE A N   1 
ATOM   882  C CA  . PHE A 1 115 ? -7.457  -4.675  8.447   1.00 6.13  ? 177 PHE A CA  1 
ATOM   883  C C   . PHE A 1 115 ? -7.141  -6.160  8.555   1.00 5.92  ? 177 PHE A C   1 
ATOM   884  O O   . PHE A 1 115 ? -6.010  -6.609  8.397   1.00 6.35  ? 177 PHE A O   1 
ATOM   885  C CB  . PHE A 1 115 ? -7.655  -4.060  9.842   1.00 6.68  ? 177 PHE A CB  1 
ATOM   886  C CG  . PHE A 1 115 ? -6.445  -4.210  10.716  1.00 5.70  ? 177 PHE A CG  1 
ATOM   887  C CD1 . PHE A 1 115 ? -5.493  -3.197  10.793  1.00 7.09  ? 177 PHE A CD1 1 
ATOM   888  C CD2 . PHE A 1 115 ? -6.217  -5.392  11.405  1.00 7.41  ? 177 PHE A CD2 1 
ATOM   889  C CE1 . PHE A 1 115 ? -4.361  -3.356  11.544  1.00 8.60  ? 177 PHE A CE1 1 
ATOM   890  C CE2 . PHE A 1 115 ? -5.071  -5.528  12.170  1.00 8.86  ? 177 PHE A CE2 1 
ATOM   891  C CZ  . PHE A 1 115 ? -4.157  -4.531  12.225  1.00 9.63  ? 177 PHE A CZ  1 
ATOM   892  N N   . SER A 1 116 ? -8.162  -6.958  8.818   1.00 7.13  ? 178 SER A N   1 
ATOM   893  C CA  . SER A 1 116 ? -7.950  -8.412  8.976   1.00 8.61  ? 178 SER A CA  1 
ATOM   894  C C   . SER A 1 116 ? -7.455  -9.032  7.683   1.00 7.41  ? 178 SER A C   1 
ATOM   895  O O   . SER A 1 116 ? -6.577  -9.893  7.715   1.00 8.37  ? 178 SER A O   1 
ATOM   896  C CB  . SER A 1 116 ? -9.284  -9.064  9.347   1.00 10.52 ? 178 SER A CB  1 
ATOM   897  O OG  . SER A 1 116 ? -9.574  -8.837  10.711  1.00 18.17 ? 178 SER A OG  1 
ATOM   898  N N   . LEU A 1 117 ? -8.026  -8.649  6.545   1.00 7.29  ? 179 LEU A N   1 
ATOM   899  C CA  . LEU A 1 117 ? -7.556  -9.215  5.295   1.00 8.13  ? 179 LEU A CA  1 
ATOM   900  C C   . LEU A 1 117 ? -6.070  -8.894  5.079   1.00 6.63  ? 179 LEU A C   1 
ATOM   901  O O   . LEU A 1 117 ? -5.269  -9.751  4.651   1.00 6.89  ? 179 LEU A O   1 
ATOM   902  C CB  . LEU A 1 117 ? -8.401  -8.612  4.154   1.00 11.33 ? 179 LEU A CB  1 
ATOM   903  C CG  . LEU A 1 117 ? -8.214  -8.976  2.696   1.00 15.23 ? 179 LEU A CG  1 
ATOM   904  C CD1 . LEU A 1 117 ? -9.421  -8.414  1.993   1.00 20.25 ? 179 LEU A CD1 1 
ATOM   905  C CD2 . LEU A 1 117 ? -7.010  -8.303  2.150   1.00 16.02 ? 179 LEU A CD2 1 
ATOM   906  N N   . VAL A 1 118 ? -5.707  -7.637  5.317   1.00 6.24  ? 180 VAL A N   1 
ATOM   907  C CA  . VAL A 1 118 ? -4.335  -7.245  5.062   1.00 5.70  ? 180 VAL A CA  1 
ATOM   908  C C   . VAL A 1 118 ? -3.362  -7.881  6.044   1.00 5.45  ? 180 VAL A C   1 
ATOM   909  O O   . VAL A 1 118 ? -2.316  -8.357  5.627   1.00 5.91  ? 180 VAL A O   1 
ATOM   910  C CB  . VAL A 1 118 ? -4.217  -5.702  5.082   1.00 5.32  ? 180 VAL A CB  1 
ATOM   911  C CG1 . VAL A 1 118 ? -2.768  -5.277  4.949   1.00 6.95  ? 180 VAL A CG1 1 
ATOM   912  C CG2 . VAL A 1 118 ? -5.058  -5.036  3.986   1.00 6.53  ? 180 VAL A CG2 1 
ATOM   913  N N   . LYS A 1 119 ? -3.735  -7.995  7.322   1.00 5.98  ? 181 LYS A N   1 
ATOM   914  C CA  . LYS A 1 119 ? -2.854  -8.657  8.274   1.00 5.82  ? 181 LYS A CA  1 
ATOM   915  C C   . LYS A 1 119 ? -2.725  -10.147 8.020   1.00 6.51  ? 181 LYS A C   1 
ATOM   916  O O   . LYS A 1 119 ? -1.669  -10.725 8.246   1.00 6.62  ? 181 LYS A O   1 
ATOM   917  C CB  . LYS A 1 119 ? -3.289  -8.336  9.708   1.00 6.99  ? 181 LYS A CB  1 
ATOM   918  C CG  . LYS A 1 119 ? -2.287  -8.764  10.730  1.00 5.98  ? 181 LYS A CG  1 
ATOM   919  C CD  . LYS A 1 119 ? -2.534  -8.091  12.074  1.00 8.73  ? 181 LYS A CD  1 
ATOM   920  C CE  . LYS A 1 119 ? -1.601  -8.633  13.169  1.00 8.29  ? 181 LYS A CE  1 
ATOM   921  N NZ  . LYS A 1 119 ? -1.738  -7.914  14.450  1.00 7.83  ? 181 LYS A NZ  1 
ATOM   922  N N   . ASN A 1 120 ? -3.795  -10.790 7.560   1.00 6.34  ? 182 ASN A N   1 
ATOM   923  C CA  . ASN A 1 120 ? -3.659  -12.200 7.184   1.00 7.96  ? 182 ASN A CA  1 
ATOM   924  C C   . ASN A 1 120 ? -2.683  -12.372 6.014   1.00 8.25  ? 182 ASN A C   1 
ATOM   925  O O   . ASN A 1 120 ? -1.910  -13.339 5.970   1.00 8.00  ? 182 ASN A O   1 
ATOM   926  C CB  . ASN A 1 120 ? -5.030  -12.805 6.852   1.00 9.34  ? 182 ASN A CB  1 
ATOM   927  C CG  . ASN A 1 120 ? -5.903  -13.020 8.061   1.00 13.44 ? 182 ASN A CG  1 
ATOM   928  O OD1 . ASN A 1 120 ? -5.480  -12.895 9.219   1.00 18.85 ? 182 ASN A OD1 1 
ATOM   929  N ND2 . ASN A 1 120 ? -7.170  -13.306 7.797   1.00 17.71 ? 182 ASN A ND2 1 
ATOM   930  N N   . ALA A 1 121 ? -2.687  -11.439 5.075   1.00 5.86  ? 183 ALA A N   1 
ATOM   931  C CA  . ALA A 1 121 ? -1.778  -11.490 3.959   1.00 6.25  ? 183 ALA A CA  1 
ATOM   932  C C   . ALA A 1 121 ? -0.352  -11.154 4.338   1.00 6.00  ? 183 ALA A C   1 
ATOM   933  O O   . ALA A 1 121 ? 0.580   -11.688 3.752   1.00 6.43  ? 183 ALA A O   1 
ATOM   934  C CB  . ALA A 1 121 ? -2.238  -10.558 2.857   1.00 7.05  ? 183 ALA A CB  1 
ATOM   935  N N   . ARG A 1 122 ? -0.204  -10.218 5.282   1.00 5.86  ? 184 ARG A N   1 
ATOM   936  C CA  . ARG A 1 122 ? 1.069   -9.685  5.725   1.00 5.39  ? 184 ARG A CA  1 
ATOM   937  C C   . ARG A 1 122 ? 1.056   -9.565  7.238   1.00 4.66  ? 184 ARG A C   1 
ATOM   938  O O   . ARG A 1 122 ? 0.746   -8.520  7.786   1.00 5.45  ? 184 ARG A O   1 
ATOM   939  C CB  . ARG A 1 122 ? 1.416   -8.365  5.061   1.00 5.60  ? 184 ARG A CB  1 
ATOM   940  C CG  . ARG A 1 122 ? 2.747   -7.804  5.502   1.00 6.05  ? 184 ARG A CG  1 
ATOM   941  C CD  . ARG A 1 122 ? 3.313   -6.797  4.497   1.00 8.87  ? 184 ARG A CD  1 
ATOM   942  N NE  . ARG A 1 122 ? 4.488   -6.082  4.954   1.00 6.87  ? 184 ARG A NE  1 
ATOM   943  C CZ  . ARG A 1 122 ? 5.736   -6.554  4.917   1.00 6.42  ? 184 ARG A CZ  1 
ATOM   944  N NH1 . ARG A 1 122 ? 5.978   -7.794  4.492   1.00 9.67  ? 184 ARG A NH1 1 
ATOM   945  N NH2 . ARG A 1 122 ? 6.757   -5.815  5.312   1.00 9.44  ? 184 ARG A NH2 1 
ATOM   946  N N   . PRO A 1 123 ? 1.403   -10.666 7.938   1.00 4.83  ? 185 PRO A N   1 
ATOM   947  C CA  . PRO A 1 123 ? 1.193   -10.703 9.401   1.00 5.59  ? 185 PRO A CA  1 
ATOM   948  C C   . PRO A 1 123 ? 2.046   -9.747  10.205  1.00 4.61  ? 185 PRO A C   1 
ATOM   949  O O   . PRO A 1 123 ? 1.785   -9.590  11.385  1.00 5.91  ? 185 PRO A O   1 
ATOM   950  C CB  . PRO A 1 123 ? 1.518   -12.154 9.779   1.00 6.39  ? 185 PRO A CB  1 
ATOM   951  C CG  . PRO A 1 123 ? 1.163   -12.905 8.521   1.00 11.14 ? 185 PRO A CG  1 
ATOM   952  C CD  . PRO A 1 123 ? 1.602   -12.014 7.373   1.00 6.39  ? 185 PRO A CD  1 
ATOM   953  N N   . SER A 1 124 ? 3.039   -9.123  9.598   1.00 4.25  ? 186 SER A N   1 
ATOM   954  C CA  . SER A 1 124 ? 3.863   -8.163  10.288  1.00 5.37  ? 186 SER A CA  1 
ATOM   955  C C   . SER A 1 124 ? 3.271   -6.757  10.365  1.00 4.74  ? 186 SER A C   1 
ATOM   956  O O   . SER A 1 124 ? 3.889   -5.896  11.002  1.00 5.05  ? 186 SER A O   1 
ATOM   957  C CB  . SER A 1 124 ? 5.243   -8.126  9.683   1.00 7.68  ? 186 SER A CB  1 
ATOM   958  O OG  . SER A 1 124 ? 5.173   -7.762  8.331   1.00 7.38  ? 186 SER A OG  1 
ATOM   959  N N   . ILE A 1 125 ? 2.133   -6.485  9.738   1.00 4.41  ? 187 ILE A N   1 
ATOM   960  C CA  . ILE A 1 125 ? 1.680   -5.087  9.785   1.00 4.79  ? 187 ILE A CA  1 
ATOM   961  C C   . ILE A 1 125 ? 1.420   -4.614  11.196  1.00 5.05  ? 187 ILE A C   1 
ATOM   962  O O   . ILE A 1 125 ? 0.967   -5.381  12.062  1.00 5.49  ? 187 ILE A O   1 
ATOM   963  C CB  . ILE A 1 125 ? 0.477   -4.802  8.873   1.00 5.32  ? 187 ILE A CB  1 
ATOM   964  C CG1 . ILE A 1 125 ? -0.821  -5.435  9.355   1.00 6.57  ? 187 ILE A CG1 1 
ATOM   965  C CG2 . ILE A 1 125 ? 0.794   -5.137  7.443   1.00 6.13  ? 187 ILE A CG2 1 
ATOM   966  C CD1 . ILE A 1 125 ? -2.065  -4.695  8.814   1.00 6.44  ? 187 ILE A CD1 1 
ATOM   967  N N   . CYS A 1 126 ? 1.661   -3.322  11.437  1.00 4.84  ? 188 CYS A N   1 
ATOM   968  C CA  . CYS A 1 126 ? 1.416   -2.735  12.748  1.00 5.40  ? 188 CYS A CA  1 
ATOM   969  C C   . CYS A 1 126 ? 1.396   -1.227  12.532  1.00 5.42  ? 188 CYS A C   1 
ATOM   970  O O   . CYS A 1 126 ? 2.364   -0.519  12.796  1.00 6.59  ? 188 CYS A O   1 
ATOM   971  C CB  . CYS A 1 126 ? 2.523   -3.110  13.711  1.00 7.59  ? 188 CYS A CB  1 
ATOM   972  S SG  . CYS A 1 126 ? 2.201   -2.558  15.407  1.00 11.46 ? 188 CYS A SG  1 
ATOM   973  N N   . PRO A 1 127 ? 0.293   -0.696  12.002  1.00 5.21  ? 189 PRO A N   1 
ATOM   974  C CA  . PRO A 1 127 ? 0.257   0.743   11.687  1.00 5.52  ? 189 PRO A CA  1 
ATOM   975  C C   . PRO A 1 127 ? 0.332   1.586   12.944  1.00 4.29  ? 189 PRO A C   1 
ATOM   976  O O   . PRO A 1 127 ? -0.207  1.198   13.986  1.00 5.34  ? 189 PRO A O   1 
ATOM   977  C CB  . PRO A 1 127 ? -1.069  0.945   10.945  1.00 6.60  ? 189 PRO A CB  1 
ATOM   978  C CG  . PRO A 1 127 ? -1.431  -0.484  10.421  1.00 7.42  ? 189 PRO A CG  1 
ATOM   979  C CD  . PRO A 1 127 ? -0.902  -1.419  11.533  1.00 5.60  ? 189 PRO A CD  1 
ATOM   980  N N   . ASN A 1 128 ? 0.887   2.783   12.852  1.00 4.83  ? 190 ASN A N   1 
ATOM   981  C CA  . ASN A 1 128 ? 0.971   3.645   14.016  1.00 4.03  ? 190 ASN A CA  1 
ATOM   982  C C   . ASN A 1 128 ? -0.448  3.983   14.499  1.00 4.26  ? 190 ASN A C   1 
ATOM   983  O O   . ASN A 1 128 ? -1.418  3.904   13.748  1.00 4.07  ? 190 ASN A O   1 
ATOM   984  C CB  . ASN A 1 128 ? 1.905   4.830   13.767  1.00 4.55  ? 190 ASN A CB  1 
ATOM   985  C CG  . ASN A 1 128 ? 1.252   5.982   13.013  1.00 4.67  ? 190 ASN A CG  1 
ATOM   986  O OD1 . ASN A 1 128 ? 0.193   6.487   13.424  1.00 4.46  ? 190 ASN A OD1 1 
ATOM   987  N ND2 . ASN A 1 128 ? 1.916   6.485   11.982  1.00 5.19  ? 190 ASN A ND2 1 
ATOM   988  N N   . SER A 1 129 ? -0.549  4.387   15.756  1.00 4.92  ? 191 SER A N   1 
ATOM   989  C CA  . SER A 1 129 ? -1.861  4.517   16.375  1.00 4.89  ? 191 SER A CA  1 
ATOM   990  C C   . SER A 1 129 ? -2.666  5.662   15.776  1.00 4.33  ? 191 SER A C   1 
ATOM   991  O O   . SER A 1 129 ? -3.917  5.648   15.857  1.00 5.47  ? 191 SER A O   1 
ATOM   992  C CB  . SER A 1 129 ? -1.739  4.654   17.896  1.00 6.44  ? 191 SER A CB  1 
ATOM   993  O OG  . SER A 1 129 ? -1.138  5.866   18.281  1.00 9.79  ? 191 SER A OG  1 
ATOM   994  N N   . GLY A 1 130 ? -1.991  6.639   15.188  1.00 4.30  ? 192 GLY A N   1 
ATOM   995  C CA  . GLY A 1 130 ? -2.673  7.717   14.485  1.00 4.68  ? 192 GLY A CA  1 
ATOM   996  C C   . GLY A 1 130 ? -3.331  7.202   13.234  1.00 3.80  ? 192 GLY A C   1 
ATOM   997  O O   . GLY A 1 130 ? -4.524  7.434   12.986  1.00 4.37  ? 192 GLY A O   1 
ATOM   998  N N   . PHE A 1 131 ? -2.575  6.474   12.418  1.00 4.35  ? 193 PHE A N   1 
ATOM   999  C CA  . PHE A 1 131 ? -3.133  5.862   11.223  1.00 4.02  ? 193 PHE A CA  1 
ATOM   1000 C C   . PHE A 1 131 ? -4.288  4.953   11.588  1.00 3.78  ? 193 PHE A C   1 
ATOM   1001 O O   . PHE A 1 131 ? -5.295  4.911   10.882  1.00 4.56  ? 193 PHE A O   1 
ATOM   1002 C CB  . PHE A 1 131 ? -2.067  5.063   10.447  1.00 4.04  ? 193 PHE A CB  1 
ATOM   1003 C CG  . PHE A 1 131 ? -0.938  5.905   9.858   1.00 4.62  ? 193 PHE A CG  1 
ATOM   1004 C CD1 . PHE A 1 131 ? 0.186   5.237   9.329   1.00 4.82  ? 193 PHE A CD1 1 
ATOM   1005 C CD2 . PHE A 1 131 ? -0.958  7.296   9.842   1.00 5.04  ? 193 PHE A CD2 1 
ATOM   1006 C CE1 . PHE A 1 131 ? 1.226   5.919   8.796   1.00 4.43  ? 193 PHE A CE1 1 
ATOM   1007 C CE2 . PHE A 1 131 ? 0.129   7.999   9.280   1.00 4.52  ? 193 PHE A CE2 1 
ATOM   1008 C CZ  . PHE A 1 131 ? 1.217   7.308   8.765   1.00 4.43  ? 193 PHE A CZ  1 
ATOM   1009 N N   . MET A 1 132 ? -4.159  4.174   12.660  1.00 4.44  ? 194 MET A N   1 
ATOM   1010 C CA  . MET A 1 132 ? -5.235  3.260   13.062  1.00 4.78  ? 194 MET A CA  1 
ATOM   1011 C C   . MET A 1 132 ? -6.516  4.051   13.308  1.00 4.16  ? 194 MET A C   1 
ATOM   1012 O O   . MET A 1 132 ? -7.578  3.685   12.830  1.00 4.31  ? 194 MET A O   1 
ATOM   1013 C CB  . MET A 1 132 ? -4.851  2.479   14.310  1.00 4.07  ? 194 MET A CB  1 
ATOM   1014 C CG  . MET A 1 132 ? -3.734  1.479   14.087  1.00 5.74  ? 194 MET A CG  1 
ATOM   1015 S SD  . MET A 1 132 ? -4.169  0.055   13.013  1.00 6.17  ? 194 MET A SD  1 
ATOM   1016 C CE  . MET A 1 132 ? -5.140  -0.908  14.188  1.00 8.86  ? 194 MET A CE  1 
ATOM   1017 N N   . GLU A 1 133 ? -6.448  5.096   14.128  1.00 4.17  ? 195 GLU A N   1 
ATOM   1018 C CA  . GLU A 1 133 ? -7.618  5.836   14.473  1.00 4.58  ? 195 GLU A CA  1 
ATOM   1019 C C   . GLU A 1 133 ? -8.198  6.584   13.252  1.00 4.04  ? 195 GLU A C   1 
ATOM   1020 O O   . GLU A 1 133 ? -9.444  6.630   13.054  1.00 4.59  ? 195 GLU A O   1 
ATOM   1021 C CB  . GLU A 1 133 ? -7.336  6.812   15.629  1.00 4.83  ? 195 GLU A CB  1 
ATOM   1022 C CG  . GLU A 1 133 ? -8.598  7.451   16.205  1.00 4.76  ? 195 GLU A CG  1 
ATOM   1023 C CD  . GLU A 1 133 ? -9.555  6.499   16.904  1.00 4.72  ? 195 GLU A CD  1 
ATOM   1024 O OE1 . GLU A 1 133 ? -9.247  5.317   17.136  1.00 5.69  ? 195 GLU A OE1 1 
ATOM   1025 O OE2 . GLU A 1 133 ? -10.681 6.977   17.256  1.00 4.98  ? 195 GLU A OE2 1 
ATOM   1026 N N   . GLN A 1 134 ? -7.324  7.147   12.421  1.00 4.25  ? 196 GLN A N   1 
ATOM   1027 C CA  . GLN A 1 134 ? -7.758  7.766   11.174  1.00 4.10  ? 196 GLN A CA  1 
ATOM   1028 C C   . GLN A 1 134 ? -8.565  6.764   10.323  1.00 4.17  ? 196 GLN A C   1 
ATOM   1029 O O   . GLN A 1 134 ? -9.667  7.085   9.844   1.00 4.56  ? 196 GLN A O   1 
ATOM   1030 C CB  . GLN A 1 134 ? -6.564  8.296   10.376  1.00 3.56  ? 196 GLN A CB  1 
ATOM   1031 C CG  . GLN A 1 134 ? -5.897  9.464   11.082  1.00 5.58  ? 196 GLN A CG  1 
ATOM   1032 C CD  . GLN A 1 134 ? -4.472  9.709   10.610  1.00 4.67  ? 196 GLN A CD  1 
ATOM   1033 O OE1 . GLN A 1 134 ? -4.042  9.155   9.594   1.00 6.41  ? 196 GLN A OE1 1 
ATOM   1034 N NE2 . GLN A 1 134 ? -3.687  10.419  11.385  1.00 5.86  ? 196 GLN A NE2 1 
ATOM   1035 N N   . LEU A 1 135 ? -8.004  5.564   10.130  1.00 3.84  ? 197 LEU A N   1 
ATOM   1036 C CA  . LEU A 1 135 ? -8.692  4.526   9.342   1.00 3.73  ? 197 LEU A CA  1 
ATOM   1037 C C   . LEU A 1 135 ? -10.016 4.120   9.969   1.00 3.71  ? 197 LEU A C   1 
ATOM   1038 O O   . LEU A 1 135 ? -11.007 3.936   9.251   1.00 4.75  ? 197 LEU A O   1 
ATOM   1039 C CB  . LEU A 1 135 ? -7.791  3.325   9.176   1.00 4.54  ? 197 LEU A CB  1 
ATOM   1040 C CG  . LEU A 1 135 ? -6.594  3.530   8.264   1.00 4.82  ? 197 LEU A CG  1 
ATOM   1041 C CD1 . LEU A 1 135 ? -5.599  2.401   8.436   1.00 7.29  ? 197 LEU A CD1 1 
ATOM   1042 C CD2 . LEU A 1 135 ? -7.028  3.601   6.836   1.00 7.30  ? 197 LEU A CD2 1 
ATOM   1043 N N   . ARG A 1 136 ? -10.095 4.016   11.289  1.00 4.52  ? 198 ARG A N   1 
ATOM   1044 C CA  . ARG A 1 136 ? -11.374 3.699   11.910  1.00 4.59  ? 198 ARG A CA  1 
ATOM   1045 C C   . ARG A 1 136 ? -12.431 4.691   11.519  1.00 3.83  ? 198 ARG A C   1 
ATOM   1046 O O   . ARG A 1 136 ? -13.595 4.308   11.318  1.00 6.19  ? 198 ARG A O   1 
ATOM   1047 C CB  . ARG A 1 136 ? -11.280 3.659   13.438  1.00 5.45  ? 198 ARG A CB  1 
ATOM   1048 C CG  . ARG A 1 136 ? -10.461 2.484   13.967  1.00 5.51  ? 198 ARG A CG  1 
ATOM   1049 C CD  . ARG A 1 136 ? -10.454 2.458   15.504  1.00 5.37  ? 198 ARG A CD  1 
ATOM   1050 N NE  . ARG A 1 136 ? -9.539  1.435   16.012  1.00 6.64  ? 198 ARG A NE  1 
ATOM   1051 C CZ  . ARG A 1 136 ? -8.300  1.646   16.447  1.00 6.90  ? 198 ARG A CZ  1 
ATOM   1052 N NH1 . ARG A 1 136 ? -7.801  2.849   16.660  1.00 6.60  ? 198 ARG A NH1 1 
ATOM   1053 N NH2 . ARG A 1 136 ? -7.568  0.559   16.624  1.00 8.04  ? 198 ARG A NH2 1 
ATOM   1054 N N   . THR A 1 137 ? -12.076 5.970   11.442  1.00 4.64  ? 199 THR A N   1 
ATOM   1055 C CA  . THR A 1 137 ? -13.068 7.013   11.181  1.00 5.17  ? 199 THR A CA  1 
ATOM   1056 C C   . THR A 1 137 ? -13.374 7.185   9.704   1.00 4.86  ? 199 THR A C   1 
ATOM   1057 O O   . THR A 1 137 ? -14.362 7.851   9.343   1.00 6.61  ? 199 THR A O   1 
ATOM   1058 C CB  . THR A 1 137 ? -12.581 8.383   11.705  1.00 5.70  ? 199 THR A CB  1 
ATOM   1059 O OG1 . THR A 1 137 ? -11.483 8.887   10.921  1.00 5.75  ? 199 THR A OG1 1 
ATOM   1060 C CG2 . THR A 1 137 ? -12.247 8.379   13.192  1.00 6.12  ? 199 THR A CG2 1 
ATOM   1061 N N   . TYR A 1 138 ? -12.567 6.583   8.827   1.00 5.15  ? 200 TYR A N   1 
ATOM   1062 C CA  . TYR A 1 138 ? -12.604 6.899   7.414   1.00 5.49  ? 200 TYR A CA  1 
ATOM   1063 C C   . TYR A 1 138 ? -13.950 6.555   6.817   1.00 6.61  ? 200 TYR A C   1 
ATOM   1064 O O   . TYR A 1 138 ? -14.366 5.410   6.894   1.00 7.64  ? 200 TYR A O   1 
ATOM   1065 C CB  . TYR A 1 138 ? -11.450 6.193   6.719   1.00 5.48  ? 200 TYR A CB  1 
ATOM   1066 C CG  . TYR A 1 138 ? -11.401 6.371   5.206   1.00 5.63  ? 200 TYR A CG  1 
ATOM   1067 C CD1 . TYR A 1 138 ? -11.364 7.623   4.589   1.00 5.95  ? 200 TYR A CD1 1 
ATOM   1068 C CD2 . TYR A 1 138 ? -11.338 5.248   4.401   1.00 6.02  ? 200 TYR A CD2 1 
ATOM   1069 C CE1 . TYR A 1 138 ? -11.298 7.757   3.194   1.00 5.96  ? 200 TYR A CE1 1 
ATOM   1070 C CE2 . TYR A 1 138 ? -11.253 5.368   3.010   1.00 6.73  ? 200 TYR A CE2 1 
ATOM   1071 C CZ  . TYR A 1 138 ? -11.238 6.626   2.430   1.00 5.14  ? 200 TYR A CZ  1 
ATOM   1072 O OH  . TYR A 1 138 ? -11.121 6.704   1.053   1.00 7.21  ? 200 TYR A OH  1 
ATOM   1073 N N   . GLN A 1 139 ? -14.563 7.552   6.162   1.00 6.37  ? 201 GLN A N   1 
ATOM   1074 C CA  . GLN A 1 139 ? -15.826 7.433   5.434   1.00 7.93  ? 201 GLN A CA  1 
ATOM   1075 C C   . GLN A 1 139 ? -17.020 7.093   6.318   1.00 7.22  ? 201 GLN A C   1 
ATOM   1076 O O   . GLN A 1 139 ? -18.088 6.737   5.786   1.00 8.67  ? 201 GLN A O   1 
ATOM   1077 C CB  . GLN A 1 139 ? -15.753 6.387   4.328   1.00 9.98  ? 201 GLN A CB  1 
ATOM   1078 C CG  . GLN A 1 139 ? -14.746 6.717   3.252   1.00 9.86  ? 201 GLN A CG  1 
ATOM   1079 C CD  . GLN A 1 139 ? -14.722 5.673   2.141   1.00 10.00 ? 201 GLN A CD  1 
ATOM   1080 O OE1 . GLN A 1 139 ? -14.865 4.461   2.346   1.00 14.43 ? 201 GLN A OE1 1 
ATOM   1081 N NE2 . GLN A 1 139 ? -14.451 6.147   0.965   1.00 9.52  ? 201 GLN A NE2 1 
ATOM   1082 N N   . GLU A 1 140 ? -16.932 7.376   7.619   1.00 7.71  ? 202 GLU A N   1 
ATOM   1083 C CA  . GLU A 1 140 ? -18.149 7.191   8.430   1.00 8.49  ? 202 GLU A CA  1 
ATOM   1084 C C   . GLU A 1 140 ? -19.293 8.088   7.924   1.00 9.92  ? 202 GLU A C   1 
ATOM   1085 O O   . GLU A 1 140 ? -20.448 7.596   7.822   1.00 12.14 ? 202 GLU A O   1 
ATOM   1086 C CB  . GLU A 1 140 ? -17.828 7.389   9.912   1.00 10.10 ? 202 GLU A CB  1 
ATOM   1087 C CG  . GLU A 1 140 ? -17.152 6.157   10.516  1.00 8.26  ? 202 GLU A CG  1 
ATOM   1088 C CD  . GLU A 1 140 ? -16.586 6.377   11.889  1.00 9.03  ? 202 GLU A CD  1 
ATOM   1089 O OE1 . GLU A 1 140 ? -16.412 7.541   12.307  1.00 8.34  ? 202 GLU A OE1 1 
ATOM   1090 O OE2 . GLU A 1 140 ? -16.251 5.332   12.501  1.00 8.22  ? 202 GLU A OE2 1 
ATOM   1091 N N   . GLY A 1 141 ? -19.008 9.344   7.548   1.00 8.55  ? 203 GLY A N   1 
ATOM   1092 C CA  . GLY A 1 141 ? -20.102 10.190  7.031   1.00 9.92  ? 203 GLY A CA  1 
ATOM   1093 C C   . GLY A 1 141 ? -20.726 9.593   5.787   1.00 9.58  ? 203 GLY A C   1 
ATOM   1094 O O   . GLY A 1 141 ? -21.943 9.461   5.674   1.00 11.93 ? 203 GLY A O   1 
ATOM   1095 N N   . LYS A 1 142 ? -19.887 9.189   4.844   1.00 10.32 ? 204 LYS A N   1 
ATOM   1096 C CA  . LYS A 1 142 ? -20.343 8.621   3.580   1.00 12.89 ? 204 LYS A CA  1 
ATOM   1097 C C   . LYS A 1 142 ? -21.205 7.388   3.778   1.00 9.50  ? 204 LYS A C   1 
ATOM   1098 O O   . LYS A 1 142 ? -22.241 7.230   3.108   1.00 11.33 ? 204 LYS A O   1 
ATOM   1099 C CB  . LYS A 1 142 ? -19.150 8.312   2.678   1.00 10.17 ? 204 LYS A CB  1 
ATOM   1100 C CG  . LYS A 1 142 ? -19.536 7.618   1.381   1.00 13.23 ? 204 LYS A CG  1 
ATOM   1101 C CD  . LYS A 1 142 ? -18.361 7.256   0.480   1.00 15.14 ? 204 LYS A CD  1 
ATOM   1102 C CE  . LYS A 1 142 ? -18.837 6.483   -0.766  1.00 16.67 ? 204 LYS A CE  1 
ATOM   1103 N NZ  . LYS A 1 142 ? -17.895 6.539   -1.910  1.00 18.51 ? 204 LYS A NZ  1 
ATOM   1104 N N   . GLU A 1 143 ? -20.784 6.495   4.660   1.00 11.71 ? 205 GLU A N   1 
ATOM   1105 C CA  . GLU A 1 143 ? -21.461 5.209   4.837   1.00 10.63 ? 205 GLU A CA  1 
ATOM   1106 C C   . GLU A 1 143 ? -22.800 5.418   5.547   1.00 12.62 ? 205 GLU A C   1 
ATOM   1107 O O   . GLU A 1 143 ? -23.733 4.629   5.405   1.00 14.75 ? 205 GLU A O   1 
ATOM   1108 C CB  . GLU A 1 143 ? -20.573 4.277   5.658   1.00 13.50 ? 205 GLU A CB  1 
ATOM   1109 C CG  . GLU A 1 143 ? -19.277 3.952   4.947   1.00 16.62 ? 205 GLU A CG  1 
ATOM   1110 C CD  . GLU A 1 143 ? -19.522 3.463   3.522   1.00 21.05 ? 205 GLU A CD  1 
ATOM   1111 O OE1 . GLU A 1 143 ? -20.340 2.525   3.327   1.00 25.74 ? 205 GLU A OE1 1 
ATOM   1112 O OE2 . GLU A 1 143 ? -18.846 3.986   2.611   1.00 24.99 ? 205 GLU A OE2 1 
ATOM   1113 N N   . SER A 1 144 ? -22.867 6.438   6.394   1.00 14.02 ? 206 SER A N   1 
ATOM   1114 C CA  . SER A 1 144 ? -24.059 6.721   7.188   1.00 15.56 ? 206 SER A CA  1 
ATOM   1115 C C   . SER A 1 144 ? -24.623 5.490   7.913   1.00 16.14 ? 206 SER A C   1 
ATOM   1116 O O   . SER A 1 144 ? -25.857 5.260   7.872   1.00 17.81 ? 206 SER A O   1 
ATOM   1117 C CB  . SER A 1 144 ? -25.087 7.417   6.279   1.00 14.74 ? 206 SER A CB  1 
ATOM   1118 O OG  . SER A 1 144 ? -26.264 7.819   6.951   1.00 22.27 ? 206 SER A OG  1 
HETATM 1119 P P   . PO4 B 2 .   ? 10.912  2.643   8.996   1.00 7.33  ? 1   PO4 A P   1 
HETATM 1120 O O1  . PO4 B 2 .   ? 9.916   1.865   8.227   1.00 8.23  ? 1   PO4 A O1  1 
HETATM 1121 O O2  . PO4 B 2 .   ? 11.980  1.776   9.497   1.00 10.85 ? 1   PO4 A O2  1 
HETATM 1122 O O3  . PO4 B 2 .   ? 11.544  3.619   8.112   1.00 8.91  ? 1   PO4 A O3  1 
HETATM 1123 O O4  . PO4 B 2 .   ? 10.213  3.358   10.073  1.00 8.94  ? 1   PO4 A O4  1 
HETATM 1124 S S   . SO4 C 3 .   ? 6.366   1.696   7.081   1.00 6.61  ? 2   SO4 A S   1 
HETATM 1125 O O1  . SO4 C 3 .   ? 5.230   1.169   6.251   1.00 7.51  ? 2   SO4 A O1  1 
HETATM 1126 O O2  . SO4 C 3 .   ? 6.552   0.667   8.092   1.00 6.07  ? 2   SO4 A O2  1 
HETATM 1127 O O3  . SO4 C 3 .   ? 7.468   1.859   6.155   1.00 5.63  ? 2   SO4 A O3  1 
HETATM 1128 O O4  . SO4 C 3 .   ? 5.842   2.953   7.602   1.00 5.08  ? 2   SO4 A O4  1 
HETATM 1129 S S   . SO4 D 3 .   ? 9.901   -7.971  4.920   1.00 8.44  ? 3   SO4 A S   1 
HETATM 1130 O O1  . SO4 D 3 .   ? 8.802   -8.253  3.991   1.00 20.48 ? 3   SO4 A O1  1 
HETATM 1131 O O2  . SO4 D 3 .   ? 10.696  -9.034  5.522   1.00 18.72 ? 3   SO4 A O2  1 
HETATM 1132 O O3  . SO4 D 3 .   ? 10.862  -7.263  4.111   1.00 11.51 ? 3   SO4 A O3  1 
HETATM 1133 O O4  . SO4 D 3 .   ? 9.427   -7.228  6.060   1.00 14.62 ? 3   SO4 A O4  1 
HETATM 1134 O O   . HOH E 4 .   ? 13.187  -13.642 -11.437 1.00 18.07 ? 4   HOH A O   1 
HETATM 1135 O O   . HOH E 4 .   ? 19.210  5.188   -0.838  1.00 7.91  ? 5   HOH A O   1 
HETATM 1136 O O   . HOH E 4 .   ? -5.615  9.078   -12.351 1.00 6.87  ? 6   HOH A O   1 
HETATM 1137 O O   . HOH E 4 .   ? 10.742  1.642   -5.251  1.00 5.33  ? 7   HOH A O   1 
HETATM 1138 O O   . HOH E 4 .   ? -3.365  10.745  -12.020 1.00 8.57  ? 8   HOH A O   1 
HETATM 1139 O O   . HOH E 4 .   ? -0.115  14.903  6.809   1.00 20.31 ? 9   HOH A O   1 
HETATM 1140 O O   . HOH E 4 .   ? 11.781  8.247   -3.602  1.00 16.22 ? 10  HOH A O   1 
HETATM 1141 O O   . HOH E 4 .   ? -5.974  -12.051 3.180   1.00 16.71 ? 11  HOH A O   1 
HETATM 1142 O O   . HOH E 4 .   ? 6.223   9.946   -8.603  1.00 15.62 ? 12  HOH A O   1 
HETATM 1143 O O   . HOH E 4 .   ? 8.020   -7.226  1.710   1.00 7.72  ? 13  HOH A O   1 
HETATM 1144 O O   . HOH E 4 .   ? 10.686  10.954  -0.373  1.00 10.22 ? 14  HOH A O   1 
HETATM 1145 O O   . HOH E 4 .   ? -5.897  -13.048 12.827  1.00 20.52 ? 15  HOH A O   1 
HETATM 1146 O O   . HOH E 4 .   ? 10.323  6.790   -0.396  1.00 8.68  ? 16  HOH A O   1 
HETATM 1147 O O   . HOH E 4 .   ? 12.415  0.076   -6.700  1.00 5.33  ? 17  HOH A O   1 
HETATM 1148 O O   . HOH E 4 .   ? 7.889   8.091   -1.348  1.00 6.80  ? 18  HOH A O   1 
HETATM 1149 O O   . HOH E 4 .   ? 16.814  3.660   -0.859  1.00 9.62  ? 19  HOH A O   1 
HETATM 1150 O O   . HOH E 4 .   ? 16.366  1.033   -15.063 1.00 19.70 ? 20  HOH A O   1 
HETATM 1151 O O   . HOH E 4 .   ? -5.977  -12.231 -4.180  1.00 9.56  ? 21  HOH A O   1 
HETATM 1152 O O   . HOH E 4 .   ? 4.424   -10.471 4.313   1.00 10.89 ? 22  HOH A O   1 
HETATM 1153 O O   . HOH E 4 .   ? 2.010   -7.635  13.334  1.00 7.45  ? 23  HOH A O   1 
HETATM 1154 O O   . HOH E 4 .   ? 7.722   5.443   -14.025 1.00 11.33 ? 24  HOH A O   1 
HETATM 1155 O O   . HOH E 4 .   ? 9.521   9.777   -2.499  1.00 15.20 ? 25  HOH A O   1 
HETATM 1156 O O   . HOH E 4 .   ? 19.951  -11.697 -9.357  1.00 10.94 ? 26  HOH A O   1 
HETATM 1157 O O   . HOH E 4 .   ? 11.590  5.856   4.502   1.00 8.96  ? 27  HOH A O   1 
HETATM 1158 O O   . HOH E 4 .   ? -10.223 9.012   0.062   1.00 8.32  ? 28  HOH A O   1 
HETATM 1159 O O   . HOH E 4 .   ? -4.770  6.524   -12.722 1.00 9.19  ? 29  HOH A O   1 
HETATM 1160 O O   . HOH E 4 .   ? -2.010  -11.120 -11.116 1.00 7.97  ? 30  HOH A O   1 
HETATM 1161 O O   . HOH E 4 .   ? 9.571   -8.008  -4.701  1.00 7.00  ? 31  HOH A O   1 
HETATM 1162 O O   . HOH E 4 .   ? 1.214   -8.611  -14.326 1.00 9.51  ? 32  HOH A O   1 
HETATM 1163 O O   . HOH E 4 .   ? -11.455 11.540  10.247  1.00 6.70  ? 33  HOH A O   1 
HETATM 1164 O O   . HOH E 4 .   ? -4.054  -7.739  -13.316 1.00 8.01  ? 34  HOH A O   1 
HETATM 1165 O O   . HOH E 4 .   ? -15.649 1.881   4.316   1.00 22.41 ? 35  HOH A O   1 
HETATM 1166 O O   . HOH E 4 .   ? 0.859   -11.058 13.490  1.00 6.70  ? 36  HOH A O   1 
HETATM 1167 O O   . HOH E 4 .   ? 6.452   -16.633 -11.219 1.00 11.29 ? 37  HOH A O   1 
HETATM 1168 O O   . HOH E 4 .   ? 5.046   3.207   13.523  1.00 11.24 ? 38  HOH A O   1 
HETATM 1169 O O   . HOH E 4 .   ? 6.930   -8.246  -5.386  1.00 7.19  ? 39  HOH A O   1 
HETATM 1170 O O   . HOH E 4 .   ? -11.587 -9.778  6.265   1.00 18.02 ? 40  HOH A O   1 
HETATM 1171 O O   . HOH E 4 .   ? 16.923  -9.699  -6.812  1.00 8.25  ? 41  HOH A O   1 
HETATM 1172 O O   . HOH E 4 .   ? -5.343  4.058   17.623  1.00 6.60  ? 42  HOH A O   1 
HETATM 1173 O O   . HOH E 4 .   ? 7.642   2.004   10.333  1.00 10.53 ? 43  HOH A O   1 
HETATM 1174 O O   . HOH E 4 .   ? -15.085 -2.019  11.068  1.00 20.27 ? 44  HOH A O   1 
HETATM 1175 O O   . HOH E 4 .   ? 3.136   -12.856 4.042   1.00 10.50 ? 45  HOH A O   1 
HETATM 1176 O O   . HOH E 4 .   ? 12.502  -12.504 -1.122  1.00 10.39 ? 46  HOH A O   1 
HETATM 1177 O O   . HOH E 4 .   ? -1.524  8.908   -10.998 1.00 10.29 ? 47  HOH A O   1 
HETATM 1178 O O   . HOH E 4 .   ? -14.913 3.680   9.007   1.00 10.18 ? 48  HOH A O   1 
HETATM 1179 O O   . HOH E 4 .   ? 16.279  -6.289  -1.835  1.00 11.77 ? 49  HOH A O   1 
HETATM 1180 O O   . HOH E 4 .   ? -6.773  12.757  10.226  1.00 8.91  ? 50  HOH A O   1 
HETATM 1181 O O   . HOH E 4 .   ? -14.163 1.525   12.073  1.00 11.39 ? 51  HOH A O   1 
HETATM 1182 O O   . HOH E 4 .   ? -17.461 10.094  12.269  1.00 9.10  ? 52  HOH A O   1 
HETATM 1183 O O   . HOH E 4 .   ? -6.470  -6.495  -13.548 1.00 11.38 ? 53  HOH A O   1 
HETATM 1184 O O   . HOH E 4 .   ? 5.517   13.422  -2.518  1.00 16.82 ? 54  HOH A O   1 
HETATM 1185 O O   . HOH E 4 .   ? 13.070  -3.515  3.812   1.00 12.90 ? 55  HOH A O   1 
HETATM 1186 O O   . HOH E 4 .   ? 17.585  4.352   -9.808  1.00 10.45 ? 56  HOH A O   1 
HETATM 1187 O O   . HOH E 4 .   ? 10.855  -10.531 -2.167  1.00 9.47  ? 57  HOH A O   1 
HETATM 1188 O O   . HOH E 4 .   ? -10.546 -3.299  -4.527  1.00 21.06 ? 58  HOH A O   1 
HETATM 1189 O O   . HOH E 4 .   ? -17.318 10.762  5.247   1.00 10.45 ? 59  HOH A O   1 
HETATM 1190 O O   . HOH E 4 .   ? 3.859   13.880  -0.062  1.00 17.87 ? 60  HOH A O   1 
HETATM 1191 O O   . HOH E 4 .   ? 5.378   11.761  16.744  1.00 12.03 ? 61  HOH A O   1 
HETATM 1192 O O   . HOH E 4 .   ? 10.763  -11.694 5.495   1.00 17.82 ? 62  HOH A O   1 
HETATM 1193 O O   . HOH E 4 .   ? 1.552   16.493  9.815   1.00 24.88 ? 63  HOH A O   1 
HETATM 1194 O O   . HOH E 4 .   ? -13.721 5.123   -5.077  1.00 15.65 ? 64  HOH A O   1 
HETATM 1195 O O   . HOH E 4 .   ? 17.203  -3.341  -14.254 1.00 25.96 ? 207 HOH A O   1 
HETATM 1196 O O   . HOH E 4 .   ? 7.948   -8.064  -13.455 1.00 25.39 ? 208 HOH A O   1 
HETATM 1197 O O   . HOH E 4 .   ? 21.696  3.090   -4.390  1.00 11.19 ? 209 HOH A O   1 
HETATM 1198 O O   . HOH E 4 .   ? 17.865  -5.543  -15.725 1.00 18.84 ? 210 HOH A O   1 
HETATM 1199 O O   . HOH E 4 .   ? 17.031  -9.813  -11.391 1.00 11.98 ? 211 HOH A O   1 
HETATM 1200 O O   . HOH E 4 .   ? 4.044   12.788  5.799   1.00 8.35  ? 212 HOH A O   1 
HETATM 1201 O O   . HOH E 4 .   ? -0.010  -13.045 1.188   1.00 6.84  ? 213 HOH A O   1 
HETATM 1202 O O   . HOH E 4 .   ? -1.377  13.060  16.245  1.00 14.06 ? 214 HOH A O   1 
HETATM 1203 O O   . HOH E 4 .   ? 14.102  -9.433  -0.677  1.00 11.10 ? 215 HOH A O   1 
HETATM 1204 O O   . HOH E 4 .   ? 3.677   11.671  -6.986  1.00 19.54 ? 216 HOH A O   1 
HETATM 1205 O O   . HOH E 4 .   ? -15.949 4.746   -0.911  1.00 13.41 ? 217 HOH A O   1 
HETATM 1206 O O   . HOH E 4 .   ? 11.124  -14.030 -13.323 1.00 28.45 ? 218 HOH A O   1 
HETATM 1207 O O   . HOH E 4 .   ? 17.854  7.128   -7.186  1.00 11.11 ? 219 HOH A O   1 
HETATM 1208 O O   . HOH E 4 .   ? -11.055 -1.503  -7.826  1.00 17.12 ? 220 HOH A O   1 
HETATM 1209 O O   . HOH E 4 .   ? 16.422  -13.978 -5.492  1.00 14.34 ? 221 HOH A O   1 
HETATM 1210 O O   . HOH E 4 .   ? -9.065  -7.077  -12.427 1.00 19.20 ? 222 HOH A O   1 
HETATM 1211 O O   . HOH E 4 .   ? 17.704  -2.079  -0.574  1.00 18.86 ? 223 HOH A O   1 
HETATM 1212 O O   . HOH E 4 .   ? 1.645   -1.811  -17.517 1.00 25.47 ? 224 HOH A O   1 
HETATM 1213 O O   . HOH E 4 .   ? 4.847   -10.142 7.125   1.00 13.38 ? 225 HOH A O   1 
HETATM 1214 O O   . HOH E 4 .   ? 18.744  -15.042 -8.179  1.00 19.63 ? 226 HOH A O   1 
HETATM 1215 O O   . HOH E 4 .   ? 5.900   13.768  3.834   1.00 24.45 ? 227 HOH A O   1 
HETATM 1216 O O   . HOH E 4 .   ? 6.351   3.293   -17.311 1.00 24.41 ? 228 HOH A O   1 
HETATM 1217 O O   . HOH E 4 .   ? 3.457   7.322   -12.604 1.00 16.90 ? 229 HOH A O   1 
HETATM 1218 O O   . HOH E 4 .   ? -6.890  1.048   20.098  1.00 20.69 ? 230 HOH A O   1 
HETATM 1219 O O   . HOH E 4 .   ? 17.205  2.680   -12.048 1.00 10.13 ? 231 HOH A O   1 
HETATM 1220 O O   . HOH E 4 .   ? -10.008 2.990   -4.117  1.00 18.07 ? 232 HOH A O   1 
HETATM 1221 O O   . HOH E 4 .   ? 6.557   9.284   16.609  1.00 14.98 ? 233 HOH A O   1 
HETATM 1222 O O   . HOH E 4 .   ? 14.929  -12.847 -3.266  1.00 12.75 ? 234 HOH A O   1 
HETATM 1223 O O   . HOH E 4 .   ? 19.175  -0.633  -9.086  1.00 13.66 ? 235 HOH A O   1 
HETATM 1224 O O   . HOH E 4 .   ? 7.901   0.213   12.514  1.00 22.01 ? 236 HOH A O   1 
HETATM 1225 O O   . HOH E 4 .   ? -15.370 0.925   8.847   1.00 13.45 ? 237 HOH A O   1 
HETATM 1226 O O   . HOH E 4 .   ? 0.905   1.456   -20.166 1.00 24.79 ? 238 HOH A O   1 
HETATM 1227 O O   . HOH E 4 .   ? 5.001   -0.880  -16.327 1.00 17.77 ? 239 HOH A O   1 
HETATM 1228 O O   . HOH E 4 .   ? -23.945 10.069  3.850   1.00 19.71 ? 240 HOH A O   1 
HETATM 1229 O O   . HOH E 4 .   ? 2.769   1.605   16.947  1.00 16.81 ? 241 HOH A O   1 
HETATM 1230 O O   . HOH E 4 .   ? -1.177  -0.747  15.722  1.00 10.54 ? 242 HOH A O   1 
HETATM 1231 O O   . HOH E 4 .   ? 7.307   -4.584  -15.255 1.00 15.45 ? 243 HOH A O   1 
HETATM 1232 O O   . HOH E 4 .   ? 1.017   -0.290  17.727  1.00 17.89 ? 244 HOH A O   1 
HETATM 1233 O O   . HOH E 4 .   ? -17.757 3.598   8.198   1.00 16.75 ? 245 HOH A O   1 
HETATM 1234 O O   . HOH E 4 .   ? 2.592   15.658  3.338   1.00 20.58 ? 246 HOH A O   1 
HETATM 1235 O O   . HOH E 4 .   ? 16.660  -9.600  -14.025 1.00 15.78 ? 247 HOH A O   1 
HETATM 1236 O O   . HOH E 4 .   ? 11.358  -0.285  11.458  1.00 23.62 ? 248 HOH A O   1 
HETATM 1237 O O   . HOH E 4 .   ? 17.498  1.560   3.996   1.00 15.36 ? 249 HOH A O   1 
HETATM 1238 O O   . HOH E 4 .   ? 16.525  -8.300  -0.030  1.00 15.84 ? 250 HOH A O   1 
HETATM 1239 O O   . HOH E 4 .   ? 0.214   -4.454  -17.424 1.00 24.16 ? 251 HOH A O   1 
HETATM 1240 O O   . HOH E 4 .   ? 9.889   -4.992  7.383   1.00 15.84 ? 252 HOH A O   1 
HETATM 1241 O O   . HOH E 4 .   ? -0.690  12.583  -1.946  1.00 19.71 ? 253 HOH A O   1 
HETATM 1242 O O   . HOH E 4 .   ? 13.600  -8.127  4.199   1.00 17.83 ? 254 HOH A O   1 
HETATM 1243 O O   . HOH E 4 .   ? 15.844  -13.181 -11.969 1.00 19.32 ? 255 HOH A O   1 
HETATM 1244 O O   . HOH E 4 .   ? 3.708   1.109   14.437  1.00 13.42 ? 256 HOH A O   1 
HETATM 1245 O O   . HOH E 4 .   ? -17.745 0.508   7.604   1.00 29.86 ? 257 HOH A O   1 
HETATM 1246 O O   . HOH E 4 .   ? 8.158   5.462   12.711  1.00 17.28 ? 258 HOH A O   1 
HETATM 1247 O O   . HOH E 4 .   ? 14.711  -15.697 -6.708  1.00 24.05 ? 259 HOH A O   1 
HETATM 1248 O O   . HOH E 4 .   ? -4.423  -7.153  15.215  1.00 14.22 ? 260 HOH A O   1 
HETATM 1249 O O   . HOH E 4 .   ? 10.446  7.368   -10.418 1.00 26.66 ? 261 HOH A O   1 
HETATM 1250 O O   . HOH E 4 .   ? -9.686  -6.607  12.339  1.00 20.29 ? 262 HOH A O   1 
HETATM 1251 O O   . HOH E 4 .   ? 9.522   -7.559  -15.736 1.00 33.16 ? 263 HOH A O   1 
HETATM 1252 O O   . HOH E 4 .   ? 15.458  -5.997  -16.580 1.00 19.34 ? 264 HOH A O   1 
HETATM 1253 O O   . HOH E 4 .   ? 8.308   8.028   -8.858  1.00 15.98 ? 265 HOH A O   1 
HETATM 1254 O O   . HOH E 4 .   ? 7.529   -10.442 -14.808 1.00 18.80 ? 266 HOH A O   1 
HETATM 1255 O O   . HOH E 4 .   ? 10.031  -4.742  10.042  1.00 24.93 ? 267 HOH A O   1 
HETATM 1256 O O   . HOH E 4 .   ? 1.988   -8.426  -16.780 1.00 39.65 ? 268 HOH A O   1 
HETATM 1257 O O   . HOH E 4 .   ? -16.123 5.819   -3.990  1.00 23.27 ? 269 HOH A O   1 
HETATM 1258 O O   . HOH E 4 .   ? 2.212   1.702   -17.411 1.00 17.52 ? 270 HOH A O   1 
HETATM 1259 O O   . HOH E 4 .   ? -2.678  -9.941  -15.163 1.00 20.49 ? 271 HOH A O   1 
HETATM 1260 O O   . HOH E 4 .   ? -17.877 9.187   -2.872  1.00 22.37 ? 272 HOH A O   1 
HETATM 1261 O O   . HOH E 4 .   ? 16.404  -12.333 -14.776 1.00 24.33 ? 273 HOH A O   1 
HETATM 1262 O O   . HOH E 4 .   ? -0.859  15.802  2.610   1.00 28.25 ? 274 HOH A O   1 
HETATM 1263 O O   . HOH E 4 .   ? 16.075  -9.462  3.378   1.00 21.91 ? 275 HOH A O   1 
HETATM 1264 O O   . HOH E 4 .   ? 17.854  0.035   -17.135 1.00 25.99 ? 276 HOH A O   1 
HETATM 1265 O O   . HOH E 4 .   ? 8.064   -0.209  -17.546 1.00 37.23 ? 277 HOH A O   1 
HETATM 1266 O O   . HOH E 4 .   ? 1.168   12.431  -6.254  1.00 25.22 ? 278 HOH A O   1 
HETATM 1267 O O   . HOH E 4 .   ? 8.252   -7.398  8.602   1.00 30.52 ? 279 HOH A O   1 
HETATM 1268 O O   . HOH E 4 .   ? -5.339  -10.734 11.333  1.00 27.75 ? 280 HOH A O   1 
HETATM 1269 O O   . HOH E 4 .   ? -9.613  -11.744 6.610   1.00 28.41 ? 281 HOH A O   1 
HETATM 1270 O O   . HOH E 4 .   ? -23.222 9.232   1.277   1.00 24.72 ? 282 HOH A O   1 
HETATM 1271 O O   . HOH E 4 .   ? 7.432   7.989   -12.407 1.00 26.64 ? 283 HOH A O   1 
HETATM 1272 O O   . HOH E 4 .   ? 18.855  -14.690 -4.020  1.00 18.90 ? 284 HOH A O   1 
HETATM 1273 O O   . HOH E 4 .   ? -8.728  -9.356  -10.735 1.00 17.31 ? 285 HOH A O   1 
HETATM 1274 O O   . HOH E 4 .   ? 5.094   7.794   18.445  1.00 17.53 ? 286 HOH A O   1 
HETATM 1275 O O   . HOH E 4 .   ? 16.598  -2.375  -17.814 1.00 25.93 ? 287 HOH A O   1 
HETATM 1276 O O   . HOH E 4 .   ? -19.726 5.264   -3.948  1.00 27.36 ? 288 HOH A O   1 
HETATM 1277 O O   . HOH E 4 .   ? 0.827   13.383  -4.014  1.00 29.49 ? 289 HOH A O   1 
HETATM 1278 O O   . HOH E 4 .   ? 16.859  -15.404 -13.204 1.00 28.35 ? 290 HOH A O   1 
HETATM 1279 O O   . HOH E 4 .   ? 5.530   -0.750  15.762  1.00 31.32 ? 291 HOH A O   1 
HETATM 1280 O O   . HOH E 4 .   ? 17.445  -0.885  -13.372 1.00 23.56 ? 292 HOH A O   1 
HETATM 1281 O O   . HOH E 4 .   ? -21.127 8.314   -3.741  1.00 44.88 ? 293 HOH A O   1 
HETATM 1282 O O   . HOH E 4 .   ? -17.062 -5.183  5.383   1.00 21.84 ? 294 HOH A O   1 
HETATM 1283 O O   . HOH E 4 .   ? 7.457   12.088  -6.698  1.00 27.38 ? 295 HOH A O   1 
HETATM 1284 O O   . HOH E 4 .   ? -1.422  -11.373 -17.347 1.00 43.22 ? 296 HOH A O   1 
HETATM 1285 O O   . HOH E 4 .   ? -11.715 -3.583  -6.627  1.00 22.37 ? 297 HOH A O   1 
HETATM 1286 O O   . HOH E 4 .   ? 16.506  4.043   -16.555 1.00 23.64 ? 298 HOH A O   1 
HETATM 1287 O O   . HOH E 4 .   ? 8.928   11.910  -4.101  1.00 25.22 ? 299 HOH A O   1 
HETATM 1288 O O   . HOH E 4 .   ? -9.119  -14.451 10.545  1.00 29.24 ? 300 HOH A O   1 
HETATM 1289 O O   . HOH E 4 .   ? -11.264 -13.690 8.050   1.00 39.78 ? 301 HOH A O   1 
HETATM 1290 O O   . HOH E 4 .   ? 7.542   -10.783 6.581   1.00 23.76 ? 302 HOH A O   1 
HETATM 1291 O O   . HOH E 4 .   ? 2.853   16.218  17.987  1.00 30.14 ? 303 HOH A O   1 
HETATM 1292 O O   . HOH E 4 .   ? -1.523  16.424  12.594  1.00 15.72 ? 304 HOH A O   1 
HETATM 1293 O O   . HOH E 4 .   ? -16.431 -8.985  6.613   1.00 47.99 ? 305 HOH A O   1 
HETATM 1294 O O   . HOH E 4 .   ? 1.804   15.510  -0.523  1.00 40.13 ? 306 HOH A O   1 
HETATM 1295 O O   . HOH E 4 .   ? -14.326 -5.898  -3.757  1.00 46.94 ? 307 HOH A O   1 
HETATM 1296 O O   . HOH E 4 .   ? -0.439  15.830  -4.676  1.00 33.98 ? 308 HOH A O   1 
HETATM 1297 O O   . HOH E 4 .   ? 12.963  7.935   -8.287  1.00 13.53 ? 309 HOH A O   1 
HETATM 1298 O O   . HOH E 4 .   ? 18.089  -7.841  1.766   1.00 26.57 ? 310 HOH A O   1 
HETATM 1299 O O   . HOH E 4 .   ? -0.984  12.385  -8.005  1.00 14.87 ? 311 HOH A O   1 
HETATM 1300 O O   . HOH E 4 .   ? 16.286  -2.072  1.794   1.00 24.32 ? 312 HOH A O   1 
HETATM 1301 O O   . HOH E 4 .   ? -13.420 -10.214 8.877   1.00 36.54 ? 313 HOH A O   1 
HETATM 1302 O O   . HOH E 4 .   ? -13.389 -5.566  -11.651 1.00 36.60 ? 314 HOH A O   1 
HETATM 1303 O O   . HOH E 4 .   ? -6.734  -6.303  -17.068 1.00 31.50 ? 315 HOH A O   1 
HETATM 1304 O O   . HOH E 4 .   ? -4.111  -11.400 -18.216 1.00 60.04 ? 316 HOH A O   1 
HETATM 1305 O O   . HOH E 4 .   ? -6.909  -10.854 -11.828 1.00 13.61 ? 317 HOH A O   1 
HETATM 1306 O O   . HOH E 4 .   ? 3.389   -15.041 2.274   1.00 8.24  ? 318 HOH A O   1 
HETATM 1307 O O   . HOH E 4 .   ? -21.447 5.545   9.460   1.00 13.59 ? 319 HOH A O   1 
HETATM 1308 O O   . HOH E 4 .   ? -1.915  -3.144  14.633  1.00 11.43 ? 320 HOH A O   1 
HETATM 1309 O O   . HOH E 4 .   ? 3.688   9.687   19.964  1.00 24.73 ? 321 HOH A O   1 
HETATM 1310 O O   . HOH E 4 .   ? -1.779  15.637  15.344  1.00 16.33 ? 322 HOH A O   1 
HETATM 1311 O O   . HOH E 4 .   ? 5.031   -17.339 1.676   1.00 9.34  ? 323 HOH A O   1 
HETATM 1312 O O   . HOH E 4 .   ? -21.660 10.046  -0.439  1.00 17.52 ? 324 HOH A O   1 
HETATM 1313 O O   . HOH E 4 .   ? 1.506   5.680   -16.553 1.00 17.54 ? 325 HOH A O   1 
HETATM 1314 O O   . HOH E 4 .   ? 20.072  1.061   -7.126  1.00 15.59 ? 326 HOH A O   1 
HETATM 1315 O O   . HOH E 4 .   ? 1.188   6.794   -13.843 1.00 23.67 ? 327 HOH A O   1 
HETATM 1316 O O   . HOH E 4 .   ? -4.259  -4.221  15.680  1.00 14.98 ? 328 HOH A O   1 
HETATM 1317 O O   . HOH E 4 .   ? -6.128  -8.536  13.108  1.00 22.14 ? 329 HOH A O   1 
HETATM 1318 O O   . HOH E 4 .   ? -4.485  -12.054 -14.923 1.00 20.20 ? 330 HOH A O   1 
HETATM 1319 O O   . HOH E 4 .   ? -5.587  -2.454  17.634  1.00 24.66 ? 331 HOH A O   1 
HETATM 1320 O O   . HOH E 4 .   ? -7.137  -3.978  14.762  1.00 25.77 ? 332 HOH A O   1 
HETATM 1321 O O   . HOH E 4 .   ? -13.188 1.628   -17.188 1.00 50.22 ? 333 HOH A O   1 
HETATM 1322 O O   . HOH E 4 .   ? 15.075  7.147   -6.783  1.00 9.85  ? 334 HOH A O   1 
HETATM 1323 O O   . HOH E 4 .   ? -7.531  -13.855 4.521   1.00 21.65 ? 335 HOH A O   1 
HETATM 1324 O O   . HOH E 4 .   ? 19.080  3.559   -7.595  1.00 13.18 ? 336 HOH A O   1 
HETATM 1325 O O   . HOH E 4 .   ? 5.834   -4.766  12.673  1.00 11.60 ? 337 HOH A O   1 
HETATM 1326 O O   . HOH E 4 .   ? -2.139  6.661   -12.293 1.00 14.28 ? 338 HOH A O   1 
HETATM 1327 O O   . HOH E 4 .   ? -10.360 -7.721  -8.756  1.00 18.07 ? 339 HOH A O   1 
HETATM 1328 O O   . HOH E 4 .   ? -14.333 7.929   -2.976  1.00 17.62 ? 340 HOH A O   1 
HETATM 1329 O O   . HOH E 4 .   ? -15.045 8.574   -0.329  1.00 15.90 ? 341 HOH A O   1 
HETATM 1330 O O   . HOH E 4 .   ? 10.457  5.185   -14.179 1.00 20.48 ? 342 HOH A O   1 
HETATM 1331 O O   . HOH E 4 .   ? 9.417   2.583   -16.964 1.00 21.84 ? 343 HOH A O   1 
HETATM 1332 O O   . HOH E 4 .   ? -10.041 -10.129 -7.108  1.00 25.78 ? 344 HOH A O   1 
HETATM 1333 O O   . HOH E 4 .   ? -0.617  -15.248 4.070   1.00 22.29 ? 345 HOH A O   1 
HETATM 1334 O O   . HOH E 4 .   ? -5.380  -15.939 5.853   1.00 19.69 ? 346 HOH A O   1 
HETATM 1335 O O   . HOH E 4 .   ? 1.211   8.687   19.629  1.00 20.50 ? 347 HOH A O   1 
HETATM 1336 O O   . HOH E 4 .   ? -9.078  0.164   -12.677 1.00 22.83 ? 348 HOH A O   1 
HETATM 1337 O O   . HOH E 4 .   ? 3.879   12.284  19.218  1.00 27.23 ? 349 HOH A O   1 
HETATM 1338 O O   . HOH E 4 .   ? 18.825  1.931   -2.503  1.00 22.69 ? 350 HOH A O   1 
HETATM 1339 O O   . HOH E 4 .   ? 5.343   4.941   15.532  1.00 17.68 ? 351 HOH A O   1 
HETATM 1340 O O   . HOH E 4 .   ? -0.506  0.933   19.619  1.00 25.31 ? 352 HOH A O   1 
HETATM 1341 O O   . HOH E 4 .   ? 6.634   7.332   14.650  1.00 17.66 ? 353 HOH A O   1 
HETATM 1342 O O   . HOH E 4 .   ? 17.259  -6.200  5.204   1.00 27.07 ? 354 HOH A O   1 
HETATM 1343 O O   . HOH E 4 .   ? 20.086  0.727   -4.596  1.00 24.69 ? 355 HOH A O   1 
# 
loop_
_pdbx_poly_seq_scheme.asym_id 
_pdbx_poly_seq_scheme.entity_id 
_pdbx_poly_seq_scheme.seq_id 
_pdbx_poly_seq_scheme.mon_id 
_pdbx_poly_seq_scheme.ndb_seq_num 
_pdbx_poly_seq_scheme.pdb_seq_num 
_pdbx_poly_seq_scheme.auth_seq_num 
_pdbx_poly_seq_scheme.pdb_mon_id 
_pdbx_poly_seq_scheme.auth_mon_id 
_pdbx_poly_seq_scheme.pdb_strand_id 
_pdbx_poly_seq_scheme.pdb_ins_code 
_pdbx_poly_seq_scheme.hetero 
A 1 1   ALA 1   -2  -2  ALA ALA A . n 
A 1 2   SER 2   -1  -1  SER SER A . n 
A 1 3   GLN 3   65  65  GLN GLN A . n 
A 1 4   VAL 4   66  66  VAL VAL A . n 
A 1 5   GLY 5   67  67  GLY GLY A . n 
A 1 6   VAL 6   68  68  VAL VAL A . n 
A 1 7   ILE 7   69  69  ILE ILE A . n 
A 1 8   LYS 8   70  70  LYS LYS A . n 
A 1 9   PRO 9   71  71  PRO PRO A . n 
A 1 10  TRP 10  72  72  TRP TRP A . n 
A 1 11  LEU 11  73  73  LEU LEU A . n 
A 1 12  LEU 12  74  74  LEU LEU A . n 
A 1 13  LEU 13  75  75  LEU LEU A . n 
A 1 14  GLY 14  76  76  GLY GLY A . n 
A 1 15  SER 15  77  77  SER SER A . n 
A 1 16  GLN 16  78  78  GLN GLN A . n 
A 1 17  ASP 17  79  79  ASP ASP A . n 
A 1 18  ALA 18  80  80  ALA ALA A . n 
A 1 19  ALA 19  81  81  ALA ALA A . n 
A 1 20  HIS 20  82  82  HIS HIS A . n 
A 1 21  ASP 21  83  83  ASP ASP A . n 
A 1 22  LEU 22  84  84  LEU LEU A . n 
A 1 23  ASP 23  85  85  ASP ASP A . n 
A 1 24  THR 24  86  86  THR THR A . n 
A 1 25  LEU 25  87  87  LEU LEU A . n 
A 1 26  LYS 26  88  88  LYS LYS A . n 
A 1 27  LYS 27  89  89  LYS LYS A . n 
A 1 28  ASN 28  90  90  ASN ASP A . n 
A 1 29  LYS 29  91  91  LYS LYS A . n 
A 1 30  VAL 30  92  92  VAL VAL A . n 
A 1 31  THR 31  93  93  THR THR A . n 
A 1 32  HIS 32  94  94  HIS HIS A . n 
A 1 33  ILE 33  95  95  ILE ILE A . n 
A 1 34  LEU 34  96  96  LEU LEU A . n 
A 1 35  ASN 35  97  97  ASN ASN A . n 
A 1 36  VAL 36  98  98  VAL VAL A . n 
A 1 37  ALA 37  99  99  ALA ALA A . n 
A 1 38  TYR 38  100 100 TYR TYR A . n 
A 1 39  GLY 39  101 101 GLY GLY A . n 
A 1 40  VAL 40  102 102 VAL VAL A . n 
A 1 41  GLU 41  103 103 GLU GLU A . n 
A 1 42  ASN 42  104 104 ASN ASN A . n 
A 1 43  ALA 43  105 105 ALA ALA A . n 
A 1 44  PHE 44  106 106 PHE PHE A . n 
A 1 45  LEU 45  107 107 LEU LEU A . n 
A 1 46  SER 46  108 108 SER SER A . n 
A 1 47  ASP 47  109 109 ASP ASP A . n 
A 1 48  PHE 48  110 110 PHE PHE A . n 
A 1 49  THR 49  111 111 THR THR A . n 
A 1 50  TYR 50  112 112 TYR TYR A . n 
A 1 51  LYS 51  113 113 LYS LYS A . n 
A 1 52  SER 52  114 114 SER SER A . n 
A 1 53  ILE 53  115 115 ILE ILE A . n 
A 1 54  SER 54  116 116 SER SER A . n 
A 1 55  ILE 55  117 117 ILE ILE A . n 
A 1 56  LEU 56  118 118 LEU LEU A . n 
A 1 57  ASP 57  119 119 ASP ASP A . n 
A 1 58  LEU 58  120 120 LEU LEU A . n 
A 1 59  PRO 59  121 121 PRO PRO A . n 
A 1 60  GLU 60  122 122 GLU GLU A . n 
A 1 61  THR 61  123 123 THR THR A . n 
A 1 62  ASN 62  124 124 ASN ASN A . n 
A 1 63  ILE 63  125 125 ILE ILE A . n 
A 1 64  LEU 64  126 126 LEU LEU A . n 
A 1 65  SER 65  127 127 SER SER A . n 
A 1 66  TYR 66  128 128 TYR TYR A . n 
A 1 67  PHE 67  129 129 PHE PHE A . n 
A 1 68  PRO 68  130 130 PRO PRO A . n 
A 1 69  GLU 69  131 131 GLU GLU A . n 
A 1 70  CYS 70  132 132 CYS CYS A . n 
A 1 71  PHE 71  133 133 PHE PHE A . n 
A 1 72  GLU 72  134 134 GLU GLU A . n 
A 1 73  PHE 73  135 135 PHE PHE A . n 
A 1 74  ILE 74  136 136 ILE ILE A . n 
A 1 75  GLU 75  137 137 GLU GLU A . n 
A 1 76  GLU 76  138 138 GLU GLU A . n 
A 1 77  ALA 77  139 139 ALA ALA A . n 
A 1 78  LYS 78  140 140 LYS LYS A . n 
A 1 79  ARG 79  141 141 ARG ARG A . n 
A 1 80  LYS 80  142 142 LYS LYS A . n 
A 1 81  ASP 81  143 143 ASP ASP A . n 
A 1 82  GLY 82  144 144 GLY GLY A . n 
A 1 83  VAL 83  145 145 VAL VAL A . n 
A 1 84  VAL 84  146 146 VAL VAL A . n 
A 1 85  LEU 85  147 147 LEU LEU A . n 
A 1 86  VAL 86  148 148 VAL VAL A . n 
A 1 87  HIS 87  149 149 HIS HIS A . n 
A 1 88  SER 88  150 150 SER SER A . n 
A 1 89  ASN 89  151 151 ASN ASN A . n 
A 1 90  ALA 90  152 152 ALA ALA A . n 
A 1 91  GLY 91  153 153 GLY GLY A . n 
A 1 92  VAL 92  154 154 VAL VAL A . n 
A 1 93  SER 93  155 155 SER SER A . n 
A 1 94  ARG 94  156 156 ARG ARG A . n 
A 1 95  ALA 95  157 157 ALA ALA A . n 
A 1 96  ALA 96  158 158 ALA ALA A . n 
A 1 97  ALA 97  159 159 ALA ALA A . n 
A 1 98  ILE 98  160 160 ILE ILE A . n 
A 1 99  VAL 99  161 161 VAL VAL A . n 
A 1 100 ILE 100 162 162 ILE ILE A . n 
A 1 101 GLY 101 163 163 GLY GLY A . n 
A 1 102 PHE 102 164 164 PHE PHE A . n 
A 1 103 LEU 103 165 165 LEU LEU A . n 
A 1 104 MET 104 166 166 MET MET A . n 
A 1 105 ASN 105 167 167 ASN ASN A . n 
A 1 106 SER 106 168 168 SER SER A . n 
A 1 107 GLU 107 169 169 GLU GLU A . n 
A 1 108 GLN 108 170 170 GLN GLN A . n 
A 1 109 THR 109 171 171 THR THR A . n 
A 1 110 SER 110 172 172 SER SER A . n 
A 1 111 PHE 111 173 173 PHE PHE A . n 
A 1 112 THR 112 174 174 THR THR A . n 
A 1 113 SER 113 175 175 SER SER A . n 
A 1 114 ALA 114 176 176 ALA ALA A . n 
A 1 115 PHE 115 177 177 PHE PHE A . n 
A 1 116 SER 116 178 178 SER SER A . n 
A 1 117 LEU 117 179 179 LEU LEU A . n 
A 1 118 VAL 118 180 180 VAL VAL A . n 
A 1 119 LYS 119 181 181 LYS LYS A . n 
A 1 120 ASN 120 182 182 ASN ASN A . n 
A 1 121 ALA 121 183 183 ALA ALA A . n 
A 1 122 ARG 122 184 184 ARG ARG A . n 
A 1 123 PRO 123 185 185 PRO PRO A . n 
A 1 124 SER 124 186 186 SER SER A . n 
A 1 125 ILE 125 187 187 ILE ILE A . n 
A 1 126 CYS 126 188 188 CYS CYS A . n 
A 1 127 PRO 127 189 189 PRO PRO A . n 
A 1 128 ASN 128 190 190 ASN ASN A . n 
A 1 129 SER 129 191 191 SER SER A . n 
A 1 130 GLY 130 192 192 GLY GLY A . n 
A 1 131 PHE 131 193 193 PHE PHE A . n 
A 1 132 MET 132 194 194 MET MET A . n 
A 1 133 GLU 133 195 195 GLU GLU A . n 
A 1 134 GLN 134 196 196 GLN GLN A . n 
A 1 135 LEU 135 197 197 LEU LEU A . n 
A 1 136 ARG 136 198 198 ARG ARG A . n 
A 1 137 THR 137 199 199 THR THR A . n 
A 1 138 TYR 138 200 200 TYR TYR A . n 
A 1 139 GLN 139 201 201 GLN GLN A . n 
A 1 140 GLU 140 202 202 GLU GLU A . n 
A 1 141 GLY 141 203 203 GLY GLY A . n 
A 1 142 LYS 142 204 204 LYS LYS A . n 
A 1 143 GLU 143 205 205 GLU GLU A . n 
A 1 144 SER 144 206 206 SER SER A . n 
# 
loop_
_pdbx_nonpoly_scheme.asym_id 
_pdbx_nonpoly_scheme.entity_id 
_pdbx_nonpoly_scheme.mon_id 
_pdbx_nonpoly_scheme.ndb_seq_num 
_pdbx_nonpoly_scheme.pdb_seq_num 
_pdbx_nonpoly_scheme.auth_seq_num 
_pdbx_nonpoly_scheme.pdb_mon_id 
_pdbx_nonpoly_scheme.auth_mon_id 
_pdbx_nonpoly_scheme.pdb_strand_id 
_pdbx_nonpoly_scheme.pdb_ins_code 
B 2 PO4 1   1   1   PO4 PO4 A . 
C 3 SO4 1   2   2   SO4 SO4 A . 
D 3 SO4 1   3   3   SO4 SO4 A . 
E 4 HOH 1   4   4   HOH HOH A . 
E 4 HOH 2   5   5   HOH HOH A . 
E 4 HOH 3   6   6   HOH HOH A . 
E 4 HOH 4   7   7   HOH HOH A . 
E 4 HOH 5   8   8   HOH HOH A . 
E 4 HOH 6   9   9   HOH HOH A . 
E 4 HOH 7   10  10  HOH HOH A . 
E 4 HOH 8   11  11  HOH HOH A . 
E 4 HOH 9   12  12  HOH HOH A . 
E 4 HOH 10  13  13  HOH HOH A . 
E 4 HOH 11  14  14  HOH HOH A . 
E 4 HOH 12  15  15  HOH HOH A . 
E 4 HOH 13  16  16  HOH HOH A . 
E 4 HOH 14  17  17  HOH HOH A . 
E 4 HOH 15  18  18  HOH HOH A . 
E 4 HOH 16  19  19  HOH HOH A . 
E 4 HOH 17  20  20  HOH HOH A . 
E 4 HOH 18  21  21  HOH HOH A . 
E 4 HOH 19  22  22  HOH HOH A . 
E 4 HOH 20  23  23  HOH HOH A . 
E 4 HOH 21  24  24  HOH HOH A . 
E 4 HOH 22  25  25  HOH HOH A . 
E 4 HOH 23  26  26  HOH HOH A . 
E 4 HOH 24  27  27  HOH HOH A . 
E 4 HOH 25  28  28  HOH HOH A . 
E 4 HOH 26  29  29  HOH HOH A . 
E 4 HOH 27  30  30  HOH HOH A . 
E 4 HOH 28  31  31  HOH HOH A . 
E 4 HOH 29  32  32  HOH HOH A . 
E 4 HOH 30  33  33  HOH HOH A . 
E 4 HOH 31  34  34  HOH HOH A . 
E 4 HOH 32  35  35  HOH HOH A . 
E 4 HOH 33  36  36  HOH HOH A . 
E 4 HOH 34  37  37  HOH HOH A . 
E 4 HOH 35  38  38  HOH HOH A . 
E 4 HOH 36  39  39  HOH HOH A . 
E 4 HOH 37  40  40  HOH HOH A . 
E 4 HOH 38  41  41  HOH HOH A . 
E 4 HOH 39  42  42  HOH HOH A . 
E 4 HOH 40  43  43  HOH HOH A . 
E 4 HOH 41  44  44  HOH HOH A . 
E 4 HOH 42  45  45  HOH HOH A . 
E 4 HOH 43  46  46  HOH HOH A . 
E 4 HOH 44  47  47  HOH HOH A . 
E 4 HOH 45  48  48  HOH HOH A . 
E 4 HOH 46  49  49  HOH HOH A . 
E 4 HOH 47  50  50  HOH HOH A . 
E 4 HOH 48  51  51  HOH HOH A . 
E 4 HOH 49  52  52  HOH HOH A . 
E 4 HOH 50  53  53  HOH HOH A . 
E 4 HOH 51  54  54  HOH HOH A . 
E 4 HOH 52  55  55  HOH HOH A . 
E 4 HOH 53  56  56  HOH HOH A . 
E 4 HOH 54  57  57  HOH HOH A . 
E 4 HOH 55  58  58  HOH HOH A . 
E 4 HOH 56  59  59  HOH HOH A . 
E 4 HOH 57  60  60  HOH HOH A . 
E 4 HOH 58  61  61  HOH HOH A . 
E 4 HOH 59  62  62  HOH HOH A . 
E 4 HOH 60  63  63  HOH HOH A . 
E 4 HOH 61  64  64  HOH HOH A . 
E 4 HOH 62  207 207 HOH HOH A . 
E 4 HOH 63  208 208 HOH HOH A . 
E 4 HOH 64  209 209 HOH HOH A . 
E 4 HOH 65  210 210 HOH HOH A . 
E 4 HOH 66  211 1   HOH HOH A . 
E 4 HOH 67  212 2   HOH HOH A . 
E 4 HOH 68  213 3   HOH HOH A . 
E 4 HOH 69  214 65  HOH HOH A . 
E 4 HOH 70  215 66  HOH HOH A . 
E 4 HOH 71  216 67  HOH HOH A . 
E 4 HOH 72  217 68  HOH HOH A . 
E 4 HOH 73  218 69  HOH HOH A . 
E 4 HOH 74  219 70  HOH HOH A . 
E 4 HOH 75  220 71  HOH HOH A . 
E 4 HOH 76  221 72  HOH HOH A . 
E 4 HOH 77  222 73  HOH HOH A . 
E 4 HOH 78  223 74  HOH HOH A . 
E 4 HOH 79  224 75  HOH HOH A . 
E 4 HOH 80  225 76  HOH HOH A . 
E 4 HOH 81  226 77  HOH HOH A . 
E 4 HOH 82  227 78  HOH HOH A . 
E 4 HOH 83  228 79  HOH HOH A . 
E 4 HOH 84  229 80  HOH HOH A . 
E 4 HOH 85  230 81  HOH HOH A . 
E 4 HOH 86  231 82  HOH HOH A . 
E 4 HOH 87  232 83  HOH HOH A . 
E 4 HOH 88  233 84  HOH HOH A . 
E 4 HOH 89  234 85  HOH HOH A . 
E 4 HOH 90  235 86  HOH HOH A . 
E 4 HOH 91  236 87  HOH HOH A . 
E 4 HOH 92  237 88  HOH HOH A . 
E 4 HOH 93  238 89  HOH HOH A . 
E 4 HOH 94  239 90  HOH HOH A . 
E 4 HOH 95  240 91  HOH HOH A . 
E 4 HOH 96  241 92  HOH HOH A . 
E 4 HOH 97  242 93  HOH HOH A . 
E 4 HOH 98  243 94  HOH HOH A . 
E 4 HOH 99  244 95  HOH HOH A . 
E 4 HOH 100 245 96  HOH HOH A . 
E 4 HOH 101 246 97  HOH HOH A . 
E 4 HOH 102 247 98  HOH HOH A . 
E 4 HOH 103 248 99  HOH HOH A . 
E 4 HOH 104 249 100 HOH HOH A . 
E 4 HOH 105 250 101 HOH HOH A . 
E 4 HOH 106 251 102 HOH HOH A . 
E 4 HOH 107 252 103 HOH HOH A . 
E 4 HOH 108 253 104 HOH HOH A . 
E 4 HOH 109 254 105 HOH HOH A . 
E 4 HOH 110 255 106 HOH HOH A . 
E 4 HOH 111 256 107 HOH HOH A . 
E 4 HOH 112 257 108 HOH HOH A . 
E 4 HOH 113 258 109 HOH HOH A . 
E 4 HOH 114 259 110 HOH HOH A . 
E 4 HOH 115 260 111 HOH HOH A . 
E 4 HOH 116 261 112 HOH HOH A . 
E 4 HOH 117 262 113 HOH HOH A . 
E 4 HOH 118 263 114 HOH HOH A . 
E 4 HOH 119 264 115 HOH HOH A . 
E 4 HOH 120 265 116 HOH HOH A . 
E 4 HOH 121 266 117 HOH HOH A . 
E 4 HOH 122 267 118 HOH HOH A . 
E 4 HOH 123 268 119 HOH HOH A . 
E 4 HOH 124 269 120 HOH HOH A . 
E 4 HOH 125 270 121 HOH HOH A . 
E 4 HOH 126 271 122 HOH HOH A . 
E 4 HOH 127 272 123 HOH HOH A . 
E 4 HOH 128 273 124 HOH HOH A . 
E 4 HOH 129 274 125 HOH HOH A . 
E 4 HOH 130 275 126 HOH HOH A . 
E 4 HOH 131 276 127 HOH HOH A . 
E 4 HOH 132 277 128 HOH HOH A . 
E 4 HOH 133 278 129 HOH HOH A . 
E 4 HOH 134 279 130 HOH HOH A . 
E 4 HOH 135 280 131 HOH HOH A . 
E 4 HOH 136 281 132 HOH HOH A . 
E 4 HOH 137 282 133 HOH HOH A . 
E 4 HOH 138 283 134 HOH HOH A . 
E 4 HOH 139 284 135 HOH HOH A . 
E 4 HOH 140 285 136 HOH HOH A . 
E 4 HOH 141 286 137 HOH HOH A . 
E 4 HOH 142 287 138 HOH HOH A . 
E 4 HOH 143 288 139 HOH HOH A . 
E 4 HOH 144 289 140 HOH HOH A . 
E 4 HOH 145 290 141 HOH HOH A . 
E 4 HOH 146 291 142 HOH HOH A . 
E 4 HOH 147 292 143 HOH HOH A . 
E 4 HOH 148 293 144 HOH HOH A . 
E 4 HOH 149 294 145 HOH HOH A . 
E 4 HOH 150 295 146 HOH HOH A . 
E 4 HOH 151 296 147 HOH HOH A . 
E 4 HOH 152 297 148 HOH HOH A . 
E 4 HOH 153 298 149 HOH HOH A . 
E 4 HOH 154 299 150 HOH HOH A . 
E 4 HOH 155 300 151 HOH HOH A . 
E 4 HOH 156 301 152 HOH HOH A . 
E 4 HOH 157 302 153 HOH HOH A . 
E 4 HOH 158 303 154 HOH HOH A . 
E 4 HOH 159 304 155 HOH HOH A . 
E 4 HOH 160 305 156 HOH HOH A . 
E 4 HOH 161 306 157 HOH HOH A . 
E 4 HOH 162 307 158 HOH HOH A . 
E 4 HOH 163 308 159 HOH HOH A . 
E 4 HOH 164 309 160 HOH HOH A . 
E 4 HOH 165 310 161 HOH HOH A . 
E 4 HOH 166 311 162 HOH HOH A . 
E 4 HOH 167 312 163 HOH HOH A . 
E 4 HOH 168 313 164 HOH HOH A . 
E 4 HOH 169 314 165 HOH HOH A . 
E 4 HOH 170 315 166 HOH HOH A . 
E 4 HOH 171 316 167 HOH HOH A . 
E 4 HOH 172 317 168 HOH HOH A . 
E 4 HOH 173 318 169 HOH HOH A . 
E 4 HOH 174 319 170 HOH HOH A . 
E 4 HOH 175 320 171 HOH HOH A . 
E 4 HOH 176 321 172 HOH HOH A . 
E 4 HOH 177 322 173 HOH HOH A . 
E 4 HOH 178 323 174 HOH HOH A . 
E 4 HOH 179 324 175 HOH HOH A . 
E 4 HOH 180 325 176 HOH HOH A . 
E 4 HOH 181 326 177 HOH HOH A . 
E 4 HOH 182 327 178 HOH HOH A . 
E 4 HOH 183 328 179 HOH HOH A . 
E 4 HOH 184 329 180 HOH HOH A . 
E 4 HOH 185 330 181 HOH HOH A . 
E 4 HOH 186 331 182 HOH HOH A . 
E 4 HOH 187 332 183 HOH HOH A . 
E 4 HOH 188 333 184 HOH HOH A . 
E 4 HOH 189 334 185 HOH HOH A . 
E 4 HOH 190 335 186 HOH HOH A . 
E 4 HOH 191 336 187 HOH HOH A . 
E 4 HOH 192 337 188 HOH HOH A . 
E 4 HOH 193 338 189 HOH HOH A . 
E 4 HOH 194 339 190 HOH HOH A . 
E 4 HOH 195 340 191 HOH HOH A . 
E 4 HOH 196 341 192 HOH HOH A . 
E 4 HOH 197 342 193 HOH HOH A . 
E 4 HOH 198 343 194 HOH HOH A . 
E 4 HOH 199 344 195 HOH HOH A . 
E 4 HOH 200 345 196 HOH HOH A . 
E 4 HOH 201 346 197 HOH HOH A . 
E 4 HOH 202 347 198 HOH HOH A . 
E 4 HOH 203 348 199 HOH HOH A . 
E 4 HOH 204 349 200 HOH HOH A . 
E 4 HOH 205 350 201 HOH HOH A . 
E 4 HOH 206 351 202 HOH HOH A . 
E 4 HOH 207 352 203 HOH HOH A . 
E 4 HOH 208 353 204 HOH HOH A . 
E 4 HOH 209 354 205 HOH HOH A . 
E 4 HOH 210 355 206 HOH HOH A . 
# 
_pdbx_struct_assembly.id                   1 
_pdbx_struct_assembly.details              author_and_software_defined_assembly 
_pdbx_struct_assembly.method_details       PISA 
_pdbx_struct_assembly.oligomeric_details   monomeric 
_pdbx_struct_assembly.oligomeric_count     1 
# 
_pdbx_struct_assembly_gen.assembly_id       1 
_pdbx_struct_assembly_gen.oper_expression   1 
_pdbx_struct_assembly_gen.asym_id_list      A,B,C,D,E 
# 
_pdbx_struct_oper_list.id                   1 
_pdbx_struct_oper_list.type                 'identity operation' 
_pdbx_struct_oper_list.name                 1_555 
_pdbx_struct_oper_list.symmetry_operation   x,y,z 
_pdbx_struct_oper_list.matrix[1][1]         1.0000000000 
_pdbx_struct_oper_list.matrix[1][2]         0.0000000000 
_pdbx_struct_oper_list.matrix[1][3]         0.0000000000 
_pdbx_struct_oper_list.vector[1]            0.0000000000 
_pdbx_struct_oper_list.matrix[2][1]         0.0000000000 
_pdbx_struct_oper_list.matrix[2][2]         1.0000000000 
_pdbx_struct_oper_list.matrix[2][3]         0.0000000000 
_pdbx_struct_oper_list.vector[2]            0.0000000000 
_pdbx_struct_oper_list.matrix[3][1]         0.0000000000 
_pdbx_struct_oper_list.matrix[3][2]         0.0000000000 
_pdbx_struct_oper_list.matrix[3][3]         1.0000000000 
_pdbx_struct_oper_list.vector[3]            0.0000000000 
# 
loop_
_pdbx_audit_revision_history.ordinal 
_pdbx_audit_revision_history.data_content_type 
_pdbx_audit_revision_history.major_revision 
_pdbx_audit_revision_history.minor_revision 
_pdbx_audit_revision_history.revision_date 
1 'Structure model' 1 0 2012-04-04 
2 'Structure model' 1 1 2023-11-01 
# 
_pdbx_audit_revision_details.ordinal             1 
_pdbx_audit_revision_details.revision_ordinal    1 
_pdbx_audit_revision_details.data_content_type   'Structure model' 
_pdbx_audit_revision_details.provider            repository 
_pdbx_audit_revision_details.type                'Initial release' 
_pdbx_audit_revision_details.description         ? 
_pdbx_audit_revision_details.details             ? 
# 
loop_
_pdbx_audit_revision_group.ordinal 
_pdbx_audit_revision_group.revision_ordinal 
_pdbx_audit_revision_group.data_content_type 
_pdbx_audit_revision_group.group 
1 2 'Structure model' 'Data collection'        
2 2 'Structure model' 'Database references'    
3 2 'Structure model' 'Derived calculations'   
4 2 'Structure model' 'Refinement description' 
# 
loop_
_pdbx_audit_revision_category.ordinal 
_pdbx_audit_revision_category.revision_ordinal 
_pdbx_audit_revision_category.data_content_type 
_pdbx_audit_revision_category.category 
1 2 'Structure model' chem_comp_atom                
2 2 'Structure model' chem_comp_bond                
3 2 'Structure model' database_2                    
4 2 'Structure model' pdbx_initial_refinement_model 
5 2 'Structure model' struct_ref_seq_dif            
6 2 'Structure model' struct_site                   
# 
loop_
_pdbx_audit_revision_item.ordinal 
_pdbx_audit_revision_item.revision_ordinal 
_pdbx_audit_revision_item.data_content_type 
_pdbx_audit_revision_item.item 
1 2 'Structure model' '_database_2.pdbx_DOI'                
2 2 'Structure model' '_database_2.pdbx_database_accession' 
3 2 'Structure model' '_struct_ref_seq_dif.details'         
4 2 'Structure model' '_struct_site.pdbx_auth_asym_id'      
5 2 'Structure model' '_struct_site.pdbx_auth_comp_id'      
6 2 'Structure model' '_struct_site.pdbx_auth_seq_id'       
# 
loop_
_software.name 
_software.classification 
_software.version 
_software.citation_id 
_software.pdbx_ordinal 
HKL-2000 'data collection' .        ? 1 
PHASER   phasing           .        ? 2 
REFMAC   refinement        5.5.0102 ? 3 
HKL-2000 'data reduction'  .        ? 4 
HKL-2000 'data scaling'    .        ? 5 
# 
_pdbx_validate_rmsd_angle.id                         1 
_pdbx_validate_rmsd_angle.PDB_model_num              1 
_pdbx_validate_rmsd_angle.auth_atom_id_1             NE 
_pdbx_validate_rmsd_angle.auth_asym_id_1             A 
_pdbx_validate_rmsd_angle.auth_comp_id_1             ARG 
_pdbx_validate_rmsd_angle.auth_seq_id_1              198 
_pdbx_validate_rmsd_angle.PDB_ins_code_1             ? 
_pdbx_validate_rmsd_angle.label_alt_id_1             ? 
_pdbx_validate_rmsd_angle.auth_atom_id_2             CZ 
_pdbx_validate_rmsd_angle.auth_asym_id_2             A 
_pdbx_validate_rmsd_angle.auth_comp_id_2             ARG 
_pdbx_validate_rmsd_angle.auth_seq_id_2              198 
_pdbx_validate_rmsd_angle.PDB_ins_code_2             ? 
_pdbx_validate_rmsd_angle.label_alt_id_2             ? 
_pdbx_validate_rmsd_angle.auth_atom_id_3             NH2 
_pdbx_validate_rmsd_angle.auth_asym_id_3             A 
_pdbx_validate_rmsd_angle.auth_comp_id_3             ARG 
_pdbx_validate_rmsd_angle.auth_seq_id_3              198 
_pdbx_validate_rmsd_angle.PDB_ins_code_3             ? 
_pdbx_validate_rmsd_angle.label_alt_id_3             ? 
_pdbx_validate_rmsd_angle.angle_value                115.43 
_pdbx_validate_rmsd_angle.angle_target_value         120.30 
_pdbx_validate_rmsd_angle.angle_deviation            -4.87 
_pdbx_validate_rmsd_angle.angle_standard_deviation   0.50 
_pdbx_validate_rmsd_angle.linker_flag                N 
# 
loop_
_pdbx_validate_torsion.id 
_pdbx_validate_torsion.PDB_model_num 
_pdbx_validate_torsion.auth_comp_id 
_pdbx_validate_torsion.auth_asym_id 
_pdbx_validate_torsion.auth_seq_id 
_pdbx_validate_torsion.PDB_ins_code 
_pdbx_validate_torsion.label_alt_id 
_pdbx_validate_torsion.phi 
_pdbx_validate_torsion.psi 
1 1 ALA A 99  ? ? -96.54  -159.50 
2 1 SER A 150 ? ? -135.02 -128.15 
3 1 ASN A 151 ? ? -99.47  -81.80  
4 1 SER A 155 ? ? -138.05 -74.92  
5 1 CYS A 188 ? ? -163.40 77.53   
# 
_pdbx_validate_planes.id              1 
_pdbx_validate_planes.PDB_model_num   1 
_pdbx_validate_planes.auth_comp_id    TYR 
_pdbx_validate_planes.auth_asym_id    A 
_pdbx_validate_planes.auth_seq_id     100 
_pdbx_validate_planes.PDB_ins_code    ? 
_pdbx_validate_planes.label_alt_id    ? 
_pdbx_validate_planes.rmsd            0.065 
_pdbx_validate_planes.type            'SIDE CHAIN' 
# 
loop_
_chem_comp_atom.comp_id 
_chem_comp_atom.atom_id 
_chem_comp_atom.type_symbol 
_chem_comp_atom.pdbx_aromatic_flag 
_chem_comp_atom.pdbx_stereo_config 
_chem_comp_atom.pdbx_ordinal 
ALA N    N N N 1   
ALA CA   C N S 2   
ALA C    C N N 3   
ALA O    O N N 4   
ALA CB   C N N 5   
ALA OXT  O N N 6   
ALA H    H N N 7   
ALA H2   H N N 8   
ALA HA   H N N 9   
ALA HB1  H N N 10  
ALA HB2  H N N 11  
ALA HB3  H N N 12  
ALA HXT  H N N 13  
ARG N    N N N 14  
ARG CA   C N S 15  
ARG C    C N N 16  
ARG O    O N N 17  
ARG CB   C N N 18  
ARG CG   C N N 19  
ARG CD   C N N 20  
ARG NE   N N N 21  
ARG CZ   C N N 22  
ARG NH1  N N N 23  
ARG NH2  N N N 24  
ARG OXT  O N N 25  
ARG H    H N N 26  
ARG H2   H N N 27  
ARG HA   H N N 28  
ARG HB2  H N N 29  
ARG HB3  H N N 30  
ARG HG2  H N N 31  
ARG HG3  H N N 32  
ARG HD2  H N N 33  
ARG HD3  H N N 34  
ARG HE   H N N 35  
ARG HH11 H N N 36  
ARG HH12 H N N 37  
ARG HH21 H N N 38  
ARG HH22 H N N 39  
ARG HXT  H N N 40  
ASN N    N N N 41  
ASN CA   C N S 42  
ASN C    C N N 43  
ASN O    O N N 44  
ASN CB   C N N 45  
ASN CG   C N N 46  
ASN OD1  O N N 47  
ASN ND2  N N N 48  
ASN OXT  O N N 49  
ASN H    H N N 50  
ASN H2   H N N 51  
ASN HA   H N N 52  
ASN HB2  H N N 53  
ASN HB3  H N N 54  
ASN HD21 H N N 55  
ASN HD22 H N N 56  
ASN HXT  H N N 57  
ASP N    N N N 58  
ASP CA   C N S 59  
ASP C    C N N 60  
ASP O    O N N 61  
ASP CB   C N N 62  
ASP CG   C N N 63  
ASP OD1  O N N 64  
ASP OD2  O N N 65  
ASP OXT  O N N 66  
ASP H    H N N 67  
ASP H2   H N N 68  
ASP HA   H N N 69  
ASP HB2  H N N 70  
ASP HB3  H N N 71  
ASP HD2  H N N 72  
ASP HXT  H N N 73  
CYS N    N N N 74  
CYS CA   C N R 75  
CYS C    C N N 76  
CYS O    O N N 77  
CYS CB   C N N 78  
CYS SG   S N N 79  
CYS OXT  O N N 80  
CYS H    H N N 81  
CYS H2   H N N 82  
CYS HA   H N N 83  
CYS HB2  H N N 84  
CYS HB3  H N N 85  
CYS HG   H N N 86  
CYS HXT  H N N 87  
GLN N    N N N 88  
GLN CA   C N S 89  
GLN C    C N N 90  
GLN O    O N N 91  
GLN CB   C N N 92  
GLN CG   C N N 93  
GLN CD   C N N 94  
GLN OE1  O N N 95  
GLN NE2  N N N 96  
GLN OXT  O N N 97  
GLN H    H N N 98  
GLN H2   H N N 99  
GLN HA   H N N 100 
GLN HB2  H N N 101 
GLN HB3  H N N 102 
GLN HG2  H N N 103 
GLN HG3  H N N 104 
GLN HE21 H N N 105 
GLN HE22 H N N 106 
GLN HXT  H N N 107 
GLU N    N N N 108 
GLU CA   C N S 109 
GLU C    C N N 110 
GLU O    O N N 111 
GLU CB   C N N 112 
GLU CG   C N N 113 
GLU CD   C N N 114 
GLU OE1  O N N 115 
GLU OE2  O N N 116 
GLU OXT  O N N 117 
GLU H    H N N 118 
GLU H2   H N N 119 
GLU HA   H N N 120 
GLU HB2  H N N 121 
GLU HB3  H N N 122 
GLU HG2  H N N 123 
GLU HG3  H N N 124 
GLU HE2  H N N 125 
GLU HXT  H N N 126 
GLY N    N N N 127 
GLY CA   C N N 128 
GLY C    C N N 129 
GLY O    O N N 130 
GLY OXT  O N N 131 
GLY H    H N N 132 
GLY H2   H N N 133 
GLY HA2  H N N 134 
GLY HA3  H N N 135 
GLY HXT  H N N 136 
HIS N    N N N 137 
HIS CA   C N S 138 
HIS C    C N N 139 
HIS O    O N N 140 
HIS CB   C N N 141 
HIS CG   C Y N 142 
HIS ND1  N Y N 143 
HIS CD2  C Y N 144 
HIS CE1  C Y N 145 
HIS NE2  N Y N 146 
HIS OXT  O N N 147 
HIS H    H N N 148 
HIS H2   H N N 149 
HIS HA   H N N 150 
HIS HB2  H N N 151 
HIS HB3  H N N 152 
HIS HD1  H N N 153 
HIS HD2  H N N 154 
HIS HE1  H N N 155 
HIS HE2  H N N 156 
HIS HXT  H N N 157 
HOH O    O N N 158 
HOH H1   H N N 159 
HOH H2   H N N 160 
ILE N    N N N 161 
ILE CA   C N S 162 
ILE C    C N N 163 
ILE O    O N N 164 
ILE CB   C N S 165 
ILE CG1  C N N 166 
ILE CG2  C N N 167 
ILE CD1  C N N 168 
ILE OXT  O N N 169 
ILE H    H N N 170 
ILE H2   H N N 171 
ILE HA   H N N 172 
ILE HB   H N N 173 
ILE HG12 H N N 174 
ILE HG13 H N N 175 
ILE HG21 H N N 176 
ILE HG22 H N N 177 
ILE HG23 H N N 178 
ILE HD11 H N N 179 
ILE HD12 H N N 180 
ILE HD13 H N N 181 
ILE HXT  H N N 182 
LEU N    N N N 183 
LEU CA   C N S 184 
LEU C    C N N 185 
LEU O    O N N 186 
LEU CB   C N N 187 
LEU CG   C N N 188 
LEU CD1  C N N 189 
LEU CD2  C N N 190 
LEU OXT  O N N 191 
LEU H    H N N 192 
LEU H2   H N N 193 
LEU HA   H N N 194 
LEU HB2  H N N 195 
LEU HB3  H N N 196 
LEU HG   H N N 197 
LEU HD11 H N N 198 
LEU HD12 H N N 199 
LEU HD13 H N N 200 
LEU HD21 H N N 201 
LEU HD22 H N N 202 
LEU HD23 H N N 203 
LEU HXT  H N N 204 
LYS N    N N N 205 
LYS CA   C N S 206 
LYS C    C N N 207 
LYS O    O N N 208 
LYS CB   C N N 209 
LYS CG   C N N 210 
LYS CD   C N N 211 
LYS CE   C N N 212 
LYS NZ   N N N 213 
LYS OXT  O N N 214 
LYS H    H N N 215 
LYS H2   H N N 216 
LYS HA   H N N 217 
LYS HB2  H N N 218 
LYS HB3  H N N 219 
LYS HG2  H N N 220 
LYS HG3  H N N 221 
LYS HD2  H N N 222 
LYS HD3  H N N 223 
LYS HE2  H N N 224 
LYS HE3  H N N 225 
LYS HZ1  H N N 226 
LYS HZ2  H N N 227 
LYS HZ3  H N N 228 
LYS HXT  H N N 229 
MET N    N N N 230 
MET CA   C N S 231 
MET C    C N N 232 
MET O    O N N 233 
MET CB   C N N 234 
MET CG   C N N 235 
MET SD   S N N 236 
MET CE   C N N 237 
MET OXT  O N N 238 
MET H    H N N 239 
MET H2   H N N 240 
MET HA   H N N 241 
MET HB2  H N N 242 
MET HB3  H N N 243 
MET HG2  H N N 244 
MET HG3  H N N 245 
MET HE1  H N N 246 
MET HE2  H N N 247 
MET HE3  H N N 248 
MET HXT  H N N 249 
PHE N    N N N 250 
PHE CA   C N S 251 
PHE C    C N N 252 
PHE O    O N N 253 
PHE CB   C N N 254 
PHE CG   C Y N 255 
PHE CD1  C Y N 256 
PHE CD2  C Y N 257 
PHE CE1  C Y N 258 
PHE CE2  C Y N 259 
PHE CZ   C Y N 260 
PHE OXT  O N N 261 
PHE H    H N N 262 
PHE H2   H N N 263 
PHE HA   H N N 264 
PHE HB2  H N N 265 
PHE HB3  H N N 266 
PHE HD1  H N N 267 
PHE HD2  H N N 268 
PHE HE1  H N N 269 
PHE HE2  H N N 270 
PHE HZ   H N N 271 
PHE HXT  H N N 272 
PO4 P    P N N 273 
PO4 O1   O N N 274 
PO4 O2   O N N 275 
PO4 O3   O N N 276 
PO4 O4   O N N 277 
PRO N    N N N 278 
PRO CA   C N S 279 
PRO C    C N N 280 
PRO O    O N N 281 
PRO CB   C N N 282 
PRO CG   C N N 283 
PRO CD   C N N 284 
PRO OXT  O N N 285 
PRO H    H N N 286 
PRO HA   H N N 287 
PRO HB2  H N N 288 
PRO HB3  H N N 289 
PRO HG2  H N N 290 
PRO HG3  H N N 291 
PRO HD2  H N N 292 
PRO HD3  H N N 293 
PRO HXT  H N N 294 
SER N    N N N 295 
SER CA   C N S 296 
SER C    C N N 297 
SER O    O N N 298 
SER CB   C N N 299 
SER OG   O N N 300 
SER OXT  O N N 301 
SER H    H N N 302 
SER H2   H N N 303 
SER HA   H N N 304 
SER HB2  H N N 305 
SER HB3  H N N 306 
SER HG   H N N 307 
SER HXT  H N N 308 
SO4 S    S N N 309 
SO4 O1   O N N 310 
SO4 O2   O N N 311 
SO4 O3   O N N 312 
SO4 O4   O N N 313 
THR N    N N N 314 
THR CA   C N S 315 
THR C    C N N 316 
THR O    O N N 317 
THR CB   C N R 318 
THR OG1  O N N 319 
THR CG2  C N N 320 
THR OXT  O N N 321 
THR H    H N N 322 
THR H2   H N N 323 
THR HA   H N N 324 
THR HB   H N N 325 
THR HG1  H N N 326 
THR HG21 H N N 327 
THR HG22 H N N 328 
THR HG23 H N N 329 
THR HXT  H N N 330 
TRP N    N N N 331 
TRP CA   C N S 332 
TRP C    C N N 333 
TRP O    O N N 334 
TRP CB   C N N 335 
TRP CG   C Y N 336 
TRP CD1  C Y N 337 
TRP CD2  C Y N 338 
TRP NE1  N Y N 339 
TRP CE2  C Y N 340 
TRP CE3  C Y N 341 
TRP CZ2  C Y N 342 
TRP CZ3  C Y N 343 
TRP CH2  C Y N 344 
TRP OXT  O N N 345 
TRP H    H N N 346 
TRP H2   H N N 347 
TRP HA   H N N 348 
TRP HB2  H N N 349 
TRP HB3  H N N 350 
TRP HD1  H N N 351 
TRP HE1  H N N 352 
TRP HE3  H N N 353 
TRP HZ2  H N N 354 
TRP HZ3  H N N 355 
TRP HH2  H N N 356 
TRP HXT  H N N 357 
TYR N    N N N 358 
TYR CA   C N S 359 
TYR C    C N N 360 
TYR O    O N N 361 
TYR CB   C N N 362 
TYR CG   C Y N 363 
TYR CD1  C Y N 364 
TYR CD2  C Y N 365 
TYR CE1  C Y N 366 
TYR CE2  C Y N 367 
TYR CZ   C Y N 368 
TYR OH   O N N 369 
TYR OXT  O N N 370 
TYR H    H N N 371 
TYR H2   H N N 372 
TYR HA   H N N 373 
TYR HB2  H N N 374 
TYR HB3  H N N 375 
TYR HD1  H N N 376 
TYR HD2  H N N 377 
TYR HE1  H N N 378 
TYR HE2  H N N 379 
TYR HH   H N N 380 
TYR HXT  H N N 381 
VAL N    N N N 382 
VAL CA   C N S 383 
VAL C    C N N 384 
VAL O    O N N 385 
VAL CB   C N N 386 
VAL CG1  C N N 387 
VAL CG2  C N N 388 
VAL OXT  O N N 389 
VAL H    H N N 390 
VAL H2   H N N 391 
VAL HA   H N N 392 
VAL HB   H N N 393 
VAL HG11 H N N 394 
VAL HG12 H N N 395 
VAL HG13 H N N 396 
VAL HG21 H N N 397 
VAL HG22 H N N 398 
VAL HG23 H N N 399 
VAL HXT  H N N 400 
# 
loop_
_chem_comp_bond.comp_id 
_chem_comp_bond.atom_id_1 
_chem_comp_bond.atom_id_2 
_chem_comp_bond.value_order 
_chem_comp_bond.pdbx_aromatic_flag 
_chem_comp_bond.pdbx_stereo_config 
_chem_comp_bond.pdbx_ordinal 
ALA N   CA   sing N N 1   
ALA N   H    sing N N 2   
ALA N   H2   sing N N 3   
ALA CA  C    sing N N 4   
ALA CA  CB   sing N N 5   
ALA CA  HA   sing N N 6   
ALA C   O    doub N N 7   
ALA C   OXT  sing N N 8   
ALA CB  HB1  sing N N 9   
ALA CB  HB2  sing N N 10  
ALA CB  HB3  sing N N 11  
ALA OXT HXT  sing N N 12  
ARG N   CA   sing N N 13  
ARG N   H    sing N N 14  
ARG N   H2   sing N N 15  
ARG CA  C    sing N N 16  
ARG CA  CB   sing N N 17  
ARG CA  HA   sing N N 18  
ARG C   O    doub N N 19  
ARG C   OXT  sing N N 20  
ARG CB  CG   sing N N 21  
ARG CB  HB2  sing N N 22  
ARG CB  HB3  sing N N 23  
ARG CG  CD   sing N N 24  
ARG CG  HG2  sing N N 25  
ARG CG  HG3  sing N N 26  
ARG CD  NE   sing N N 27  
ARG CD  HD2  sing N N 28  
ARG CD  HD3  sing N N 29  
ARG NE  CZ   sing N N 30  
ARG NE  HE   sing N N 31  
ARG CZ  NH1  sing N N 32  
ARG CZ  NH2  doub N N 33  
ARG NH1 HH11 sing N N 34  
ARG NH1 HH12 sing N N 35  
ARG NH2 HH21 sing N N 36  
ARG NH2 HH22 sing N N 37  
ARG OXT HXT  sing N N 38  
ASN N   CA   sing N N 39  
ASN N   H    sing N N 40  
ASN N   H2   sing N N 41  
ASN CA  C    sing N N 42  
ASN CA  CB   sing N N 43  
ASN CA  HA   sing N N 44  
ASN C   O    doub N N 45  
ASN C   OXT  sing N N 46  
ASN CB  CG   sing N N 47  
ASN CB  HB2  sing N N 48  
ASN CB  HB3  sing N N 49  
ASN CG  OD1  doub N N 50  
ASN CG  ND2  sing N N 51  
ASN ND2 HD21 sing N N 52  
ASN ND2 HD22 sing N N 53  
ASN OXT HXT  sing N N 54  
ASP N   CA   sing N N 55  
ASP N   H    sing N N 56  
ASP N   H2   sing N N 57  
ASP CA  C    sing N N 58  
ASP CA  CB   sing N N 59  
ASP CA  HA   sing N N 60  
ASP C   O    doub N N 61  
ASP C   OXT  sing N N 62  
ASP CB  CG   sing N N 63  
ASP CB  HB2  sing N N 64  
ASP CB  HB3  sing N N 65  
ASP CG  OD1  doub N N 66  
ASP CG  OD2  sing N N 67  
ASP OD2 HD2  sing N N 68  
ASP OXT HXT  sing N N 69  
CYS N   CA   sing N N 70  
CYS N   H    sing N N 71  
CYS N   H2   sing N N 72  
CYS CA  C    sing N N 73  
CYS CA  CB   sing N N 74  
CYS CA  HA   sing N N 75  
CYS C   O    doub N N 76  
CYS C   OXT  sing N N 77  
CYS CB  SG   sing N N 78  
CYS CB  HB2  sing N N 79  
CYS CB  HB3  sing N N 80  
CYS SG  HG   sing N N 81  
CYS OXT HXT  sing N N 82  
GLN N   CA   sing N N 83  
GLN N   H    sing N N 84  
GLN N   H2   sing N N 85  
GLN CA  C    sing N N 86  
GLN CA  CB   sing N N 87  
GLN CA  HA   sing N N 88  
GLN C   O    doub N N 89  
GLN C   OXT  sing N N 90  
GLN CB  CG   sing N N 91  
GLN CB  HB2  sing N N 92  
GLN CB  HB3  sing N N 93  
GLN CG  CD   sing N N 94  
GLN CG  HG2  sing N N 95  
GLN CG  HG3  sing N N 96  
GLN CD  OE1  doub N N 97  
GLN CD  NE2  sing N N 98  
GLN NE2 HE21 sing N N 99  
GLN NE2 HE22 sing N N 100 
GLN OXT HXT  sing N N 101 
GLU N   CA   sing N N 102 
GLU N   H    sing N N 103 
GLU N   H2   sing N N 104 
GLU CA  C    sing N N 105 
GLU CA  CB   sing N N 106 
GLU CA  HA   sing N N 107 
GLU C   O    doub N N 108 
GLU C   OXT  sing N N 109 
GLU CB  CG   sing N N 110 
GLU CB  HB2  sing N N 111 
GLU CB  HB3  sing N N 112 
GLU CG  CD   sing N N 113 
GLU CG  HG2  sing N N 114 
GLU CG  HG3  sing N N 115 
GLU CD  OE1  doub N N 116 
GLU CD  OE2  sing N N 117 
GLU OE2 HE2  sing N N 118 
GLU OXT HXT  sing N N 119 
GLY N   CA   sing N N 120 
GLY N   H    sing N N 121 
GLY N   H2   sing N N 122 
GLY CA  C    sing N N 123 
GLY CA  HA2  sing N N 124 
GLY CA  HA3  sing N N 125 
GLY C   O    doub N N 126 
GLY C   OXT  sing N N 127 
GLY OXT HXT  sing N N 128 
HIS N   CA   sing N N 129 
HIS N   H    sing N N 130 
HIS N   H2   sing N N 131 
HIS CA  C    sing N N 132 
HIS CA  CB   sing N N 133 
HIS CA  HA   sing N N 134 
HIS C   O    doub N N 135 
HIS C   OXT  sing N N 136 
HIS CB  CG   sing N N 137 
HIS CB  HB2  sing N N 138 
HIS CB  HB3  sing N N 139 
HIS CG  ND1  sing Y N 140 
HIS CG  CD2  doub Y N 141 
HIS ND1 CE1  doub Y N 142 
HIS ND1 HD1  sing N N 143 
HIS CD2 NE2  sing Y N 144 
HIS CD2 HD2  sing N N 145 
HIS CE1 NE2  sing Y N 146 
HIS CE1 HE1  sing N N 147 
HIS NE2 HE2  sing N N 148 
HIS OXT HXT  sing N N 149 
HOH O   H1   sing N N 150 
HOH O   H2   sing N N 151 
ILE N   CA   sing N N 152 
ILE N   H    sing N N 153 
ILE N   H2   sing N N 154 
ILE CA  C    sing N N 155 
ILE CA  CB   sing N N 156 
ILE CA  HA   sing N N 157 
ILE C   O    doub N N 158 
ILE C   OXT  sing N N 159 
ILE CB  CG1  sing N N 160 
ILE CB  CG2  sing N N 161 
ILE CB  HB   sing N N 162 
ILE CG1 CD1  sing N N 163 
ILE CG1 HG12 sing N N 164 
ILE CG1 HG13 sing N N 165 
ILE CG2 HG21 sing N N 166 
ILE CG2 HG22 sing N N 167 
ILE CG2 HG23 sing N N 168 
ILE CD1 HD11 sing N N 169 
ILE CD1 HD12 sing N N 170 
ILE CD1 HD13 sing N N 171 
ILE OXT HXT  sing N N 172 
LEU N   CA   sing N N 173 
LEU N   H    sing N N 174 
LEU N   H2   sing N N 175 
LEU CA  C    sing N N 176 
LEU CA  CB   sing N N 177 
LEU CA  HA   sing N N 178 
LEU C   O    doub N N 179 
LEU C   OXT  sing N N 180 
LEU CB  CG   sing N N 181 
LEU CB  HB2  sing N N 182 
LEU CB  HB3  sing N N 183 
LEU CG  CD1  sing N N 184 
LEU CG  CD2  sing N N 185 
LEU CG  HG   sing N N 186 
LEU CD1 HD11 sing N N 187 
LEU CD1 HD12 sing N N 188 
LEU CD1 HD13 sing N N 189 
LEU CD2 HD21 sing N N 190 
LEU CD2 HD22 sing N N 191 
LEU CD2 HD23 sing N N 192 
LEU OXT HXT  sing N N 193 
LYS N   CA   sing N N 194 
LYS N   H    sing N N 195 
LYS N   H2   sing N N 196 
LYS CA  C    sing N N 197 
LYS CA  CB   sing N N 198 
LYS CA  HA   sing N N 199 
LYS C   O    doub N N 200 
LYS C   OXT  sing N N 201 
LYS CB  CG   sing N N 202 
LYS CB  HB2  sing N N 203 
LYS CB  HB3  sing N N 204 
LYS CG  CD   sing N N 205 
LYS CG  HG2  sing N N 206 
LYS CG  HG3  sing N N 207 
LYS CD  CE   sing N N 208 
LYS CD  HD2  sing N N 209 
LYS CD  HD3  sing N N 210 
LYS CE  NZ   sing N N 211 
LYS CE  HE2  sing N N 212 
LYS CE  HE3  sing N N 213 
LYS NZ  HZ1  sing N N 214 
LYS NZ  HZ2  sing N N 215 
LYS NZ  HZ3  sing N N 216 
LYS OXT HXT  sing N N 217 
MET N   CA   sing N N 218 
MET N   H    sing N N 219 
MET N   H2   sing N N 220 
MET CA  C    sing N N 221 
MET CA  CB   sing N N 222 
MET CA  HA   sing N N 223 
MET C   O    doub N N 224 
MET C   OXT  sing N N 225 
MET CB  CG   sing N N 226 
MET CB  HB2  sing N N 227 
MET CB  HB3  sing N N 228 
MET CG  SD   sing N N 229 
MET CG  HG2  sing N N 230 
MET CG  HG3  sing N N 231 
MET SD  CE   sing N N 232 
MET CE  HE1  sing N N 233 
MET CE  HE2  sing N N 234 
MET CE  HE3  sing N N 235 
MET OXT HXT  sing N N 236 
PHE N   CA   sing N N 237 
PHE N   H    sing N N 238 
PHE N   H2   sing N N 239 
PHE CA  C    sing N N 240 
PHE CA  CB   sing N N 241 
PHE CA  HA   sing N N 242 
PHE C   O    doub N N 243 
PHE C   OXT  sing N N 244 
PHE CB  CG   sing N N 245 
PHE CB  HB2  sing N N 246 
PHE CB  HB3  sing N N 247 
PHE CG  CD1  doub Y N 248 
PHE CG  CD2  sing Y N 249 
PHE CD1 CE1  sing Y N 250 
PHE CD1 HD1  sing N N 251 
PHE CD2 CE2  doub Y N 252 
PHE CD2 HD2  sing N N 253 
PHE CE1 CZ   doub Y N 254 
PHE CE1 HE1  sing N N 255 
PHE CE2 CZ   sing Y N 256 
PHE CE2 HE2  sing N N 257 
PHE CZ  HZ   sing N N 258 
PHE OXT HXT  sing N N 259 
PO4 P   O1   doub N N 260 
PO4 P   O2   sing N N 261 
PO4 P   O3   sing N N 262 
PO4 P   O4   sing N N 263 
PRO N   CA   sing N N 264 
PRO N   CD   sing N N 265 
PRO N   H    sing N N 266 
PRO CA  C    sing N N 267 
PRO CA  CB   sing N N 268 
PRO CA  HA   sing N N 269 
PRO C   O    doub N N 270 
PRO C   OXT  sing N N 271 
PRO CB  CG   sing N N 272 
PRO CB  HB2  sing N N 273 
PRO CB  HB3  sing N N 274 
PRO CG  CD   sing N N 275 
PRO CG  HG2  sing N N 276 
PRO CG  HG3  sing N N 277 
PRO CD  HD2  sing N N 278 
PRO CD  HD3  sing N N 279 
PRO OXT HXT  sing N N 280 
SER N   CA   sing N N 281 
SER N   H    sing N N 282 
SER N   H2   sing N N 283 
SER CA  C    sing N N 284 
SER CA  CB   sing N N 285 
SER CA  HA   sing N N 286 
SER C   O    doub N N 287 
SER C   OXT  sing N N 288 
SER CB  OG   sing N N 289 
SER CB  HB2  sing N N 290 
SER CB  HB3  sing N N 291 
SER OG  HG   sing N N 292 
SER OXT HXT  sing N N 293 
SO4 S   O1   doub N N 294 
SO4 S   O2   doub N N 295 
SO4 S   O3   sing N N 296 
SO4 S   O4   sing N N 297 
THR N   CA   sing N N 298 
THR N   H    sing N N 299 
THR N   H2   sing N N 300 
THR CA  C    sing N N 301 
THR CA  CB   sing N N 302 
THR CA  HA   sing N N 303 
THR C   O    doub N N 304 
THR C   OXT  sing N N 305 
THR CB  OG1  sing N N 306 
THR CB  CG2  sing N N 307 
THR CB  HB   sing N N 308 
THR OG1 HG1  sing N N 309 
THR CG2 HG21 sing N N 310 
THR CG2 HG22 sing N N 311 
THR CG2 HG23 sing N N 312 
THR OXT HXT  sing N N 313 
TRP N   CA   sing N N 314 
TRP N   H    sing N N 315 
TRP N   H2   sing N N 316 
TRP CA  C    sing N N 317 
TRP CA  CB   sing N N 318 
TRP CA  HA   sing N N 319 
TRP C   O    doub N N 320 
TRP C   OXT  sing N N 321 
TRP CB  CG   sing N N 322 
TRP CB  HB2  sing N N 323 
TRP CB  HB3  sing N N 324 
TRP CG  CD1  doub Y N 325 
TRP CG  CD2  sing Y N 326 
TRP CD1 NE1  sing Y N 327 
TRP CD1 HD1  sing N N 328 
TRP CD2 CE2  doub Y N 329 
TRP CD2 CE3  sing Y N 330 
TRP NE1 CE2  sing Y N 331 
TRP NE1 HE1  sing N N 332 
TRP CE2 CZ2  sing Y N 333 
TRP CE3 CZ3  doub Y N 334 
TRP CE3 HE3  sing N N 335 
TRP CZ2 CH2  doub Y N 336 
TRP CZ2 HZ2  sing N N 337 
TRP CZ3 CH2  sing Y N 338 
TRP CZ3 HZ3  sing N N 339 
TRP CH2 HH2  sing N N 340 
TRP OXT HXT  sing N N 341 
TYR N   CA   sing N N 342 
TYR N   H    sing N N 343 
TYR N   H2   sing N N 344 
TYR CA  C    sing N N 345 
TYR CA  CB   sing N N 346 
TYR CA  HA   sing N N 347 
TYR C   O    doub N N 348 
TYR C   OXT  sing N N 349 
TYR CB  CG   sing N N 350 
TYR CB  HB2  sing N N 351 
TYR CB  HB3  sing N N 352 
TYR CG  CD1  doub Y N 353 
TYR CG  CD2  sing Y N 354 
TYR CD1 CE1  sing Y N 355 
TYR CD1 HD1  sing N N 356 
TYR CD2 CE2  doub Y N 357 
TYR CD2 HD2  sing N N 358 
TYR CE1 CZ   doub Y N 359 
TYR CE1 HE1  sing N N 360 
TYR CE2 CZ   sing Y N 361 
TYR CE2 HE2  sing N N 362 
TYR CZ  OH   sing N N 363 
TYR OH  HH   sing N N 364 
TYR OXT HXT  sing N N 365 
VAL N   CA   sing N N 366 
VAL N   H    sing N N 367 
VAL N   H2   sing N N 368 
VAL CA  C    sing N N 369 
VAL CA  CB   sing N N 370 
VAL CA  HA   sing N N 371 
VAL C   O    doub N N 372 
VAL C   OXT  sing N N 373 
VAL CB  CG1  sing N N 374 
VAL CB  CG2  sing N N 375 
VAL CB  HB   sing N N 376 
VAL CG1 HG11 sing N N 377 
VAL CG1 HG12 sing N N 378 
VAL CG1 HG13 sing N N 379 
VAL CG2 HG21 sing N N 380 
VAL CG2 HG22 sing N N 381 
VAL CG2 HG23 sing N N 382 
VAL OXT HXT  sing N N 383 
# 
loop_
_pdbx_entity_nonpoly.entity_id 
_pdbx_entity_nonpoly.name 
_pdbx_entity_nonpoly.comp_id 
2 'PHOSPHATE ION' PO4 
3 'SULFATE ION'   SO4 
4 water           HOH 
# 
_pdbx_initial_refinement_model.id               1 
_pdbx_initial_refinement_model.entity_id_list   ? 
_pdbx_initial_refinement_model.type             'experimental model' 
_pdbx_initial_refinement_model.source_name      PDB 
_pdbx_initial_refinement_model.accession_code   1ZZW 
_pdbx_initial_refinement_model.details          ? 
# 
